data_6FJ7
# 
_entry.id   6FJ7 
# 
_audit_conform.dict_name       mmcif_pdbx.dic 
_audit_conform.dict_version    5.383 
_audit_conform.dict_location   http://mmcif.pdb.org/dictionaries/ascii/mmcif_pdbx.dic 
# 
loop_
_database_2.database_id 
_database_2.database_code 
_database_2.pdbx_database_accession 
_database_2.pdbx_DOI 
PDB   6FJ7         pdb_00006fj7 10.2210/pdb6fj7/pdb 
WWPDB D_1200008438 ?            ?                   
# 
loop_
_pdbx_audit_revision_history.ordinal 
_pdbx_audit_revision_history.data_content_type 
_pdbx_audit_revision_history.major_revision 
_pdbx_audit_revision_history.minor_revision 
_pdbx_audit_revision_history.revision_date 
1 'Structure model' 1 0 2018-07-25 
2 'Structure model' 1 1 2024-01-17 
# 
_pdbx_audit_revision_details.ordinal             1 
_pdbx_audit_revision_details.revision_ordinal    1 
_pdbx_audit_revision_details.data_content_type   'Structure model' 
_pdbx_audit_revision_details.provider            repository 
_pdbx_audit_revision_details.type                'Initial release' 
_pdbx_audit_revision_details.description         ? 
_pdbx_audit_revision_details.details             ? 
# 
loop_
_pdbx_audit_revision_group.ordinal 
_pdbx_audit_revision_group.revision_ordinal 
_pdbx_audit_revision_group.data_content_type 
_pdbx_audit_revision_group.group 
1 2 'Structure model' 'Data collection'        
2 2 'Structure model' 'Database references'    
3 2 'Structure model' 'Refinement description' 
# 
loop_
_pdbx_audit_revision_category.ordinal 
_pdbx_audit_revision_category.revision_ordinal 
_pdbx_audit_revision_category.data_content_type 
_pdbx_audit_revision_category.category 
1 2 'Structure model' chem_comp_atom                
2 2 'Structure model' chem_comp_bond                
3 2 'Structure model' database_2                    
4 2 'Structure model' pdbx_initial_refinement_model 
# 
loop_
_pdbx_audit_revision_item.ordinal 
_pdbx_audit_revision_item.revision_ordinal 
_pdbx_audit_revision_item.data_content_type 
_pdbx_audit_revision_item.item 
1 2 'Structure model' '_database_2.pdbx_DOI'                
2 2 'Structure model' '_database_2.pdbx_database_accession' 
# 
_pdbx_database_status.status_code                     REL 
_pdbx_database_status.status_code_sf                  REL 
_pdbx_database_status.status_code_mr                  ? 
_pdbx_database_status.entry_id                        6FJ7 
_pdbx_database_status.recvd_initial_deposition_date   2018-01-21 
_pdbx_database_status.SG_entry                        N 
_pdbx_database_status.deposit_site                    PDBE 
_pdbx_database_status.process_site                    PDBE 
_pdbx_database_status.status_code_cs                  ? 
_pdbx_database_status.methods_development_category    ? 
_pdbx_database_status.pdb_format_compatible           Y 
_pdbx_database_status.status_code_nmr_data            ? 
# 
loop_
_audit_author.name 
_audit_author.pdbx_ordinal 
_audit_author.identifier_ORCID 
'Wojtynek, M.'   1 ?                   
'Martin, J.'     2 ?                   
'Hartmann, M.D.' 3 0000-0001-6937-5677 
# 
_citation.abstract                  ? 
_citation.abstract_id_CAS           ? 
_citation.book_id_ISBN              ? 
_citation.book_publisher            ? 
_citation.book_publisher_city       ? 
_citation.book_title                ? 
_citation.coordinate_linkage        ? 
_citation.country                   UK 
_citation.database_id_Medline       ? 
_citation.details                   ? 
_citation.id                        primary 
_citation.journal_abbrev            'Nat Commun' 
_citation.journal_id_ASTM           ? 
_citation.journal_id_CSD            ? 
_citation.journal_id_ISSN           2041-1723 
_citation.journal_full              ? 
_citation.journal_issue             ? 
_citation.journal_volume            9 
_citation.language                  ? 
_citation.page_first                2696 
_citation.page_last                 2696 
_citation.title                     'Rpn11-mediated ubiquitin processing in an ancestral archaeal ubiquitination system.' 
_citation.year                      2018 
_citation.database_id_CSD           ? 
_citation.pdbx_database_id_DOI      10.1038/s41467-018-05198-1 
_citation.pdbx_database_id_PubMed   30002364 
_citation.unpublished_flag          ? 
# 
loop_
_citation_author.citation_id 
_citation_author.name 
_citation_author.ordinal 
_citation_author.identifier_ORCID 
primary 'Fuchs, A.C.D.'  1 ? 
primary 'Maldoner, L.'   2 ? 
primary 'Wojtynek, M.'   3 ? 
primary 'Hartmann, M.D.' 4 ? 
primary 'Martin, J.'     5 ? 
# 
loop_
_entity.id 
_entity.type 
_entity.src_method 
_entity.pdbx_description 
_entity.formula_weight 
_entity.pdbx_number_of_molecules 
_entity.pdbx_ec 
_entity.pdbx_mutation 
_entity.pdbx_fragment 
_entity.details 
1 polymer     man 'Ubiquitin-like protein' 8359.806 1  ? ? ? ? 
2 non-polymer syn 'SULFATE ION'            96.063   2  ? ? ? ? 
3 water       nat water                    18.015   76 ? ? ? ? 
# 
_entity_poly.entity_id                      1 
_entity_poly.type                           'polypeptide(L)' 
_entity_poly.nstd_linkage                   no 
_entity_poly.nstd_monomer                   no 
_entity_poly.pdbx_seq_one_letter_code       GHMKIKIVPAVGGGSPLELEVAPNATVGAVRTKVCAMKKLPPDTTRLTYKGRALKDTETLESLGVADGDKFVLITRTVGG 
_entity_poly.pdbx_seq_one_letter_code_can   GHMKIKIVPAVGGGSPLELEVAPNATVGAVRTKVCAMKKLPPDTTRLTYKGRALKDTETLESLGVADGDKFVLITRTVGG 
_entity_poly.pdbx_strand_id                 A 
_entity_poly.pdbx_target_identifier         ? 
# 
loop_
_pdbx_entity_nonpoly.entity_id 
_pdbx_entity_nonpoly.name 
_pdbx_entity_nonpoly.comp_id 
2 'SULFATE ION' SO4 
3 water         HOH 
# 
loop_
_entity_poly_seq.entity_id 
_entity_poly_seq.num 
_entity_poly_seq.mon_id 
_entity_poly_seq.hetero 
1 1  GLY n 
1 2  HIS n 
1 3  MET n 
1 4  LYS n 
1 5  ILE n 
1 6  LYS n 
1 7  ILE n 
1 8  VAL n 
1 9  PRO n 
1 10 ALA n 
1 11 VAL n 
1 12 GLY n 
1 13 GLY n 
1 14 GLY n 
1 15 SER n 
1 16 PRO n 
1 17 LEU n 
1 18 GLU n 
1 19 LEU n 
1 20 GLU n 
1 21 VAL n 
1 22 ALA n 
1 23 PRO n 
1 24 ASN n 
1 25 ALA n 
1 26 THR n 
1 27 VAL n 
1 28 GLY n 
1 29 ALA n 
1 30 VAL n 
1 31 ARG n 
1 32 THR n 
1 33 LYS n 
1 34 VAL n 
1 35 CYS n 
1 36 ALA n 
1 37 MET n 
1 38 LYS n 
1 39 LYS n 
1 40 LEU n 
1 41 PRO n 
1 42 PRO n 
1 43 ASP n 
1 44 THR n 
1 45 THR n 
1 46 ARG n 
1 47 LEU n 
1 48 THR n 
1 49 TYR n 
1 50 LYS n 
1 51 GLY n 
1 52 ARG n 
1 53 ALA n 
1 54 LEU n 
1 55 LYS n 
1 56 ASP n 
1 57 THR n 
1 58 GLU n 
1 59 THR n 
1 60 LEU n 
1 61 GLU n 
1 62 SER n 
1 63 LEU n 
1 64 GLY n 
1 65 VAL n 
1 66 ALA n 
1 67 ASP n 
1 68 GLY n 
1 69 ASP n 
1 70 LYS n 
1 71 PHE n 
1 72 VAL n 
1 73 LEU n 
1 74 ILE n 
1 75 THR n 
1 76 ARG n 
1 77 THR n 
1 78 VAL n 
1 79 GLY n 
1 80 GLY n 
# 
_entity_src_gen.entity_id                          1 
_entity_src_gen.pdbx_src_id                        1 
_entity_src_gen.pdbx_alt_source_flag               sample 
_entity_src_gen.pdbx_seq_type                      'Biological sequence' 
_entity_src_gen.pdbx_beg_seq_num                   1 
_entity_src_gen.pdbx_end_seq_num                   80 
_entity_src_gen.gene_src_common_name               ? 
_entity_src_gen.gene_src_genus                     ? 
_entity_src_gen.pdbx_gene_src_gene                 'CSUB_C1474, HGMM_F04B03C03, HGMM_F21D07C21, HGMM_F30C12C33' 
_entity_src_gen.gene_src_species                   ? 
_entity_src_gen.gene_src_strain                    ? 
_entity_src_gen.gene_src_tissue                    ? 
_entity_src_gen.gene_src_tissue_fraction           ? 
_entity_src_gen.gene_src_details                   ? 
_entity_src_gen.pdbx_gene_src_fragment             ? 
_entity_src_gen.pdbx_gene_src_scientific_name      'Candidatus Caldiarchaeum subterraneum' 
_entity_src_gen.pdbx_gene_src_ncbi_taxonomy_id     311458 
_entity_src_gen.pdbx_gene_src_variant              ? 
_entity_src_gen.pdbx_gene_src_cell_line            ? 
_entity_src_gen.pdbx_gene_src_atcc                 ? 
_entity_src_gen.pdbx_gene_src_organ                ? 
_entity_src_gen.pdbx_gene_src_organelle            ? 
_entity_src_gen.pdbx_gene_src_cell                 ? 
_entity_src_gen.pdbx_gene_src_cellular_location    ? 
_entity_src_gen.host_org_common_name               ? 
_entity_src_gen.pdbx_host_org_scientific_name      'Escherichia coli' 
_entity_src_gen.pdbx_host_org_ncbi_taxonomy_id     562 
_entity_src_gen.host_org_genus                     ? 
_entity_src_gen.pdbx_host_org_gene                 ? 
_entity_src_gen.pdbx_host_org_organ                ? 
_entity_src_gen.host_org_species                   ? 
_entity_src_gen.pdbx_host_org_tissue               ? 
_entity_src_gen.pdbx_host_org_tissue_fraction      ? 
_entity_src_gen.pdbx_host_org_strain               ? 
_entity_src_gen.pdbx_host_org_variant              ? 
_entity_src_gen.pdbx_host_org_cell_line            ? 
_entity_src_gen.pdbx_host_org_atcc                 ? 
_entity_src_gen.pdbx_host_org_culture_collection   ? 
_entity_src_gen.pdbx_host_org_cell                 ? 
_entity_src_gen.pdbx_host_org_organelle            ? 
_entity_src_gen.pdbx_host_org_cellular_location    ? 
_entity_src_gen.pdbx_host_org_vector_type          ? 
_entity_src_gen.pdbx_host_org_vector               ? 
_entity_src_gen.host_org_details                   ? 
_entity_src_gen.expression_system_id               ? 
_entity_src_gen.plasmid_name                       ? 
_entity_src_gen.plasmid_details                    ? 
_entity_src_gen.pdbx_description                   ? 
# 
loop_
_chem_comp.id 
_chem_comp.type 
_chem_comp.mon_nstd_flag 
_chem_comp.name 
_chem_comp.pdbx_synonyms 
_chem_comp.formula 
_chem_comp.formula_weight 
ALA 'L-peptide linking' y ALANINE         ? 'C3 H7 N O2'     89.093  
ARG 'L-peptide linking' y ARGININE        ? 'C6 H15 N4 O2 1' 175.209 
ASN 'L-peptide linking' y ASPARAGINE      ? 'C4 H8 N2 O3'    132.118 
ASP 'L-peptide linking' y 'ASPARTIC ACID' ? 'C4 H7 N O4'     133.103 
CYS 'L-peptide linking' y CYSTEINE        ? 'C3 H7 N O2 S'   121.158 
GLU 'L-peptide linking' y 'GLUTAMIC ACID' ? 'C5 H9 N O4'     147.129 
GLY 'peptide linking'   y GLYCINE         ? 'C2 H5 N O2'     75.067  
HIS 'L-peptide linking' y HISTIDINE       ? 'C6 H10 N3 O2 1' 156.162 
HOH non-polymer         . WATER           ? 'H2 O'           18.015  
ILE 'L-peptide linking' y ISOLEUCINE      ? 'C6 H13 N O2'    131.173 
LEU 'L-peptide linking' y LEUCINE         ? 'C6 H13 N O2'    131.173 
LYS 'L-peptide linking' y LYSINE          ? 'C6 H15 N2 O2 1' 147.195 
MET 'L-peptide linking' y METHIONINE      ? 'C5 H11 N O2 S'  149.211 
PHE 'L-peptide linking' y PHENYLALANINE   ? 'C9 H11 N O2'    165.189 
PRO 'L-peptide linking' y PROLINE         ? 'C5 H9 N O2'     115.130 
SER 'L-peptide linking' y SERINE          ? 'C3 H7 N O3'     105.093 
SO4 non-polymer         . 'SULFATE ION'   ? 'O4 S -2'        96.063  
THR 'L-peptide linking' y THREONINE       ? 'C4 H9 N O3'     119.119 
TYR 'L-peptide linking' y TYROSINE        ? 'C9 H11 N O3'    181.189 
VAL 'L-peptide linking' y VALINE          ? 'C5 H11 N O2'    117.146 
# 
loop_
_pdbx_poly_seq_scheme.asym_id 
_pdbx_poly_seq_scheme.entity_id 
_pdbx_poly_seq_scheme.seq_id 
_pdbx_poly_seq_scheme.mon_id 
_pdbx_poly_seq_scheme.ndb_seq_num 
_pdbx_poly_seq_scheme.pdb_seq_num 
_pdbx_poly_seq_scheme.auth_seq_num 
_pdbx_poly_seq_scheme.pdb_mon_id 
_pdbx_poly_seq_scheme.auth_mon_id 
_pdbx_poly_seq_scheme.pdb_strand_id 
_pdbx_poly_seq_scheme.pdb_ins_code 
_pdbx_poly_seq_scheme.hetero 
A 1 1  GLY 1  -1 -1 GLY GLY A . n 
A 1 2  HIS 2  0  0  HIS HIS A . n 
A 1 3  MET 3  1  1  MET MET A . n 
A 1 4  LYS 4  2  2  LYS LYS A . n 
A 1 5  ILE 5  3  3  ILE ILE A . n 
A 1 6  LYS 6  4  4  LYS LYS A . n 
A 1 7  ILE 7  5  5  ILE ILE A . n 
A 1 8  VAL 8  6  6  VAL VAL A . n 
A 1 9  PRO 9  7  7  PRO PRO A . n 
A 1 10 ALA 10 8  8  ALA ALA A . n 
A 1 11 VAL 11 9  9  VAL VAL A . n 
A 1 12 GLY 12 10 10 GLY GLY A . n 
A 1 13 GLY 13 11 11 GLY GLY A . n 
A 1 14 GLY 14 12 12 GLY GLY A . n 
A 1 15 SER 15 13 13 SER SER A . n 
A 1 16 PRO 16 14 14 PRO PRO A . n 
A 1 17 LEU 17 15 15 LEU LEU A . n 
A 1 18 GLU 18 16 16 GLU GLU A . n 
A 1 19 LEU 19 17 17 LEU LEU A . n 
A 1 20 GLU 20 18 18 GLU GLU A . n 
A 1 21 VAL 21 19 19 VAL VAL A . n 
A 1 22 ALA 22 20 20 ALA ALA A . n 
A 1 23 PRO 23 21 21 PRO PRO A . n 
A 1 24 ASN 24 22 22 ASN ASN A . n 
A 1 25 ALA 25 23 23 ALA ALA A . n 
A 1 26 THR 26 24 24 THR THR A . n 
A 1 27 VAL 27 25 25 VAL VAL A . n 
A 1 28 GLY 28 26 26 GLY GLY A . n 
A 1 29 ALA 29 27 27 ALA ALA A . n 
A 1 30 VAL 30 28 28 VAL VAL A . n 
A 1 31 ARG 31 29 29 ARG ARG A . n 
A 1 32 THR 32 30 30 THR THR A . n 
A 1 33 LYS 33 31 31 LYS LYS A . n 
A 1 34 VAL 34 32 32 VAL VAL A . n 
A 1 35 CYS 35 33 33 CYS CYS A . n 
A 1 36 ALA 36 34 34 ALA ALA A . n 
A 1 37 MET 37 35 35 MET MET A . n 
A 1 38 LYS 38 36 36 LYS LYS A . n 
A 1 39 LYS 39 37 37 LYS LYS A . n 
A 1 40 LEU 40 38 38 LEU LEU A . n 
A 1 41 PRO 41 39 39 PRO PRO A . n 
A 1 42 PRO 42 40 40 PRO PRO A . n 
A 1 43 ASP 43 41 41 ASP ASP A . n 
A 1 44 THR 44 42 42 THR THR A . n 
A 1 45 THR 45 43 43 THR THR A . n 
A 1 46 ARG 46 44 44 ARG ARG A . n 
A 1 47 LEU 47 45 45 LEU LEU A . n 
A 1 48 THR 48 46 46 THR THR A . n 
A 1 49 TYR 49 47 47 TYR TYR A . n 
A 1 50 LYS 50 48 48 LYS LYS A . n 
A 1 51 GLY 51 49 49 GLY GLY A . n 
A 1 52 ARG 52 50 50 ARG ARG A . n 
A 1 53 ALA 53 51 51 ALA ALA A . n 
A 1 54 LEU 54 52 52 LEU LEU A . n 
A 1 55 LYS 55 53 53 LYS LYS A . n 
A 1 56 ASP 56 54 54 ASP ASP A . n 
A 1 57 THR 57 55 55 THR THR A . n 
A 1 58 GLU 58 56 56 GLU GLU A . n 
A 1 59 THR 59 57 57 THR THR A . n 
A 1 60 LEU 60 58 58 LEU LEU A . n 
A 1 61 GLU 61 59 59 GLU GLU A . n 
A 1 62 SER 62 60 60 SER SER A . n 
A 1 63 LEU 63 61 61 LEU LEU A . n 
A 1 64 GLY 64 62 62 GLY GLY A . n 
A 1 65 VAL 65 63 63 VAL VAL A . n 
A 1 66 ALA 66 64 64 ALA ALA A . n 
A 1 67 ASP 67 65 65 ASP ASP A . n 
A 1 68 GLY 68 66 66 GLY GLY A . n 
A 1 69 ASP 69 67 67 ASP ASP A . n 
A 1 70 LYS 70 68 68 LYS LYS A . n 
A 1 71 PHE 71 69 69 PHE PHE A . n 
A 1 72 VAL 72 70 70 VAL VAL A . n 
A 1 73 LEU 73 71 71 LEU LEU A . n 
A 1 74 ILE 74 72 72 ILE ILE A . n 
A 1 75 THR 75 73 73 THR THR A . n 
A 1 76 ARG 76 74 74 ARG ARG A . n 
A 1 77 THR 77 75 75 THR THR A . n 
A 1 78 VAL 78 76 76 VAL VAL A . n 
A 1 79 GLY 79 77 77 GLY GLY A . n 
A 1 80 GLY 80 78 78 GLY GLY A . n 
# 
loop_
_pdbx_nonpoly_scheme.asym_id 
_pdbx_nonpoly_scheme.entity_id 
_pdbx_nonpoly_scheme.mon_id 
_pdbx_nonpoly_scheme.ndb_seq_num 
_pdbx_nonpoly_scheme.pdb_seq_num 
_pdbx_nonpoly_scheme.auth_seq_num 
_pdbx_nonpoly_scheme.pdb_mon_id 
_pdbx_nonpoly_scheme.auth_mon_id 
_pdbx_nonpoly_scheme.pdb_strand_id 
_pdbx_nonpoly_scheme.pdb_ins_code 
B 2 SO4 1  101 1  SO4 SO4 A . 
C 2 SO4 1  102 2  SO4 SO4 A . 
D 3 HOH 1  201 67 HOH HOH A . 
D 3 HOH 2  202 53 HOH HOH A . 
D 3 HOH 3  203 35 HOH HOH A . 
D 3 HOH 4  204 46 HOH HOH A . 
D 3 HOH 5  205 19 HOH HOH A . 
D 3 HOH 6  206 30 HOH HOH A . 
D 3 HOH 7  207 72 HOH HOH A . 
D 3 HOH 8  208 37 HOH HOH A . 
D 3 HOH 9  209 32 HOH HOH A . 
D 3 HOH 10 210 42 HOH HOH A . 
D 3 HOH 11 211 73 HOH HOH A . 
D 3 HOH 12 212 26 HOH HOH A . 
D 3 HOH 13 213 31 HOH HOH A . 
D 3 HOH 14 214 48 HOH HOH A . 
D 3 HOH 15 215 15 HOH HOH A . 
D 3 HOH 16 216 21 HOH HOH A . 
D 3 HOH 17 217 18 HOH HOH A . 
D 3 HOH 18 218 40 HOH HOH A . 
D 3 HOH 19 219 51 HOH HOH A . 
D 3 HOH 20 220 54 HOH HOH A . 
D 3 HOH 21 221 9  HOH HOH A . 
D 3 HOH 22 222 8  HOH HOH A . 
D 3 HOH 23 223 3  HOH HOH A . 
D 3 HOH 24 224 20 HOH HOH A . 
D 3 HOH 25 225 49 HOH HOH A . 
D 3 HOH 26 226 1  HOH HOH A . 
D 3 HOH 27 227 47 HOH HOH A . 
D 3 HOH 28 228 58 HOH HOH A . 
D 3 HOH 29 229 39 HOH HOH A . 
D 3 HOH 30 230 71 HOH HOH A . 
D 3 HOH 31 231 74 HOH HOH A . 
D 3 HOH 32 232 38 HOH HOH A . 
D 3 HOH 33 233 75 HOH HOH A . 
D 3 HOH 34 234 22 HOH HOH A . 
D 3 HOH 35 235 52 HOH HOH A . 
D 3 HOH 36 236 28 HOH HOH A . 
D 3 HOH 37 237 10 HOH HOH A . 
D 3 HOH 38 238 7  HOH HOH A . 
D 3 HOH 39 239 68 HOH HOH A . 
D 3 HOH 40 240 63 HOH HOH A . 
D 3 HOH 41 241 25 HOH HOH A . 
D 3 HOH 42 242 2  HOH HOH A . 
D 3 HOH 43 243 55 HOH HOH A . 
D 3 HOH 44 244 16 HOH HOH A . 
D 3 HOH 45 245 4  HOH HOH A . 
D 3 HOH 46 246 41 HOH HOH A . 
D 3 HOH 47 247 43 HOH HOH A . 
D 3 HOH 48 248 44 HOH HOH A . 
D 3 HOH 49 249 11 HOH HOH A . 
D 3 HOH 50 250 12 HOH HOH A . 
D 3 HOH 51 251 76 HOH HOH A . 
D 3 HOH 52 252 33 HOH HOH A . 
D 3 HOH 53 253 5  HOH HOH A . 
D 3 HOH 54 254 24 HOH HOH A . 
D 3 HOH 55 255 13 HOH HOH A . 
D 3 HOH 56 256 6  HOH HOH A . 
D 3 HOH 57 257 14 HOH HOH A . 
D 3 HOH 58 258 70 HOH HOH A . 
D 3 HOH 59 259 50 HOH HOH A . 
D 3 HOH 60 260 27 HOH HOH A . 
D 3 HOH 61 261 34 HOH HOH A . 
D 3 HOH 62 262 23 HOH HOH A . 
D 3 HOH 63 263 36 HOH HOH A . 
D 3 HOH 64 264 61 HOH HOH A . 
D 3 HOH 65 265 57 HOH HOH A . 
D 3 HOH 66 266 65 HOH HOH A . 
D 3 HOH 67 267 17 HOH HOH A . 
D 3 HOH 68 268 45 HOH HOH A . 
D 3 HOH 69 269 29 HOH HOH A . 
D 3 HOH 70 270 56 HOH HOH A . 
D 3 HOH 71 271 66 HOH HOH A . 
D 3 HOH 72 272 60 HOH HOH A . 
D 3 HOH 73 273 64 HOH HOH A . 
D 3 HOH 74 274 62 HOH HOH A . 
D 3 HOH 75 275 59 HOH HOH A . 
D 3 HOH 76 276 69 HOH HOH A . 
# 
loop_
_pdbx_unobs_or_zero_occ_atoms.id 
_pdbx_unobs_or_zero_occ_atoms.PDB_model_num 
_pdbx_unobs_or_zero_occ_atoms.polymer_flag 
_pdbx_unobs_or_zero_occ_atoms.occupancy_flag 
_pdbx_unobs_or_zero_occ_atoms.auth_asym_id 
_pdbx_unobs_or_zero_occ_atoms.auth_comp_id 
_pdbx_unobs_or_zero_occ_atoms.auth_seq_id 
_pdbx_unobs_or_zero_occ_atoms.PDB_ins_code 
_pdbx_unobs_or_zero_occ_atoms.auth_atom_id 
_pdbx_unobs_or_zero_occ_atoms.label_alt_id 
_pdbx_unobs_or_zero_occ_atoms.label_asym_id 
_pdbx_unobs_or_zero_occ_atoms.label_comp_id 
_pdbx_unobs_or_zero_occ_atoms.label_seq_id 
_pdbx_unobs_or_zero_occ_atoms.label_atom_id 
1  1 Y 1 A LYS 2  ? CG  ? A LYS 4  CG  
2  1 Y 1 A LYS 2  ? CD  ? A LYS 4  CD  
3  1 Y 1 A LYS 2  ? CE  ? A LYS 4  CE  
4  1 Y 1 A LYS 2  ? NZ  ? A LYS 4  NZ  
5  1 Y 1 A LYS 4  ? CD  ? A LYS 6  CD  
6  1 Y 1 A LYS 4  ? CE  ? A LYS 6  CE  
7  1 Y 1 A LYS 4  ? NZ  ? A LYS 6  NZ  
8  1 Y 1 A LYS 53 ? CD  ? A LYS 55 CD  
9  1 Y 1 A LYS 53 ? CE  ? A LYS 55 CE  
10 1 Y 1 A LYS 53 ? NZ  ? A LYS 55 NZ  
11 1 Y 1 A ARG 74 ? CD  ? A ARG 76 CD  
12 1 Y 1 A ARG 74 ? NE  ? A ARG 76 NE  
13 1 Y 1 A ARG 74 ? CZ  ? A ARG 76 CZ  
14 1 Y 1 A ARG 74 ? NH1 ? A ARG 76 NH1 
15 1 Y 1 A ARG 74 ? NH2 ? A ARG 76 NH2 
# 
loop_
_software.citation_id 
_software.classification 
_software.compiler_name 
_software.compiler_version 
_software.contact_author 
_software.contact_author_email 
_software.date 
_software.description 
_software.dependencies 
_software.hardware 
_software.language 
_software.location 
_software.mods 
_software.name 
_software.os 
_software.os_version 
_software.type 
_software.version 
_software.pdbx_ordinal 
? refinement       ? ? ? ? ? ? ? ? ? ? ? REFMAC ? ? ? 5.8.0049 1 
? 'data reduction' ? ? ? ? ? ? ? ? ? ? ? XDS    ? ? ? .        2 
? 'data scaling'   ? ? ? ? ? ? ? ? ? ? ? XDS    ? ? ? .        3 
? phasing          ? ? ? ? ? ? ? ? ? ? ? MOLREP ? ? ? .        4 
# 
_cell.angle_alpha                  90.00 
_cell.angle_alpha_esd              ? 
_cell.angle_beta                   90.00 
_cell.angle_beta_esd               ? 
_cell.angle_gamma                  90.00 
_cell.angle_gamma_esd              ? 
_cell.entry_id                     6FJ7 
_cell.details                      ? 
_cell.formula_units_Z              ? 
_cell.length_a                     29.450 
_cell.length_a_esd                 ? 
_cell.length_b                     42.800 
_cell.length_b_esd                 ? 
_cell.length_c                     51.410 
_cell.length_c_esd                 ? 
_cell.volume                       ? 
_cell.volume_esd                   ? 
_cell.Z_PDB                        4 
_cell.reciprocal_angle_alpha       ? 
_cell.reciprocal_angle_beta        ? 
_cell.reciprocal_angle_gamma       ? 
_cell.reciprocal_angle_alpha_esd   ? 
_cell.reciprocal_angle_beta_esd    ? 
_cell.reciprocal_angle_gamma_esd   ? 
_cell.reciprocal_length_a          ? 
_cell.reciprocal_length_b          ? 
_cell.reciprocal_length_c          ? 
_cell.reciprocal_length_a_esd      ? 
_cell.reciprocal_length_b_esd      ? 
_cell.reciprocal_length_c_esd      ? 
_cell.pdbx_unique_axis             ? 
# 
_symmetry.entry_id                         6FJ7 
_symmetry.cell_setting                     ? 
_symmetry.Int_Tables_number                19 
_symmetry.space_group_name_Hall            ? 
_symmetry.space_group_name_H-M             'P 21 21 21' 
_symmetry.pdbx_full_space_group_name_H-M   ? 
# 
_exptl.absorpt_coefficient_mu     ? 
_exptl.absorpt_correction_T_max   ? 
_exptl.absorpt_correction_T_min   ? 
_exptl.absorpt_correction_type    ? 
_exptl.absorpt_process_details    ? 
_exptl.entry_id                   6FJ7 
_exptl.crystals_number            1 
_exptl.details                    ? 
_exptl.method                     'X-RAY DIFFRACTION' 
_exptl.method_details             ? 
# 
_exptl_crystal.colour                      ? 
_exptl_crystal.density_diffrn              ? 
_exptl_crystal.density_Matthews            1.94 
_exptl_crystal.density_method              ? 
_exptl_crystal.density_percent_sol         36.53 
_exptl_crystal.description                 ? 
_exptl_crystal.F_000                       ? 
_exptl_crystal.id                          1 
_exptl_crystal.preparation                 ? 
_exptl_crystal.size_max                    ? 
_exptl_crystal.size_mid                    ? 
_exptl_crystal.size_min                    ? 
_exptl_crystal.size_rad                    ? 
_exptl_crystal.colour_lustre               ? 
_exptl_crystal.colour_modifier             ? 
_exptl_crystal.colour_primary              ? 
_exptl_crystal.density_meas                ? 
_exptl_crystal.density_meas_esd            ? 
_exptl_crystal.density_meas_gt             ? 
_exptl_crystal.density_meas_lt             ? 
_exptl_crystal.density_meas_temp           ? 
_exptl_crystal.density_meas_temp_esd       ? 
_exptl_crystal.density_meas_temp_gt        ? 
_exptl_crystal.density_meas_temp_lt        ? 
_exptl_crystal.pdbx_crystal_image_url      ? 
_exptl_crystal.pdbx_crystal_image_format   ? 
_exptl_crystal.pdbx_mosaicity              ? 
_exptl_crystal.pdbx_mosaicity_esd          ? 
# 
_exptl_crystal_grow.apparatus       ? 
_exptl_crystal_grow.atmosphere      ? 
_exptl_crystal_grow.crystal_id      1 
_exptl_crystal_grow.details         ? 
_exptl_crystal_grow.method          'VAPOR DIFFUSION, SITTING DROP' 
_exptl_crystal_grow.method_ref      ? 
_exptl_crystal_grow.pH              ? 
_exptl_crystal_grow.pressure        ? 
_exptl_crystal_grow.pressure_esd    ? 
_exptl_crystal_grow.seeding         ? 
_exptl_crystal_grow.seeding_ref     ? 
_exptl_crystal_grow.temp            294 
_exptl_crystal_grow.temp_details    ? 
_exptl_crystal_grow.temp_esd        ? 
_exptl_crystal_grow.time            ? 
_exptl_crystal_grow.pdbx_details    '100 mM sodium acetate pH 4.5, 200 mM lithium sulfate, 50% PEG 400' 
_exptl_crystal_grow.pdbx_pH_range   ? 
# 
_diffrn.ambient_environment    ? 
_diffrn.ambient_temp           100 
_diffrn.ambient_temp_details   ? 
_diffrn.ambient_temp_esd       ? 
_diffrn.crystal_id             1 
_diffrn.crystal_support        ? 
_diffrn.crystal_treatment      ? 
_diffrn.details                ? 
_diffrn.id                     1 
_diffrn.ambient_pressure       ? 
_diffrn.ambient_pressure_esd   ? 
_diffrn.ambient_pressure_gt    ? 
_diffrn.ambient_pressure_lt    ? 
_diffrn.ambient_temp_gt        ? 
_diffrn.ambient_temp_lt        ? 
# 
_diffrn_detector.details                      ? 
_diffrn_detector.detector                     PIXEL 
_diffrn_detector.diffrn_id                    1 
_diffrn_detector.type                         'DECTRIS PILATUS 6M-F' 
_diffrn_detector.area_resol_mean              ? 
_diffrn_detector.dtime                        ? 
_diffrn_detector.pdbx_frames_total            ? 
_diffrn_detector.pdbx_collection_time_total   ? 
_diffrn_detector.pdbx_collection_date         2014-03-22 
# 
_diffrn_radiation.collimation                      ? 
_diffrn_radiation.diffrn_id                        1 
_diffrn_radiation.filter_edge                      ? 
_diffrn_radiation.inhomogeneity                    ? 
_diffrn_radiation.monochromator                    ? 
_diffrn_radiation.polarisn_norm                    ? 
_diffrn_radiation.polarisn_ratio                   ? 
_diffrn_radiation.probe                            ? 
_diffrn_radiation.type                             ? 
_diffrn_radiation.xray_symbol                      ? 
_diffrn_radiation.wavelength_id                    1 
_diffrn_radiation.pdbx_monochromatic_or_laue_m_l   M 
_diffrn_radiation.pdbx_wavelength_list             ? 
_diffrn_radiation.pdbx_wavelength                  ? 
_diffrn_radiation.pdbx_diffrn_protocol             'SINGLE WAVELENGTH' 
_diffrn_radiation.pdbx_analyzer                    ? 
_diffrn_radiation.pdbx_scattering_type             x-ray 
# 
_diffrn_radiation_wavelength.id           1 
_diffrn_radiation_wavelength.wavelength   1.0 
_diffrn_radiation_wavelength.wt           1.0 
# 
_diffrn_source.current                     ? 
_diffrn_source.details                     ? 
_diffrn_source.diffrn_id                   1 
_diffrn_source.power                       ? 
_diffrn_source.size                        ? 
_diffrn_source.source                      SYNCHROTRON 
_diffrn_source.target                      ? 
_diffrn_source.type                        'SLS BEAMLINE X10SA' 
_diffrn_source.voltage                     ? 
_diffrn_source.take-off_angle              ? 
_diffrn_source.pdbx_wavelength_list        1.0 
_diffrn_source.pdbx_wavelength             ? 
_diffrn_source.pdbx_synchrotron_beamline   X10SA 
_diffrn_source.pdbx_synchrotron_site       SLS 
# 
_reflns.B_iso_Wilson_estimate            ? 
_reflns.entry_id                         6FJ7 
_reflns.data_reduction_details           ? 
_reflns.data_reduction_method            ? 
_reflns.d_resolution_high                1.05 
_reflns.d_resolution_low                 32.9 
_reflns.details                          ? 
_reflns.limit_h_max                      ? 
_reflns.limit_h_min                      ? 
_reflns.limit_k_max                      ? 
_reflns.limit_k_min                      ? 
_reflns.limit_l_max                      ? 
_reflns.limit_l_min                      ? 
_reflns.number_all                       ? 
_reflns.number_obs                       30589 
_reflns.observed_criterion               ? 
_reflns.observed_criterion_F_max         ? 
_reflns.observed_criterion_F_min         ? 
_reflns.observed_criterion_I_max         ? 
_reflns.observed_criterion_I_min         ? 
_reflns.observed_criterion_sigma_F       ? 
_reflns.observed_criterion_sigma_I       ? 
_reflns.percent_possible_obs             98.2 
_reflns.R_free_details                   ? 
_reflns.Rmerge_F_all                     ? 
_reflns.Rmerge_F_obs                     ? 
_reflns.Friedel_coverage                 ? 
_reflns.number_gt                        ? 
_reflns.threshold_expression             ? 
_reflns.pdbx_redundancy                  11.0 
_reflns.pdbx_Rmerge_I_obs                0.051 
_reflns.pdbx_Rmerge_I_all                ? 
_reflns.pdbx_Rsym_value                  ? 
_reflns.pdbx_netI_over_av_sigmaI         ? 
_reflns.pdbx_netI_over_sigmaI            22.39 
_reflns.pdbx_res_netI_over_av_sigmaI_2   ? 
_reflns.pdbx_res_netI_over_sigmaI_2      ? 
_reflns.pdbx_chi_squared                 ? 
_reflns.pdbx_scaling_rejects             ? 
_reflns.pdbx_d_res_high_opt              ? 
_reflns.pdbx_d_res_low_opt               ? 
_reflns.pdbx_d_res_opt_method            ? 
_reflns.phase_calculation_details        ? 
_reflns.pdbx_Rrim_I_all                  ? 
_reflns.pdbx_Rpim_I_all                  ? 
_reflns.pdbx_d_opt                       ? 
_reflns.pdbx_number_measured_all         ? 
_reflns.pdbx_diffrn_id                   1 
_reflns.pdbx_ordinal                     1 
_reflns.pdbx_CC_half                     0.999 
_reflns.pdbx_R_split                     ? 
# 
_reflns_shell.d_res_high                  1.05 
_reflns_shell.d_res_low                   1.11 
_reflns_shell.meanI_over_sigI_all         ? 
_reflns_shell.meanI_over_sigI_obs         2.18 
_reflns_shell.number_measured_all         ? 
_reflns_shell.number_measured_obs         ? 
_reflns_shell.number_possible             ? 
_reflns_shell.number_unique_all           ? 
_reflns_shell.number_unique_obs           4406 
_reflns_shell.percent_possible_all        89.0 
_reflns_shell.percent_possible_obs        ? 
_reflns_shell.Rmerge_F_all                ? 
_reflns_shell.Rmerge_F_obs                ? 
_reflns_shell.Rmerge_I_all                ? 
_reflns_shell.Rmerge_I_obs                0.627 
_reflns_shell.meanI_over_sigI_gt          ? 
_reflns_shell.meanI_over_uI_all           ? 
_reflns_shell.meanI_over_uI_gt            ? 
_reflns_shell.number_measured_gt          ? 
_reflns_shell.number_unique_gt            ? 
_reflns_shell.percent_possible_gt         ? 
_reflns_shell.Rmerge_F_gt                 ? 
_reflns_shell.Rmerge_I_gt                 ? 
_reflns_shell.pdbx_redundancy             5.10 
_reflns_shell.pdbx_Rsym_value             ? 
_reflns_shell.pdbx_chi_squared            ? 
_reflns_shell.pdbx_netI_over_sigmaI_all   ? 
_reflns_shell.pdbx_netI_over_sigmaI_obs   ? 
_reflns_shell.pdbx_Rrim_I_all             ? 
_reflns_shell.pdbx_Rpim_I_all             ? 
_reflns_shell.pdbx_rejects                ? 
_reflns_shell.pdbx_ordinal                1 
_reflns_shell.pdbx_diffrn_id              1 
_reflns_shell.pdbx_CC_half                0.862 
_reflns_shell.pdbx_R_split                ? 
# 
_refine.aniso_B[1][1]                            0.03 
_refine.aniso_B[1][2]                            -0.00 
_refine.aniso_B[1][3]                            0.00 
_refine.aniso_B[2][2]                            -0.37 
_refine.aniso_B[2][3]                            0.00 
_refine.aniso_B[3][3]                            0.34 
_refine.B_iso_max                                ? 
_refine.B_iso_mean                               15.220 
_refine.B_iso_min                                ? 
_refine.correlation_coeff_Fo_to_Fc               0.969 
_refine.correlation_coeff_Fo_to_Fc_free          0.946 
_refine.details                                  'HYDROGENS HAVE BEEN ADDED IN THE RIDING POSITIONS' 
_refine.diff_density_max                         ? 
_refine.diff_density_max_esd                     ? 
_refine.diff_density_min                         ? 
_refine.diff_density_min_esd                     ? 
_refine.diff_density_rms                         ? 
_refine.diff_density_rms_esd                     ? 
_refine.entry_id                                 6FJ7 
_refine.pdbx_refine_id                           'X-RAY DIFFRACTION' 
_refine.ls_abs_structure_details                 ? 
_refine.ls_abs_structure_Flack                   ? 
_refine.ls_abs_structure_Flack_esd               ? 
_refine.ls_abs_structure_Rogers                  ? 
_refine.ls_abs_structure_Rogers_esd              ? 
_refine.ls_d_res_high                            1.05 
_refine.ls_d_res_low                             32.89 
_refine.ls_extinction_coef                       ? 
_refine.ls_extinction_coef_esd                   ? 
_refine.ls_extinction_expression                 ? 
_refine.ls_extinction_method                     ? 
_refine.ls_goodness_of_fit_all                   ? 
_refine.ls_goodness_of_fit_all_esd               ? 
_refine.ls_goodness_of_fit_obs                   ? 
_refine.ls_goodness_of_fit_obs_esd               ? 
_refine.ls_hydrogen_treatment                    ? 
_refine.ls_matrix_type                           ? 
_refine.ls_number_constraints                    ? 
_refine.ls_number_parameters                     ? 
_refine.ls_number_reflns_all                     ? 
_refine.ls_number_reflns_obs                     29058 
_refine.ls_number_reflns_R_free                  1530 
_refine.ls_number_reflns_R_work                  ? 
_refine.ls_number_restraints                     ? 
_refine.ls_percent_reflns_obs                    98.22 
_refine.ls_percent_reflns_R_free                 5.0 
_refine.ls_R_factor_all                          ? 
_refine.ls_R_factor_obs                          0.15544 
_refine.ls_R_factor_R_free                       0.19512 
_refine.ls_R_factor_R_free_error                 ? 
_refine.ls_R_factor_R_free_error_details         ? 
_refine.ls_R_factor_R_work                       0.15340 
_refine.ls_R_Fsqd_factor_obs                     ? 
_refine.ls_R_I_factor_obs                        ? 
_refine.ls_redundancy_reflns_all                 ? 
_refine.ls_redundancy_reflns_obs                 ? 
_refine.ls_restrained_S_all                      ? 
_refine.ls_restrained_S_obs                      ? 
_refine.ls_shift_over_esd_max                    ? 
_refine.ls_shift_over_esd_mean                   ? 
_refine.ls_structure_factor_coef                 ? 
_refine.ls_weighting_details                     ? 
_refine.ls_weighting_scheme                      ? 
_refine.ls_wR_factor_all                         ? 
_refine.ls_wR_factor_obs                         ? 
_refine.ls_wR_factor_R_free                      ? 
_refine.ls_wR_factor_R_work                      ? 
_refine.occupancy_max                            ? 
_refine.occupancy_min                            ? 
_refine.solvent_model_details                    ? 
_refine.solvent_model_param_bsol                 ? 
_refine.solvent_model_param_ksol                 ? 
_refine.ls_R_factor_gt                           ? 
_refine.ls_goodness_of_fit_gt                    ? 
_refine.ls_goodness_of_fit_ref                   ? 
_refine.ls_shift_over_su_max                     ? 
_refine.ls_shift_over_su_max_lt                  ? 
_refine.ls_shift_over_su_mean                    ? 
_refine.ls_shift_over_su_mean_lt                 ? 
_refine.pdbx_ls_sigma_I                          ? 
_refine.pdbx_ls_sigma_F                          ? 
_refine.pdbx_ls_sigma_Fsqd                       ? 
_refine.pdbx_data_cutoff_high_absF               ? 
_refine.pdbx_data_cutoff_high_rms_absF           ? 
_refine.pdbx_data_cutoff_low_absF                ? 
_refine.pdbx_isotropic_thermal_model             ? 
_refine.pdbx_ls_cross_valid_method               THROUGHOUT 
_refine.pdbx_method_to_determine_struct          'MOLECULAR REPLACEMENT' 
_refine.pdbx_starting_model                      1UBQ 
_refine.pdbx_stereochemistry_target_values       ? 
_refine.pdbx_R_Free_selection_details            RANDOM 
_refine.pdbx_stereochem_target_val_spec_case     ? 
_refine.pdbx_overall_ESU_R                       0.030 
_refine.pdbx_overall_ESU_R_Free                  0.034 
_refine.pdbx_solvent_vdw_probe_radii             1.20 
_refine.pdbx_solvent_ion_probe_radii             0.80 
_refine.pdbx_solvent_shrinkage_radii             0.80 
_refine.pdbx_real_space_R                        ? 
_refine.pdbx_density_correlation                 ? 
_refine.pdbx_pd_number_of_powder_patterns        ? 
_refine.pdbx_pd_number_of_points                 ? 
_refine.pdbx_pd_meas_number_of_points            ? 
_refine.pdbx_pd_proc_ls_prof_R_factor            ? 
_refine.pdbx_pd_proc_ls_prof_wR_factor           ? 
_refine.pdbx_pd_Marquardt_correlation_coeff      ? 
_refine.pdbx_pd_Fsqrd_R_factor                   ? 
_refine.pdbx_pd_ls_matrix_band_width             ? 
_refine.pdbx_overall_phase_error                 ? 
_refine.pdbx_overall_SU_R_free_Cruickshank_DPI   ? 
_refine.pdbx_overall_SU_R_free_Blow_DPI          ? 
_refine.pdbx_overall_SU_R_Blow_DPI               ? 
_refine.pdbx_TLS_residual_ADP_flag               ? 
_refine.pdbx_diffrn_id                           1 
_refine.overall_SU_B                             0.938 
_refine.overall_SU_ML                            0.021 
_refine.overall_SU_R_Cruickshank_DPI             ? 
_refine.overall_SU_R_free                        ? 
_refine.overall_FOM_free_R_set                   ? 
_refine.overall_FOM_work_R_set                   ? 
_refine.pdbx_average_fsc_overall                 ? 
_refine.pdbx_average_fsc_work                    ? 
_refine.pdbx_average_fsc_free                    ? 
# 
_refine_hist.pdbx_refine_id                   'X-RAY DIFFRACTION' 
_refine_hist.cycle_id                         1 
_refine_hist.pdbx_number_atoms_protein        569 
_refine_hist.pdbx_number_atoms_nucleic_acid   0 
_refine_hist.pdbx_number_atoms_ligand         10 
_refine_hist.number_atoms_solvent             76 
_refine_hist.number_atoms_total               655 
_refine_hist.d_res_high                       1.05 
_refine_hist.d_res_low                        32.89 
# 
loop_
_refine_ls_restr.pdbx_refine_id 
_refine_ls_restr.criterion 
_refine_ls_restr.dev_ideal 
_refine_ls_restr.dev_ideal_target 
_refine_ls_restr.number 
_refine_ls_restr.rejects 
_refine_ls_restr.type 
_refine_ls_restr.weight 
_refine_ls_restr.pdbx_restraint_function 
'X-RAY DIFFRACTION' ? 0.020  0.019  700  ? r_bond_refined_d             ? ? 
'X-RAY DIFFRACTION' ? 0.002  0.020  740  ? r_bond_other_d               ? ? 
'X-RAY DIFFRACTION' ? 2.337  2.047  978  ? r_angle_refined_deg          ? ? 
'X-RAY DIFFRACTION' ? 0.907  3.000  1728 ? r_angle_other_deg            ? ? 
'X-RAY DIFFRACTION' ? 7.689  5.000  107  ? r_dihedral_angle_1_deg       ? ? 
'X-RAY DIFFRACTION' ? 31.238 22.778 18   ? r_dihedral_angle_2_deg       ? ? 
'X-RAY DIFFRACTION' ? 13.561 15.000 133  ? r_dihedral_angle_3_deg       ? ? 
'X-RAY DIFFRACTION' ? 20.890 15.000 5    ? r_dihedral_angle_4_deg       ? ? 
'X-RAY DIFFRACTION' ? 0.130  0.200  124  ? r_chiral_restr               ? ? 
'X-RAY DIFFRACTION' ? 0.012  0.021  789  ? r_gen_planes_refined         ? ? 
'X-RAY DIFFRACTION' ? 0.002  0.020  126  ? r_gen_planes_other           ? ? 
'X-RAY DIFFRACTION' ? ?      ?      ?    ? r_nbd_refined                ? ? 
'X-RAY DIFFRACTION' ? ?      ?      ?    ? r_nbd_other                  ? ? 
'X-RAY DIFFRACTION' ? ?      ?      ?    ? r_nbtor_refined              ? ? 
'X-RAY DIFFRACTION' ? ?      ?      ?    ? r_nbtor_other                ? ? 
'X-RAY DIFFRACTION' ? ?      ?      ?    ? r_xyhbond_nbd_refined        ? ? 
'X-RAY DIFFRACTION' ? ?      ?      ?    ? r_xyhbond_nbd_other          ? ? 
'X-RAY DIFFRACTION' ? ?      ?      ?    ? r_metal_ion_refined          ? ? 
'X-RAY DIFFRACTION' ? ?      ?      ?    ? r_metal_ion_other            ? ? 
'X-RAY DIFFRACTION' ? ?      ?      ?    ? r_symmetry_vdw_refined       ? ? 
'X-RAY DIFFRACTION' ? ?      ?      ?    ? r_symmetry_vdw_other         ? ? 
'X-RAY DIFFRACTION' ? ?      ?      ?    ? r_symmetry_hbond_refined     ? ? 
'X-RAY DIFFRACTION' ? ?      ?      ?    ? r_symmetry_hbond_other       ? ? 
'X-RAY DIFFRACTION' ? ?      ?      ?    ? r_symmetry_metal_ion_refined ? ? 
'X-RAY DIFFRACTION' ? ?      ?      ?    ? r_symmetry_metal_ion_other   ? ? 
'X-RAY DIFFRACTION' ? 1.627  1.304  362  ? r_mcbond_it                  ? ? 
'X-RAY DIFFRACTION' ? 1.571  1.299  360  ? r_mcbond_other               ? ? 
'X-RAY DIFFRACTION' ? 2.006  1.970  460  ? r_mcangle_it                 ? ? 
'X-RAY DIFFRACTION' ? 2.020  1.974  461  ? r_mcangle_other              ? ? 
'X-RAY DIFFRACTION' ? 2.630  1.568  338  ? r_scbond_it                  ? ? 
'X-RAY DIFFRACTION' ? 2.612  1.553  330  ? r_scbond_other               ? ? 
'X-RAY DIFFRACTION' ? ?      ?      ?    ? r_scangle_it                 ? ? 
'X-RAY DIFFRACTION' ? 2.960  2.215  490  ? r_scangle_other              ? ? 
'X-RAY DIFFRACTION' ? 3.465  11.525 780  ? r_long_range_B_refined       ? ? 
'X-RAY DIFFRACTION' ? 3.368  10.988 753  ? r_long_range_B_other         ? ? 
'X-RAY DIFFRACTION' ? 4.489  3.000  1440 ? r_rigid_bond_restr           ? ? 
'X-RAY DIFFRACTION' ? 29.210 5.000  14   ? r_sphericity_free            ? ? 
'X-RAY DIFFRACTION' ? 10.020 5.000  1478 ? r_sphericity_bonded          ? ? 
# 
_refine_ls_shell.pdbx_refine_id                   'X-RAY DIFFRACTION' 
_refine_ls_shell.d_res_high                       1.049 
_refine_ls_shell.d_res_low                        1.076 
_refine_ls_shell.number_reflns_all                ? 
_refine_ls_shell.number_reflns_obs                ? 
_refine_ls_shell.number_reflns_R_free             94 
_refine_ls_shell.number_reflns_R_work             1791 
_refine_ls_shell.percent_reflns_obs               83.04 
_refine_ls_shell.percent_reflns_R_free            ? 
_refine_ls_shell.R_factor_all                     ? 
_refine_ls_shell.R_factor_obs                     ? 
_refine_ls_shell.R_factor_R_free                  0.330 
_refine_ls_shell.R_factor_R_free_error            ? 
_refine_ls_shell.R_factor_R_work                  0.320 
_refine_ls_shell.redundancy_reflns_all            ? 
_refine_ls_shell.redundancy_reflns_obs            ? 
_refine_ls_shell.wR_factor_all                    ? 
_refine_ls_shell.wR_factor_obs                    ? 
_refine_ls_shell.wR_factor_R_free                 ? 
_refine_ls_shell.wR_factor_R_work                 ? 
_refine_ls_shell.pdbx_total_number_of_bins_used   20 
_refine_ls_shell.pdbx_phase_error                 ? 
_refine_ls_shell.pdbx_fsc_work                    ? 
_refine_ls_shell.pdbx_fsc_free                    ? 
# 
_struct.entry_id                     6FJ7 
_struct.title                        'Caldiarchaeum Subterraneum Ubiquitin' 
_struct.pdbx_model_details           ? 
_struct.pdbx_formula_weight          ? 
_struct.pdbx_formula_weight_method   ? 
_struct.pdbx_model_type_details      ? 
_struct.pdbx_CASP_flag               N 
# 
_struct_keywords.entry_id        6FJ7 
_struct_keywords.text            'ubiquitination, ubiquitylation, protein binding' 
_struct_keywords.pdbx_keywords   'PROTEIN BINDING' 
# 
loop_
_struct_asym.id 
_struct_asym.pdbx_blank_PDB_chainid_flag 
_struct_asym.pdbx_modified 
_struct_asym.entity_id 
_struct_asym.details 
A N N 1 ? 
B N N 2 ? 
C N N 2 ? 
D N N 3 ? 
# 
_struct_ref.id                         1 
_struct_ref.db_name                    UNP 
_struct_ref.db_code                    E6N8B8_9ARCH 
_struct_ref.pdbx_db_accession          E6N8B8 
_struct_ref.pdbx_db_isoform            ? 
_struct_ref.entity_id                  1 
_struct_ref.pdbx_seq_one_letter_code   MKIKIVPAVGGGSPLELEVAPNATVGAVRTKVCAMKKLPPDTTRLTYKGRALKDTETLESLGVADGDKFVLITRTVGG 
_struct_ref.pdbx_align_begin           1 
# 
_struct_ref_seq.align_id                      1 
_struct_ref_seq.ref_id                        1 
_struct_ref_seq.pdbx_PDB_id_code              6FJ7 
_struct_ref_seq.pdbx_strand_id                A 
_struct_ref_seq.seq_align_beg                 3 
_struct_ref_seq.pdbx_seq_align_beg_ins_code   ? 
_struct_ref_seq.seq_align_end                 80 
_struct_ref_seq.pdbx_seq_align_end_ins_code   ? 
_struct_ref_seq.pdbx_db_accession             E6N8B8 
_struct_ref_seq.db_align_beg                  1 
_struct_ref_seq.pdbx_db_align_beg_ins_code    ? 
_struct_ref_seq.db_align_end                  78 
_struct_ref_seq.pdbx_db_align_end_ins_code    ? 
_struct_ref_seq.pdbx_auth_seq_align_beg       1 
_struct_ref_seq.pdbx_auth_seq_align_end       78 
# 
loop_
_struct_ref_seq_dif.align_id 
_struct_ref_seq_dif.pdbx_pdb_id_code 
_struct_ref_seq_dif.mon_id 
_struct_ref_seq_dif.pdbx_pdb_strand_id 
_struct_ref_seq_dif.seq_num 
_struct_ref_seq_dif.pdbx_pdb_ins_code 
_struct_ref_seq_dif.pdbx_seq_db_name 
_struct_ref_seq_dif.pdbx_seq_db_accession_code 
_struct_ref_seq_dif.db_mon_id 
_struct_ref_seq_dif.pdbx_seq_db_seq_num 
_struct_ref_seq_dif.details 
_struct_ref_seq_dif.pdbx_auth_seq_num 
_struct_ref_seq_dif.pdbx_ordinal 
1 6FJ7 GLY A 1 ? UNP E6N8B8 ? ? 'expression tag' -1 1 
1 6FJ7 HIS A 2 ? UNP E6N8B8 ? ? 'expression tag' 0  2 
# 
_pdbx_struct_assembly.id                   1 
_pdbx_struct_assembly.details              author_and_software_defined_assembly 
_pdbx_struct_assembly.method_details       PISA 
_pdbx_struct_assembly.oligomeric_details   monomeric 
_pdbx_struct_assembly.oligomeric_count     1 
# 
loop_
_pdbx_struct_assembly_prop.biol_id 
_pdbx_struct_assembly_prop.type 
_pdbx_struct_assembly_prop.value 
_pdbx_struct_assembly_prop.details 
1 'ABSA (A^2)' 260  ? 
1 MORE         -16  ? 
1 'SSA (A^2)'  4880 ? 
# 
_pdbx_struct_assembly_gen.assembly_id       1 
_pdbx_struct_assembly_gen.oper_expression   1 
_pdbx_struct_assembly_gen.asym_id_list      A,B,C,D 
# 
_pdbx_struct_assembly_auth_evidence.id                     1 
_pdbx_struct_assembly_auth_evidence.assembly_id            1 
_pdbx_struct_assembly_auth_evidence.experimental_support   'gel filtration' 
_pdbx_struct_assembly_auth_evidence.details                ? 
# 
_pdbx_struct_oper_list.id                   1 
_pdbx_struct_oper_list.type                 'identity operation' 
_pdbx_struct_oper_list.name                 1_555 
_pdbx_struct_oper_list.symmetry_operation   x,y,z 
_pdbx_struct_oper_list.matrix[1][1]         1.0000000000 
_pdbx_struct_oper_list.matrix[1][2]         0.0000000000 
_pdbx_struct_oper_list.matrix[1][3]         0.0000000000 
_pdbx_struct_oper_list.vector[1]            0.0000000000 
_pdbx_struct_oper_list.matrix[2][1]         0.0000000000 
_pdbx_struct_oper_list.matrix[2][2]         1.0000000000 
_pdbx_struct_oper_list.matrix[2][3]         0.0000000000 
_pdbx_struct_oper_list.vector[2]            0.0000000000 
_pdbx_struct_oper_list.matrix[3][1]         0.0000000000 
_pdbx_struct_oper_list.matrix[3][2]         0.0000000000 
_pdbx_struct_oper_list.matrix[3][3]         1.0000000000 
_pdbx_struct_oper_list.vector[3]            0.0000000000 
# 
loop_
_struct_conf.conf_type_id 
_struct_conf.id 
_struct_conf.pdbx_PDB_helix_id 
_struct_conf.beg_label_comp_id 
_struct_conf.beg_label_asym_id 
_struct_conf.beg_label_seq_id 
_struct_conf.pdbx_beg_PDB_ins_code 
_struct_conf.end_label_comp_id 
_struct_conf.end_label_asym_id 
_struct_conf.end_label_seq_id 
_struct_conf.pdbx_end_PDB_ins_code 
_struct_conf.beg_auth_comp_id 
_struct_conf.beg_auth_asym_id 
_struct_conf.beg_auth_seq_id 
_struct_conf.end_auth_comp_id 
_struct_conf.end_auth_asym_id 
_struct_conf.end_auth_seq_id 
_struct_conf.pdbx_PDB_helix_class 
_struct_conf.details 
_struct_conf.pdbx_PDB_helix_length 
HELX_P HELX_P1 AA1 THR A 26 ? LYS A 39 ? THR A 24 LYS A 37 1 ? 14 
HELX_P HELX_P2 AA2 PRO A 41 ? ASP A 43 ? PRO A 39 ASP A 41 5 ? 3  
HELX_P HELX_P3 AA3 THR A 59 ? GLY A 64 ? THR A 57 GLY A 62 1 ? 6  
# 
_struct_conf_type.id          HELX_P 
_struct_conf_type.criteria    ? 
_struct_conf_type.reference   ? 
# 
_struct_sheet.id               AA1 
_struct_sheet.type             ? 
_struct_sheet.number_strands   5 
_struct_sheet.details          ? 
# 
loop_
_struct_sheet_order.sheet_id 
_struct_sheet_order.range_id_1 
_struct_sheet_order.range_id_2 
_struct_sheet_order.offset 
_struct_sheet_order.sense 
AA1 1 2 ? anti-parallel 
AA1 2 3 ? parallel      
AA1 3 4 ? anti-parallel 
AA1 4 5 ? anti-parallel 
# 
loop_
_struct_sheet_range.sheet_id 
_struct_sheet_range.id 
_struct_sheet_range.beg_label_comp_id 
_struct_sheet_range.beg_label_asym_id 
_struct_sheet_range.beg_label_seq_id 
_struct_sheet_range.pdbx_beg_PDB_ins_code 
_struct_sheet_range.end_label_comp_id 
_struct_sheet_range.end_label_asym_id 
_struct_sheet_range.end_label_seq_id 
_struct_sheet_range.pdbx_end_PDB_ins_code 
_struct_sheet_range.beg_auth_comp_id 
_struct_sheet_range.beg_auth_asym_id 
_struct_sheet_range.beg_auth_seq_id 
_struct_sheet_range.end_auth_comp_id 
_struct_sheet_range.end_auth_asym_id 
_struct_sheet_range.end_auth_seq_id 
AA1 1 LEU A 17 ? LEU A 19 ? LEU A 15 LEU A 17 
AA1 2 ILE A 5  ? PRO A 9  ? ILE A 3  PRO A 7  
AA1 3 LYS A 70 ? THR A 75 ? LYS A 68 THR A 73 
AA1 4 THR A 45 ? TYR A 49 ? THR A 43 TYR A 47 
AA1 5 ARG A 52 ? ALA A 53 ? ARG A 50 ALA A 51 
# 
loop_
_pdbx_struct_sheet_hbond.sheet_id 
_pdbx_struct_sheet_hbond.range_id_1 
_pdbx_struct_sheet_hbond.range_id_2 
_pdbx_struct_sheet_hbond.range_1_label_atom_id 
_pdbx_struct_sheet_hbond.range_1_label_comp_id 
_pdbx_struct_sheet_hbond.range_1_label_asym_id 
_pdbx_struct_sheet_hbond.range_1_label_seq_id 
_pdbx_struct_sheet_hbond.range_1_PDB_ins_code 
_pdbx_struct_sheet_hbond.range_1_auth_atom_id 
_pdbx_struct_sheet_hbond.range_1_auth_comp_id 
_pdbx_struct_sheet_hbond.range_1_auth_asym_id 
_pdbx_struct_sheet_hbond.range_1_auth_seq_id 
_pdbx_struct_sheet_hbond.range_2_label_atom_id 
_pdbx_struct_sheet_hbond.range_2_label_comp_id 
_pdbx_struct_sheet_hbond.range_2_label_asym_id 
_pdbx_struct_sheet_hbond.range_2_label_seq_id 
_pdbx_struct_sheet_hbond.range_2_PDB_ins_code 
_pdbx_struct_sheet_hbond.range_2_auth_atom_id 
_pdbx_struct_sheet_hbond.range_2_auth_comp_id 
_pdbx_struct_sheet_hbond.range_2_auth_asym_id 
_pdbx_struct_sheet_hbond.range_2_auth_seq_id 
AA1 1 2 O LEU A 19 ? O LEU A 17 N ILE A 5  ? N ILE A 3  
AA1 2 3 N VAL A 8  ? N VAL A 6  O PHE A 71 ? O PHE A 69 
AA1 3 4 O ILE A 74 ? O ILE A 72 N ARG A 46 ? N ARG A 44 
AA1 4 5 N TYR A 49 ? N TYR A 47 O ARG A 52 ? O ARG A 50 
# 
loop_
_struct_site.id 
_struct_site.pdbx_evidence_code 
_struct_site.pdbx_auth_asym_id 
_struct_site.pdbx_auth_comp_id 
_struct_site.pdbx_auth_seq_id 
_struct_site.pdbx_auth_ins_code 
_struct_site.pdbx_num_residues 
_struct_site.details 
AC1 Software A SO4 101 ? 6 'binding site for residue SO4 A 101' 
AC2 Software A SO4 102 ? 7 'binding site for residue SO4 A 102' 
# 
loop_
_struct_site_gen.id 
_struct_site_gen.site_id 
_struct_site_gen.pdbx_num_res 
_struct_site_gen.label_comp_id 
_struct_site_gen.label_asym_id 
_struct_site_gen.label_seq_id 
_struct_site_gen.pdbx_auth_ins_code 
_struct_site_gen.auth_comp_id 
_struct_site_gen.auth_asym_id 
_struct_site_gen.auth_seq_id 
_struct_site_gen.label_atom_id 
_struct_site_gen.label_alt_id 
_struct_site_gen.symmetry 
_struct_site_gen.details 
1  AC1 6 ARG A 31 ? ARG A 29  . ? 1_555 ? 
2  AC1 6 PRO A 42 ? PRO A 40  . ? 1_555 ? 
3  AC1 6 ASP A 43 ? ASP A 41  . ? 1_555 ? 
4  AC1 6 HOH D .  ? HOH A 211 . ? 1_555 ? 
5  AC1 6 HOH D .  ? HOH A 212 . ? 1_555 ? 
6  AC1 6 HOH D .  ? HOH A 248 . ? 1_555 ? 
7  AC2 7 GLY A 1  ? GLY A -1  . ? 3_555 ? 
8  AC2 7 GLY A 14 ? GLY A 12  . ? 3_455 ? 
9  AC2 7 SER A 15 ? SER A 13  . ? 3_455 ? 
10 AC2 7 PRO A 23 ? PRO A 21  . ? 3_555 ? 
11 AC2 7 LYS A 38 ? LYS A 36  . ? 3_455 ? 
12 AC2 7 ARG A 52 ? ARG A 50  . ? 1_555 ? 
13 AC2 7 HOH D .  ? HOH A 251 . ? 1_555 ? 
# 
_pdbx_validate_rmsd_bond.id                        1 
_pdbx_validate_rmsd_bond.PDB_model_num             1 
_pdbx_validate_rmsd_bond.auth_atom_id_1            CZ 
_pdbx_validate_rmsd_bond.auth_asym_id_1            A 
_pdbx_validate_rmsd_bond.auth_comp_id_1            ARG 
_pdbx_validate_rmsd_bond.auth_seq_id_1             50 
_pdbx_validate_rmsd_bond.PDB_ins_code_1            ? 
_pdbx_validate_rmsd_bond.label_alt_id_1            A 
_pdbx_validate_rmsd_bond.auth_atom_id_2            NH2 
_pdbx_validate_rmsd_bond.auth_asym_id_2            A 
_pdbx_validate_rmsd_bond.auth_comp_id_2            ARG 
_pdbx_validate_rmsd_bond.auth_seq_id_2             50 
_pdbx_validate_rmsd_bond.PDB_ins_code_2            ? 
_pdbx_validate_rmsd_bond.label_alt_id_2            A 
_pdbx_validate_rmsd_bond.bond_value                1.235 
_pdbx_validate_rmsd_bond.bond_target_value         1.326 
_pdbx_validate_rmsd_bond.bond_deviation            -0.091 
_pdbx_validate_rmsd_bond.bond_standard_deviation   0.013 
_pdbx_validate_rmsd_bond.linker_flag               N 
# 
loop_
_pdbx_validate_rmsd_angle.id 
_pdbx_validate_rmsd_angle.PDB_model_num 
_pdbx_validate_rmsd_angle.auth_atom_id_1 
_pdbx_validate_rmsd_angle.auth_asym_id_1 
_pdbx_validate_rmsd_angle.auth_comp_id_1 
_pdbx_validate_rmsd_angle.auth_seq_id_1 
_pdbx_validate_rmsd_angle.PDB_ins_code_1 
_pdbx_validate_rmsd_angle.label_alt_id_1 
_pdbx_validate_rmsd_angle.auth_atom_id_2 
_pdbx_validate_rmsd_angle.auth_asym_id_2 
_pdbx_validate_rmsd_angle.auth_comp_id_2 
_pdbx_validate_rmsd_angle.auth_seq_id_2 
_pdbx_validate_rmsd_angle.PDB_ins_code_2 
_pdbx_validate_rmsd_angle.label_alt_id_2 
_pdbx_validate_rmsd_angle.auth_atom_id_3 
_pdbx_validate_rmsd_angle.auth_asym_id_3 
_pdbx_validate_rmsd_angle.auth_comp_id_3 
_pdbx_validate_rmsd_angle.auth_seq_id_3 
_pdbx_validate_rmsd_angle.PDB_ins_code_3 
_pdbx_validate_rmsd_angle.label_alt_id_3 
_pdbx_validate_rmsd_angle.angle_value 
_pdbx_validate_rmsd_angle.angle_target_value 
_pdbx_validate_rmsd_angle.angle_deviation 
_pdbx_validate_rmsd_angle.angle_standard_deviation 
_pdbx_validate_rmsd_angle.linker_flag 
1 1 CB A ASP 41 ? ? CG A ASP 41 ? ? OD1 A ASP 41 ? ? 123.87 118.30 5.57 0.90 N 
2 1 NE A ARG 50 ? B CZ A ARG 50 ? B NH2 A ARG 50 ? B 123.80 120.30 3.50 0.50 N 
# 
_pdbx_distant_solvent_atoms.id                                1 
_pdbx_distant_solvent_atoms.PDB_model_num                     1 
_pdbx_distant_solvent_atoms.auth_atom_id                      O 
_pdbx_distant_solvent_atoms.label_alt_id                      ? 
_pdbx_distant_solvent_atoms.auth_asym_id                      A 
_pdbx_distant_solvent_atoms.auth_comp_id                      HOH 
_pdbx_distant_solvent_atoms.auth_seq_id                       276 
_pdbx_distant_solvent_atoms.PDB_ins_code                      ? 
_pdbx_distant_solvent_atoms.neighbor_macromolecule_distance   6.48 
_pdbx_distant_solvent_atoms.neighbor_ligand_distance          . 
# 
loop_
_chem_comp_atom.comp_id 
_chem_comp_atom.atom_id 
_chem_comp_atom.type_symbol 
_chem_comp_atom.pdbx_aromatic_flag 
_chem_comp_atom.pdbx_stereo_config 
_chem_comp_atom.pdbx_ordinal 
ALA N    N N N 1   
ALA CA   C N S 2   
ALA C    C N N 3   
ALA O    O N N 4   
ALA CB   C N N 5   
ALA OXT  O N N 6   
ALA H    H N N 7   
ALA H2   H N N 8   
ALA HA   H N N 9   
ALA HB1  H N N 10  
ALA HB2  H N N 11  
ALA HB3  H N N 12  
ALA HXT  H N N 13  
ARG N    N N N 14  
ARG CA   C N S 15  
ARG C    C N N 16  
ARG O    O N N 17  
ARG CB   C N N 18  
ARG CG   C N N 19  
ARG CD   C N N 20  
ARG NE   N N N 21  
ARG CZ   C N N 22  
ARG NH1  N N N 23  
ARG NH2  N N N 24  
ARG OXT  O N N 25  
ARG H    H N N 26  
ARG H2   H N N 27  
ARG HA   H N N 28  
ARG HB2  H N N 29  
ARG HB3  H N N 30  
ARG HG2  H N N 31  
ARG HG3  H N N 32  
ARG HD2  H N N 33  
ARG HD3  H N N 34  
ARG HE   H N N 35  
ARG HH11 H N N 36  
ARG HH12 H N N 37  
ARG HH21 H N N 38  
ARG HH22 H N N 39  
ARG HXT  H N N 40  
ASN N    N N N 41  
ASN CA   C N S 42  
ASN C    C N N 43  
ASN O    O N N 44  
ASN CB   C N N 45  
ASN CG   C N N 46  
ASN OD1  O N N 47  
ASN ND2  N N N 48  
ASN OXT  O N N 49  
ASN H    H N N 50  
ASN H2   H N N 51  
ASN HA   H N N 52  
ASN HB2  H N N 53  
ASN HB3  H N N 54  
ASN HD21 H N N 55  
ASN HD22 H N N 56  
ASN HXT  H N N 57  
ASP N    N N N 58  
ASP CA   C N S 59  
ASP C    C N N 60  
ASP O    O N N 61  
ASP CB   C N N 62  
ASP CG   C N N 63  
ASP OD1  O N N 64  
ASP OD2  O N N 65  
ASP OXT  O N N 66  
ASP H    H N N 67  
ASP H2   H N N 68  
ASP HA   H N N 69  
ASP HB2  H N N 70  
ASP HB3  H N N 71  
ASP HD2  H N N 72  
ASP HXT  H N N 73  
CYS N    N N N 74  
CYS CA   C N R 75  
CYS C    C N N 76  
CYS O    O N N 77  
CYS CB   C N N 78  
CYS SG   S N N 79  
CYS OXT  O N N 80  
CYS H    H N N 81  
CYS H2   H N N 82  
CYS HA   H N N 83  
CYS HB2  H N N 84  
CYS HB3  H N N 85  
CYS HG   H N N 86  
CYS HXT  H N N 87  
GLU N    N N N 88  
GLU CA   C N S 89  
GLU C    C N N 90  
GLU O    O N N 91  
GLU CB   C N N 92  
GLU CG   C N N 93  
GLU CD   C N N 94  
GLU OE1  O N N 95  
GLU OE2  O N N 96  
GLU OXT  O N N 97  
GLU H    H N N 98  
GLU H2   H N N 99  
GLU HA   H N N 100 
GLU HB2  H N N 101 
GLU HB3  H N N 102 
GLU HG2  H N N 103 
GLU HG3  H N N 104 
GLU HE2  H N N 105 
GLU HXT  H N N 106 
GLY N    N N N 107 
GLY CA   C N N 108 
GLY C    C N N 109 
GLY O    O N N 110 
GLY OXT  O N N 111 
GLY H    H N N 112 
GLY H2   H N N 113 
GLY HA2  H N N 114 
GLY HA3  H N N 115 
GLY HXT  H N N 116 
HIS N    N N N 117 
HIS CA   C N S 118 
HIS C    C N N 119 
HIS O    O N N 120 
HIS CB   C N N 121 
HIS CG   C Y N 122 
HIS ND1  N Y N 123 
HIS CD2  C Y N 124 
HIS CE1  C Y N 125 
HIS NE2  N Y N 126 
HIS OXT  O N N 127 
HIS H    H N N 128 
HIS H2   H N N 129 
HIS HA   H N N 130 
HIS HB2  H N N 131 
HIS HB3  H N N 132 
HIS HD1  H N N 133 
HIS HD2  H N N 134 
HIS HE1  H N N 135 
HIS HE2  H N N 136 
HIS HXT  H N N 137 
HOH O    O N N 138 
HOH H1   H N N 139 
HOH H2   H N N 140 
ILE N    N N N 141 
ILE CA   C N S 142 
ILE C    C N N 143 
ILE O    O N N 144 
ILE CB   C N S 145 
ILE CG1  C N N 146 
ILE CG2  C N N 147 
ILE CD1  C N N 148 
ILE OXT  O N N 149 
ILE H    H N N 150 
ILE H2   H N N 151 
ILE HA   H N N 152 
ILE HB   H N N 153 
ILE HG12 H N N 154 
ILE HG13 H N N 155 
ILE HG21 H N N 156 
ILE HG22 H N N 157 
ILE HG23 H N N 158 
ILE HD11 H N N 159 
ILE HD12 H N N 160 
ILE HD13 H N N 161 
ILE HXT  H N N 162 
LEU N    N N N 163 
LEU CA   C N S 164 
LEU C    C N N 165 
LEU O    O N N 166 
LEU CB   C N N 167 
LEU CG   C N N 168 
LEU CD1  C N N 169 
LEU CD2  C N N 170 
LEU OXT  O N N 171 
LEU H    H N N 172 
LEU H2   H N N 173 
LEU HA   H N N 174 
LEU HB2  H N N 175 
LEU HB3  H N N 176 
LEU HG   H N N 177 
LEU HD11 H N N 178 
LEU HD12 H N N 179 
LEU HD13 H N N 180 
LEU HD21 H N N 181 
LEU HD22 H N N 182 
LEU HD23 H N N 183 
LEU HXT  H N N 184 
LYS N    N N N 185 
LYS CA   C N S 186 
LYS C    C N N 187 
LYS O    O N N 188 
LYS CB   C N N 189 
LYS CG   C N N 190 
LYS CD   C N N 191 
LYS CE   C N N 192 
LYS NZ   N N N 193 
LYS OXT  O N N 194 
LYS H    H N N 195 
LYS H2   H N N 196 
LYS HA   H N N 197 
LYS HB2  H N N 198 
LYS HB3  H N N 199 
LYS HG2  H N N 200 
LYS HG3  H N N 201 
LYS HD2  H N N 202 
LYS HD3  H N N 203 
LYS HE2  H N N 204 
LYS HE3  H N N 205 
LYS HZ1  H N N 206 
LYS HZ2  H N N 207 
LYS HZ3  H N N 208 
LYS HXT  H N N 209 
MET N    N N N 210 
MET CA   C N S 211 
MET C    C N N 212 
MET O    O N N 213 
MET CB   C N N 214 
MET CG   C N N 215 
MET SD   S N N 216 
MET CE   C N N 217 
MET OXT  O N N 218 
MET H    H N N 219 
MET H2   H N N 220 
MET HA   H N N 221 
MET HB2  H N N 222 
MET HB3  H N N 223 
MET HG2  H N N 224 
MET HG3  H N N 225 
MET HE1  H N N 226 
MET HE2  H N N 227 
MET HE3  H N N 228 
MET HXT  H N N 229 
PHE N    N N N 230 
PHE CA   C N S 231 
PHE C    C N N 232 
PHE O    O N N 233 
PHE CB   C N N 234 
PHE CG   C Y N 235 
PHE CD1  C Y N 236 
PHE CD2  C Y N 237 
PHE CE1  C Y N 238 
PHE CE2  C Y N 239 
PHE CZ   C Y N 240 
PHE OXT  O N N 241 
PHE H    H N N 242 
PHE H2   H N N 243 
PHE HA   H N N 244 
PHE HB2  H N N 245 
PHE HB3  H N N 246 
PHE HD1  H N N 247 
PHE HD2  H N N 248 
PHE HE1  H N N 249 
PHE HE2  H N N 250 
PHE HZ   H N N 251 
PHE HXT  H N N 252 
PRO N    N N N 253 
PRO CA   C N S 254 
PRO C    C N N 255 
PRO O    O N N 256 
PRO CB   C N N 257 
PRO CG   C N N 258 
PRO CD   C N N 259 
PRO OXT  O N N 260 
PRO H    H N N 261 
PRO HA   H N N 262 
PRO HB2  H N N 263 
PRO HB3  H N N 264 
PRO HG2  H N N 265 
PRO HG3  H N N 266 
PRO HD2  H N N 267 
PRO HD3  H N N 268 
PRO HXT  H N N 269 
SER N    N N N 270 
SER CA   C N S 271 
SER C    C N N 272 
SER O    O N N 273 
SER CB   C N N 274 
SER OG   O N N 275 
SER OXT  O N N 276 
SER H    H N N 277 
SER H2   H N N 278 
SER HA   H N N 279 
SER HB2  H N N 280 
SER HB3  H N N 281 
SER HG   H N N 282 
SER HXT  H N N 283 
SO4 S    S N N 284 
SO4 O1   O N N 285 
SO4 O2   O N N 286 
SO4 O3   O N N 287 
SO4 O4   O N N 288 
THR N    N N N 289 
THR CA   C N S 290 
THR C    C N N 291 
THR O    O N N 292 
THR CB   C N R 293 
THR OG1  O N N 294 
THR CG2  C N N 295 
THR OXT  O N N 296 
THR H    H N N 297 
THR H2   H N N 298 
THR HA   H N N 299 
THR HB   H N N 300 
THR HG1  H N N 301 
THR HG21 H N N 302 
THR HG22 H N N 303 
THR HG23 H N N 304 
THR HXT  H N N 305 
TYR N    N N N 306 
TYR CA   C N S 307 
TYR C    C N N 308 
TYR O    O N N 309 
TYR CB   C N N 310 
TYR CG   C Y N 311 
TYR CD1  C Y N 312 
TYR CD2  C Y N 313 
TYR CE1  C Y N 314 
TYR CE2  C Y N 315 
TYR CZ   C Y N 316 
TYR OH   O N N 317 
TYR OXT  O N N 318 
TYR H    H N N 319 
TYR H2   H N N 320 
TYR HA   H N N 321 
TYR HB2  H N N 322 
TYR HB3  H N N 323 
TYR HD1  H N N 324 
TYR HD2  H N N 325 
TYR HE1  H N N 326 
TYR HE2  H N N 327 
TYR HH   H N N 328 
TYR HXT  H N N 329 
VAL N    N N N 330 
VAL CA   C N S 331 
VAL C    C N N 332 
VAL O    O N N 333 
VAL CB   C N N 334 
VAL CG1  C N N 335 
VAL CG2  C N N 336 
VAL OXT  O N N 337 
VAL H    H N N 338 
VAL H2   H N N 339 
VAL HA   H N N 340 
VAL HB   H N N 341 
VAL HG11 H N N 342 
VAL HG12 H N N 343 
VAL HG13 H N N 344 
VAL HG21 H N N 345 
VAL HG22 H N N 346 
VAL HG23 H N N 347 
VAL HXT  H N N 348 
# 
loop_
_chem_comp_bond.comp_id 
_chem_comp_bond.atom_id_1 
_chem_comp_bond.atom_id_2 
_chem_comp_bond.value_order 
_chem_comp_bond.pdbx_aromatic_flag 
_chem_comp_bond.pdbx_stereo_config 
_chem_comp_bond.pdbx_ordinal 
ALA N   CA   sing N N 1   
ALA N   H    sing N N 2   
ALA N   H2   sing N N 3   
ALA CA  C    sing N N 4   
ALA CA  CB   sing N N 5   
ALA CA  HA   sing N N 6   
ALA C   O    doub N N 7   
ALA C   OXT  sing N N 8   
ALA CB  HB1  sing N N 9   
ALA CB  HB2  sing N N 10  
ALA CB  HB3  sing N N 11  
ALA OXT HXT  sing N N 12  
ARG N   CA   sing N N 13  
ARG N   H    sing N N 14  
ARG N   H2   sing N N 15  
ARG CA  C    sing N N 16  
ARG CA  CB   sing N N 17  
ARG CA  HA   sing N N 18  
ARG C   O    doub N N 19  
ARG C   OXT  sing N N 20  
ARG CB  CG   sing N N 21  
ARG CB  HB2  sing N N 22  
ARG CB  HB3  sing N N 23  
ARG CG  CD   sing N N 24  
ARG CG  HG2  sing N N 25  
ARG CG  HG3  sing N N 26  
ARG CD  NE   sing N N 27  
ARG CD  HD2  sing N N 28  
ARG CD  HD3  sing N N 29  
ARG NE  CZ   sing N N 30  
ARG NE  HE   sing N N 31  
ARG CZ  NH1  sing N N 32  
ARG CZ  NH2  doub N N 33  
ARG NH1 HH11 sing N N 34  
ARG NH1 HH12 sing N N 35  
ARG NH2 HH21 sing N N 36  
ARG NH2 HH22 sing N N 37  
ARG OXT HXT  sing N N 38  
ASN N   CA   sing N N 39  
ASN N   H    sing N N 40  
ASN N   H2   sing N N 41  
ASN CA  C    sing N N 42  
ASN CA  CB   sing N N 43  
ASN CA  HA   sing N N 44  
ASN C   O    doub N N 45  
ASN C   OXT  sing N N 46  
ASN CB  CG   sing N N 47  
ASN CB  HB2  sing N N 48  
ASN CB  HB3  sing N N 49  
ASN CG  OD1  doub N N 50  
ASN CG  ND2  sing N N 51  
ASN ND2 HD21 sing N N 52  
ASN ND2 HD22 sing N N 53  
ASN OXT HXT  sing N N 54  
ASP N   CA   sing N N 55  
ASP N   H    sing N N 56  
ASP N   H2   sing N N 57  
ASP CA  C    sing N N 58  
ASP CA  CB   sing N N 59  
ASP CA  HA   sing N N 60  
ASP C   O    doub N N 61  
ASP C   OXT  sing N N 62  
ASP CB  CG   sing N N 63  
ASP CB  HB2  sing N N 64  
ASP CB  HB3  sing N N 65  
ASP CG  OD1  doub N N 66  
ASP CG  OD2  sing N N 67  
ASP OD2 HD2  sing N N 68  
ASP OXT HXT  sing N N 69  
CYS N   CA   sing N N 70  
CYS N   H    sing N N 71  
CYS N   H2   sing N N 72  
CYS CA  C    sing N N 73  
CYS CA  CB   sing N N 74  
CYS CA  HA   sing N N 75  
CYS C   O    doub N N 76  
CYS C   OXT  sing N N 77  
CYS CB  SG   sing N N 78  
CYS CB  HB2  sing N N 79  
CYS CB  HB3  sing N N 80  
CYS SG  HG   sing N N 81  
CYS OXT HXT  sing N N 82  
GLU N   CA   sing N N 83  
GLU N   H    sing N N 84  
GLU N   H2   sing N N 85  
GLU CA  C    sing N N 86  
GLU CA  CB   sing N N 87  
GLU CA  HA   sing N N 88  
GLU C   O    doub N N 89  
GLU C   OXT  sing N N 90  
GLU CB  CG   sing N N 91  
GLU CB  HB2  sing N N 92  
GLU CB  HB3  sing N N 93  
GLU CG  CD   sing N N 94  
GLU CG  HG2  sing N N 95  
GLU CG  HG3  sing N N 96  
GLU CD  OE1  doub N N 97  
GLU CD  OE2  sing N N 98  
GLU OE2 HE2  sing N N 99  
GLU OXT HXT  sing N N 100 
GLY N   CA   sing N N 101 
GLY N   H    sing N N 102 
GLY N   H2   sing N N 103 
GLY CA  C    sing N N 104 
GLY CA  HA2  sing N N 105 
GLY CA  HA3  sing N N 106 
GLY C   O    doub N N 107 
GLY C   OXT  sing N N 108 
GLY OXT HXT  sing N N 109 
HIS N   CA   sing N N 110 
HIS N   H    sing N N 111 
HIS N   H2   sing N N 112 
HIS CA  C    sing N N 113 
HIS CA  CB   sing N N 114 
HIS CA  HA   sing N N 115 
HIS C   O    doub N N 116 
HIS C   OXT  sing N N 117 
HIS CB  CG   sing N N 118 
HIS CB  HB2  sing N N 119 
HIS CB  HB3  sing N N 120 
HIS CG  ND1  sing Y N 121 
HIS CG  CD2  doub Y N 122 
HIS ND1 CE1  doub Y N 123 
HIS ND1 HD1  sing N N 124 
HIS CD2 NE2  sing Y N 125 
HIS CD2 HD2  sing N N 126 
HIS CE1 NE2  sing Y N 127 
HIS CE1 HE1  sing N N 128 
HIS NE2 HE2  sing N N 129 
HIS OXT HXT  sing N N 130 
HOH O   H1   sing N N 131 
HOH O   H2   sing N N 132 
ILE N   CA   sing N N 133 
ILE N   H    sing N N 134 
ILE N   H2   sing N N 135 
ILE CA  C    sing N N 136 
ILE CA  CB   sing N N 137 
ILE CA  HA   sing N N 138 
ILE C   O    doub N N 139 
ILE C   OXT  sing N N 140 
ILE CB  CG1  sing N N 141 
ILE CB  CG2  sing N N 142 
ILE CB  HB   sing N N 143 
ILE CG1 CD1  sing N N 144 
ILE CG1 HG12 sing N N 145 
ILE CG1 HG13 sing N N 146 
ILE CG2 HG21 sing N N 147 
ILE CG2 HG22 sing N N 148 
ILE CG2 HG23 sing N N 149 
ILE CD1 HD11 sing N N 150 
ILE CD1 HD12 sing N N 151 
ILE CD1 HD13 sing N N 152 
ILE OXT HXT  sing N N 153 
LEU N   CA   sing N N 154 
LEU N   H    sing N N 155 
LEU N   H2   sing N N 156 
LEU CA  C    sing N N 157 
LEU CA  CB   sing N N 158 
LEU CA  HA   sing N N 159 
LEU C   O    doub N N 160 
LEU C   OXT  sing N N 161 
LEU CB  CG   sing N N 162 
LEU CB  HB2  sing N N 163 
LEU CB  HB3  sing N N 164 
LEU CG  CD1  sing N N 165 
LEU CG  CD2  sing N N 166 
LEU CG  HG   sing N N 167 
LEU CD1 HD11 sing N N 168 
LEU CD1 HD12 sing N N 169 
LEU CD1 HD13 sing N N 170 
LEU CD2 HD21 sing N N 171 
LEU CD2 HD22 sing N N 172 
LEU CD2 HD23 sing N N 173 
LEU OXT HXT  sing N N 174 
LYS N   CA   sing N N 175 
LYS N   H    sing N N 176 
LYS N   H2   sing N N 177 
LYS CA  C    sing N N 178 
LYS CA  CB   sing N N 179 
LYS CA  HA   sing N N 180 
LYS C   O    doub N N 181 
LYS C   OXT  sing N N 182 
LYS CB  CG   sing N N 183 
LYS CB  HB2  sing N N 184 
LYS CB  HB3  sing N N 185 
LYS CG  CD   sing N N 186 
LYS CG  HG2  sing N N 187 
LYS CG  HG3  sing N N 188 
LYS CD  CE   sing N N 189 
LYS CD  HD2  sing N N 190 
LYS CD  HD3  sing N N 191 
LYS CE  NZ   sing N N 192 
LYS CE  HE2  sing N N 193 
LYS CE  HE3  sing N N 194 
LYS NZ  HZ1  sing N N 195 
LYS NZ  HZ2  sing N N 196 
LYS NZ  HZ3  sing N N 197 
LYS OXT HXT  sing N N 198 
MET N   CA   sing N N 199 
MET N   H    sing N N 200 
MET N   H2   sing N N 201 
MET CA  C    sing N N 202 
MET CA  CB   sing N N 203 
MET CA  HA   sing N N 204 
MET C   O    doub N N 205 
MET C   OXT  sing N N 206 
MET CB  CG   sing N N 207 
MET CB  HB2  sing N N 208 
MET CB  HB3  sing N N 209 
MET CG  SD   sing N N 210 
MET CG  HG2  sing N N 211 
MET CG  HG3  sing N N 212 
MET SD  CE   sing N N 213 
MET CE  HE1  sing N N 214 
MET CE  HE2  sing N N 215 
MET CE  HE3  sing N N 216 
MET OXT HXT  sing N N 217 
PHE N   CA   sing N N 218 
PHE N   H    sing N N 219 
PHE N   H2   sing N N 220 
PHE CA  C    sing N N 221 
PHE CA  CB   sing N N 222 
PHE CA  HA   sing N N 223 
PHE C   O    doub N N 224 
PHE C   OXT  sing N N 225 
PHE CB  CG   sing N N 226 
PHE CB  HB2  sing N N 227 
PHE CB  HB3  sing N N 228 
PHE CG  CD1  doub Y N 229 
PHE CG  CD2  sing Y N 230 
PHE CD1 CE1  sing Y N 231 
PHE CD1 HD1  sing N N 232 
PHE CD2 CE2  doub Y N 233 
PHE CD2 HD2  sing N N 234 
PHE CE1 CZ   doub Y N 235 
PHE CE1 HE1  sing N N 236 
PHE CE2 CZ   sing Y N 237 
PHE CE2 HE2  sing N N 238 
PHE CZ  HZ   sing N N 239 
PHE OXT HXT  sing N N 240 
PRO N   CA   sing N N 241 
PRO N   CD   sing N N 242 
PRO N   H    sing N N 243 
PRO CA  C    sing N N 244 
PRO CA  CB   sing N N 245 
PRO CA  HA   sing N N 246 
PRO C   O    doub N N 247 
PRO C   OXT  sing N N 248 
PRO CB  CG   sing N N 249 
PRO CB  HB2  sing N N 250 
PRO CB  HB3  sing N N 251 
PRO CG  CD   sing N N 252 
PRO CG  HG2  sing N N 253 
PRO CG  HG3  sing N N 254 
PRO CD  HD2  sing N N 255 
PRO CD  HD3  sing N N 256 
PRO OXT HXT  sing N N 257 
SER N   CA   sing N N 258 
SER N   H    sing N N 259 
SER N   H2   sing N N 260 
SER CA  C    sing N N 261 
SER CA  CB   sing N N 262 
SER CA  HA   sing N N 263 
SER C   O    doub N N 264 
SER C   OXT  sing N N 265 
SER CB  OG   sing N N 266 
SER CB  HB2  sing N N 267 
SER CB  HB3  sing N N 268 
SER OG  HG   sing N N 269 
SER OXT HXT  sing N N 270 
SO4 S   O1   doub N N 271 
SO4 S   O2   doub N N 272 
SO4 S   O3   sing N N 273 
SO4 S   O4   sing N N 274 
THR N   CA   sing N N 275 
THR N   H    sing N N 276 
THR N   H2   sing N N 277 
THR CA  C    sing N N 278 
THR CA  CB   sing N N 279 
THR CA  HA   sing N N 280 
THR C   O    doub N N 281 
THR C   OXT  sing N N 282 
THR CB  OG1  sing N N 283 
THR CB  CG2  sing N N 284 
THR CB  HB   sing N N 285 
THR OG1 HG1  sing N N 286 
THR CG2 HG21 sing N N 287 
THR CG2 HG22 sing N N 288 
THR CG2 HG23 sing N N 289 
THR OXT HXT  sing N N 290 
TYR N   CA   sing N N 291 
TYR N   H    sing N N 292 
TYR N   H2   sing N N 293 
TYR CA  C    sing N N 294 
TYR CA  CB   sing N N 295 
TYR CA  HA   sing N N 296 
TYR C   O    doub N N 297 
TYR C   OXT  sing N N 298 
TYR CB  CG   sing N N 299 
TYR CB  HB2  sing N N 300 
TYR CB  HB3  sing N N 301 
TYR CG  CD1  doub Y N 302 
TYR CG  CD2  sing Y N 303 
TYR CD1 CE1  sing Y N 304 
TYR CD1 HD1  sing N N 305 
TYR CD2 CE2  doub Y N 306 
TYR CD2 HD2  sing N N 307 
TYR CE1 CZ   doub Y N 308 
TYR CE1 HE1  sing N N 309 
TYR CE2 CZ   sing Y N 310 
TYR CE2 HE2  sing N N 311 
TYR CZ  OH   sing N N 312 
TYR OH  HH   sing N N 313 
TYR OXT HXT  sing N N 314 
VAL N   CA   sing N N 315 
VAL N   H    sing N N 316 
VAL N   H2   sing N N 317 
VAL CA  C    sing N N 318 
VAL CA  CB   sing N N 319 
VAL CA  HA   sing N N 320 
VAL C   O    doub N N 321 
VAL C   OXT  sing N N 322 
VAL CB  CG1  sing N N 323 
VAL CB  CG2  sing N N 324 
VAL CB  HB   sing N N 325 
VAL CG1 HG11 sing N N 326 
VAL CG1 HG12 sing N N 327 
VAL CG1 HG13 sing N N 328 
VAL CG2 HG21 sing N N 329 
VAL CG2 HG22 sing N N 330 
VAL CG2 HG23 sing N N 331 
VAL OXT HXT  sing N N 332 
# 
_pdbx_initial_refinement_model.id               1 
_pdbx_initial_refinement_model.entity_id_list   ? 
_pdbx_initial_refinement_model.type             'experimental model' 
_pdbx_initial_refinement_model.source_name      PDB 
_pdbx_initial_refinement_model.accession_code   1UBQ 
_pdbx_initial_refinement_model.details          ? 
# 
_atom_sites.entry_id                    6FJ7 
_atom_sites.fract_transf_matrix[1][1]   -0.02344956 
_atom_sites.fract_transf_matrix[1][2]   -0.01926877 
_atom_sites.fract_transf_matrix[1][3]   -0.01522638 
_atom_sites.fract_transf_matrix[2][1]   -0.01419028 
_atom_sites.fract_transf_matrix[2][2]   0.00276578 
_atom_sites.fract_transf_matrix[2][3]   0.01835383 
_atom_sites.fract_transf_matrix[3][1]   -0.00763828 
_atom_sites.fract_transf_matrix[3][2]   0.01584955 
_atom_sites.fract_transf_matrix[3][3]   -0.00829395 
_atom_sites.fract_transf_vector[1]      -0.457613 
_atom_sites.fract_transf_vector[2]      -0.166792 
_atom_sites.fract_transf_vector[3]      0.173197 
# 
loop_
_atom_type.symbol 
C 
N 
O 
S 
# 
loop_
_atom_site.group_PDB 
_atom_site.id 
_atom_site.type_symbol 
_atom_site.label_atom_id 
_atom_site.label_alt_id 
_atom_site.label_comp_id 
_atom_site.label_asym_id 
_atom_site.label_entity_id 
_atom_site.label_seq_id 
_atom_site.pdbx_PDB_ins_code 
_atom_site.Cartn_x 
_atom_site.Cartn_y 
_atom_site.Cartn_z 
_atom_site.occupancy 
_atom_site.B_iso_or_equiv 
_atom_site.pdbx_formal_charge 
_atom_site.auth_seq_id 
_atom_site.auth_comp_id 
_atom_site.auth_asym_id 
_atom_site.auth_atom_id 
_atom_site.pdbx_PDB_model_num 
ATOM   1   N N   . GLY A 1 1  ? -5.483  -9.824  -15.107 1.00 25.52 ? -1  GLY A N   1 
ATOM   2   C CA  . GLY A 1 1  ? -5.034  -8.537  -15.692 1.00 26.22 ? -1  GLY A CA  1 
ATOM   3   C C   . GLY A 1 1  ? -4.345  -7.728  -14.626 1.00 20.37 ? -1  GLY A C   1 
ATOM   4   O O   . GLY A 1 1  ? -3.838  -8.318  -13.671 1.00 23.36 ? -1  GLY A O   1 
ATOM   5   N N   . HIS A 1 2  ? -4.222  -6.405  -14.831 1.00 23.87 ? 0   HIS A N   1 
ATOM   6   C CA  . HIS A 1 2  ? -3.541  -5.510  -13.838 1.00 18.41 ? 0   HIS A CA  1 
ATOM   7   C C   . HIS A 1 2  ? -4.248  -4.163  -13.709 1.00 20.09 ? 0   HIS A C   1 
ATOM   8   O O   . HIS A 1 2  ? -4.868  -3.675  -14.629 1.00 29.35 ? 0   HIS A O   1 
ATOM   9   C CB  . HIS A 1 2  ? -2.061  -5.280  -14.235 1.00 23.85 ? 0   HIS A CB  1 
ATOM   10  C CG  . HIS A 1 2  ? -1.170  -6.470  -14.008 1.00 31.05 ? 0   HIS A CG  1 
ATOM   11  N ND1 . HIS A 1 2  ? -0.998  -7.468  -14.944 1.00 30.42 ? 0   HIS A ND1 1 
ATOM   12  C CD2 . HIS A 1 2  ? -0.332  -6.774  -12.983 1.00 27.89 ? 0   HIS A CD2 1 
ATOM   13  C CE1 . HIS A 1 2  ? -0.162  -8.377  -14.470 1.00 33.70 ? 0   HIS A CE1 1 
ATOM   14  N NE2 . HIS A 1 2  ? 0.245   -7.985  -13.272 1.00 29.63 ? 0   HIS A NE2 1 
ATOM   15  N N   . MET A 1 3  ? -4.157  -3.594  -12.516 1.00 16.26 ? 1   MET A N   1 
ATOM   16  C CA  A MET A 1 3  ? -4.700  -2.238  -12.293 0.50 18.45 ? 1   MET A CA  1 
ATOM   17  C CA  B MET A 1 3  ? -4.729  -2.328  -12.112 0.50 16.71 ? 1   MET A CA  1 
ATOM   18  C C   . MET A 1 3  ? -3.579  -1.381  -11.765 1.00 13.69 ? 1   MET A C   1 
ATOM   19  O O   . MET A 1 3  ? -2.685  -1.829  -11.058 1.00 15.92 ? 1   MET A O   1 
ATOM   20  C CB  A MET A 1 3  ? -5.882  -2.161  -11.276 0.50 19.49 ? 1   MET A CB  1 
ATOM   21  C CB  B MET A 1 3  ? -5.594  -2.608  -10.855 0.50 13.88 ? 1   MET A CB  1 
ATOM   22  C CG  A MET A 1 3  ? -7.272  -2.489  -11.782 0.50 20.08 ? 1   MET A CG  1 
ATOM   23  C CG  B MET A 1 3  ? -6.944  -3.087  -11.262 0.50 15.30 ? 1   MET A CG  1 
ATOM   24  S SD  A MET A 1 3  ? -8.444  -2.540  -10.401 0.50 23.13 ? 1   MET A SD  1 
ATOM   25  S SD  B MET A 1 3  ? -7.877  -3.141  -9.764  0.50 20.79 ? 1   MET A SD  1 
ATOM   26  C CE  A MET A 1 3  ? -7.802  -3.906  -9.457  0.50 16.57 ? 1   MET A CE  1 
ATOM   27  C CE  B MET A 1 3  ? -9.273  -4.129  -10.341 0.50 20.59 ? 1   MET A CE  1 
ATOM   28  N N   . LYS A 1 4  ? -3.639  -0.107  -12.159 1.00 13.45 ? 2   LYS A N   1 
ATOM   29  C CA  . LYS A 1 4  ? -2.681  0.862   -11.669 1.00 12.31 ? 2   LYS A CA  1 
ATOM   30  C C   . LYS A 1 4  ? -3.146  1.449   -10.363 1.00 13.20 ? 2   LYS A C   1 
ATOM   31  O O   . LYS A 1 4  ? -4.272  1.909   -10.282 1.00 17.26 ? 2   LYS A O   1 
ATOM   32  C CB  . LYS A 1 4  ? -2.461  1.984   -12.709 1.00 15.65 ? 2   LYS A CB  1 
ATOM   33  N N   . ILE A 1 5  ? -2.328  1.367   -9.314  1.00 11.52 ? 3   ILE A N   1 
ATOM   34  C CA  . ILE A 1 5  ? -2.663  1.952   -8.024  1.00 11.78 ? 3   ILE A CA  1 
ATOM   35  C C   . ILE A 1 5  ? -1.537  2.875   -7.595  1.00 10.04 ? 3   ILE A C   1 
ATOM   36  O O   . ILE A 1 5  ? -0.376  2.727   -7.961  1.00 12.46 ? 3   ILE A O   1 
ATOM   37  C CB  . ILE A 1 5  ? -2.972  0.915   -6.992  1.00 13.22 ? 3   ILE A CB  1 
ATOM   38  C CG1 . ILE A 1 5  ? -1.811  0.058   -6.656  1.00 14.14 ? 3   ILE A CG1 1 
ATOM   39  C CG2 . ILE A 1 5  ? -4.193  0.068   -7.343  1.00 16.08 ? 3   ILE A CG2 1 
ATOM   40  C CD1 . ILE A 1 5  ? -1.950  -0.852  -5.440  1.00 15.92 ? 3   ILE A CD1 1 
ATOM   41  N N   . LYS A 1 6  ? -1.918  3.866   -6.821  1.00 9.72  ? 4   LYS A N   1 
ATOM   42  C CA  . LYS A 1 6  ? -0.999  4.819   -6.227  1.00 10.11 ? 4   LYS A CA  1 
ATOM   43  C C   . LYS A 1 6  ? -0.905  4.579   -4.729  1.00 8.80  ? 4   LYS A C   1 
ATOM   44  O O   . LYS A 1 6  ? -1.889  4.217   -4.105  1.00 10.70 ? 4   LYS A O   1 
ATOM   45  C CB  . LYS A 1 6  ? -1.518  6.218   -6.514  1.00 12.55 ? 4   LYS A CB  1 
ATOM   46  C CG  . LYS A 1 6  ? -1.692  6.451   -7.975  1.00 22.14 ? 4   LYS A CG  1 
ATOM   47  N N   . ILE A 1 7  ? 0.294   4.749   -4.175  1.00 8.40  ? 5   ILE A N   1 
ATOM   48  C CA  A ILE A 1 7  ? 0.549   4.607   -2.751  0.50 8.05  ? 5   ILE A CA  1 
ATOM   49  C CA  B ILE A 1 7  ? 0.474   4.634   -2.725  0.50 8.50  ? 5   ILE A CA  1 
ATOM   50  C C   . ILE A 1 7  ? 1.088   5.937   -2.270  1.00 8.57  ? 5   ILE A C   1 
ATOM   51  O O   . ILE A 1 7  ? 2.160   6.330   -2.734  1.00 10.86 ? 5   ILE A O   1 
ATOM   52  C CB  A ILE A 1 7  ? 1.607   3.543   -2.495  0.50 8.88  ? 5   ILE A CB  1 
ATOM   53  C CB  B ILE A 1 7  ? 1.230   3.368   -2.257  0.50 10.41 ? 5   ILE A CB  1 
ATOM   54  C CG1 A ILE A 1 7  ? 1.331   2.246   -3.243  0.50 8.03  ? 5   ILE A CG1 1 
ATOM   55  C CG1 B ILE A 1 7  ? 0.563   2.088   -2.824  0.50 11.94 ? 5   ILE A CG1 1 
ATOM   56  C CG2 A ILE A 1 7  ? 1.776   3.328   -0.989  0.50 9.39  ? 5   ILE A CG2 1 
ATOM   57  C CG2 B ILE A 1 7  ? 1.216   3.301   -0.716  0.50 11.08 ? 5   ILE A CG2 1 
ATOM   58  C CD1 A ILE A 1 7  ? 0.057   1.553   -2.837  0.50 8.69  ? 5   ILE A CD1 1 
ATOM   59  C CD1 B ILE A 1 7  ? 1.124   1.583   -4.141  0.50 13.04 ? 5   ILE A CD1 1 
ATOM   60  N N   . VAL A 1 8  ? 0.398   6.613   -1.392  1.00 8.91  ? 6   VAL A N   1 
ATOM   61  C CA  A VAL A 1 8  ? 0.889   7.902   -0.959  0.50 11.09 ? 6   VAL A CA  1 
ATOM   62  C CA  B VAL A 1 8  ? 0.733   7.968   -0.970  0.50 10.88 ? 6   VAL A CA  1 
ATOM   63  C C   . VAL A 1 8  ? 1.102   7.924   0.519   1.00 10.85 ? 6   VAL A C   1 
ATOM   64  O O   . VAL A 1 8  ? 0.358   7.373   1.290   1.00 12.19 ? 6   VAL A O   1 
ATOM   65  C CB  A VAL A 1 8  ? -0.062  9.060   -1.310  0.50 13.53 ? 6   VAL A CB  1 
ATOM   66  C CB  B VAL A 1 8  ? -0.520  8.874   -1.225  0.50 13.66 ? 6   VAL A CB  1 
ATOM   67  C CG1 A VAL A 1 8  ? -0.207  9.251   -2.829  0.50 13.77 ? 6   VAL A CG1 1 
ATOM   68  C CG1 B VAL A 1 8  ? -0.239  10.326  -0.854  0.50 17.03 ? 6   VAL A CG1 1 
ATOM   69  C CG2 A VAL A 1 8  ? -1.399  8.898   -0.614  0.50 13.54 ? 6   VAL A CG2 1 
ATOM   70  C CG2 B VAL A 1 8  ? -1.020  8.793   -2.679  0.50 14.00 ? 6   VAL A CG2 1 
ATOM   71  N N   . PRO A 1 9  ? 2.197   8.548   0.951   1.00 11.89 ? 7   PRO A N   1 
ATOM   72  C CA  A PRO A 1 9  ? 2.432   8.597   2.407   0.50 12.30 ? 7   PRO A CA  1 
ATOM   73  C CA  B PRO A 1 9  ? 2.493   8.704   2.375   0.50 13.04 ? 7   PRO A CA  1 
ATOM   74  C C   . PRO A 1 9  ? 1.394   9.478   3.105   1.00 11.34 ? 7   PRO A C   1 
ATOM   75  O O   . PRO A 1 9  ? 0.975   10.477  2.632   1.00 14.74 ? 7   PRO A O   1 
ATOM   76  C CB  A PRO A 1 9  ? 3.824   9.225   2.524   0.50 15.03 ? 7   PRO A CB  1 
ATOM   77  C CB  B PRO A 1 9  ? 3.811   9.483   2.337   0.50 15.80 ? 7   PRO A CB  1 
ATOM   78  C CG  A PRO A 1 9  ? 3.828   10.220  1.395   0.50 16.11 ? 7   PRO A CG  1 
ATOM   79  C CG  B PRO A 1 9  ? 4.482   8.851   1.148   0.50 16.66 ? 7   PRO A CG  1 
ATOM   80  C CD  A PRO A 1 9  ? 3.096   9.510   0.252   0.50 14.82 ? 7   PRO A CD  1 
ATOM   81  C CD  B PRO A 1 9  ? 3.401   8.791   0.127   0.50 13.59 ? 7   PRO A CD  1 
ATOM   82  N N   . ALA A 1 10 ? 1.016   9.017   4.282   1.00 12.14 ? 8   ALA A N   1 
ATOM   83  C CA  . ALA A 1 10 ? 0.077   9.719   5.097   1.00 13.26 ? 8   ALA A CA  1 
ATOM   84  C C   . ALA A 1 10 ? 0.630   11.074  5.578   1.00 14.51 ? 8   ALA A C   1 
ATOM   85  O O   . ALA A 1 10 ? -0.150  11.968  5.779   1.00 18.70 ? 8   ALA A O   1 
ATOM   86  C CB  . ALA A 1 10 ? -0.300  8.908   6.337   1.00 14.99 ? 8   ALA A CB  1 
ATOM   87  N N   . VAL A 1 11 ? 1.954   11.125  5.812   1.00 13.79 ? 9   VAL A N   1 
ATOM   88  C CA  . VAL A 1 11 ? 2.631   12.322  6.271   1.00 17.24 ? 9   VAL A CA  1 
ATOM   89  C C   . VAL A 1 11 ? 3.954   12.488  5.534   1.00 16.38 ? 9   VAL A C   1 
ATOM   90  O O   . VAL A 1 11 ? 4.523   11.503  5.071   1.00 16.95 ? 9   VAL A O   1 
ATOM   91  C CB  . VAL A 1 11 ? 2.892   12.311  7.812   1.00 18.14 ? 9   VAL A CB  1 
ATOM   92  C CG1 . VAL A 1 11 ? 1.596   12.160  8.565   1.00 20.54 ? 9   VAL A CG1 1 
ATOM   93  C CG2 . VAL A 1 11 ? 3.883   11.209  8.215   1.00 20.22 ? 9   VAL A CG2 1 
ATOM   94  N N   . GLY A 1 12 ? 4.412   13.746  5.441   1.00 18.79 ? 10  GLY A N   1 
ATOM   95  C CA  . GLY A 1 12 ? 5.744   14.033  4.892   1.00 16.24 ? 10  GLY A CA  1 
ATOM   96  C C   . GLY A 1 12 ? 5.861   14.050  3.414   1.00 16.72 ? 10  GLY A C   1 
ATOM   97  O O   . GLY A 1 12 ? 4.866   13.917  2.687   1.00 19.95 ? 10  GLY A O   1 
ATOM   98  N N   . GLY A 1 13 ? 7.097   14.237  2.978   1.00 17.44 ? 11  GLY A N   1 
ATOM   99  C CA  . GLY A 1 13 ? 7.360   14.476  1.579   1.00 19.38 ? 11  GLY A CA  1 
ATOM   100 C C   . GLY A 1 13 ? 7.917   13.255  0.843   1.00 20.88 ? 11  GLY A C   1 
ATOM   101 O O   . GLY A 1 13 ? 8.561   13.448  -0.205  1.00 23.86 ? 11  GLY A O   1 
ATOM   102 N N   . GLY A 1 14 ? 7.787   12.033  1.390   1.00 20.18 ? 12  GLY A N   1 
ATOM   103 C CA  . GLY A 1 14 ? 8.227   10.836  0.682   1.00 21.19 ? 12  GLY A CA  1 
ATOM   104 C C   . GLY A 1 14 ? 7.520   10.663  -0.626  1.00 18.00 ? 12  GLY A C   1 
ATOM   105 O O   . GLY A 1 14 ? 6.392   11.191  -0.858  1.00 19.75 ? 12  GLY A O   1 
ATOM   106 N N   . SER A 1 15 ? 8.195   10.043  -1.574  1.00 18.70 ? 13  SER A N   1 
ATOM   107 C CA  B SER A 1 15 ? 7.608   9.989   -2.906  0.50 19.11 ? 13  SER A CA  1 
ATOM   108 C CA  C SER A 1 15 ? 7.627   9.934   -2.926  0.50 17.46 ? 13  SER A CA  1 
ATOM   109 C C   . SER A 1 15 ? 6.407   9.026   -2.939  1.00 14.23 ? 13  SER A C   1 
ATOM   110 O O   . SER A 1 15 ? 6.476   7.935   -2.420  1.00 15.38 ? 13  SER A O   1 
ATOM   111 C CB  B SER A 1 15 ? 8.603   9.545   -3.957  0.50 24.28 ? 13  SER A CB  1 
ATOM   112 C CB  C SER A 1 15 ? 8.619   9.345   -3.888  0.50 18.16 ? 13  SER A CB  1 
ATOM   113 O OG  B SER A 1 15 ? 8.014   9.594   -5.253  0.50 28.96 ? 13  SER A OG  1 
ATOM   114 O OG  C SER A 1 15 ? 9.603   10.327  -4.189  0.50 22.60 ? 13  SER A OG  1 
ATOM   115 N N   . PRO A 1 16 ? 5.351   9.444   -3.660  1.00 14.10 ? 14  PRO A N   1 
ATOM   116 C CA  A PRO A 1 16 ? 4.319   8.427   -3.973  0.50 12.51 ? 14  PRO A CA  1 
ATOM   117 C CA  B PRO A 1 16 ? 4.288   8.470   -3.999  0.50 12.41 ? 14  PRO A CA  1 
ATOM   118 C C   . PRO A 1 16 ? 4.827   7.384   -4.894  1.00 10.29 ? 14  PRO A C   1 
ATOM   119 O O   . PRO A 1 16 ? 5.723   7.617   -5.689  1.00 11.59 ? 14  PRO A O   1 
ATOM   120 C CB  A PRO A 1 16 ? 3.250   9.232   -4.677  0.50 16.91 ? 14  PRO A CB  1 
ATOM   121 C CB  B PRO A 1 16 ? 3.274   9.326   -4.734  0.50 15.56 ? 14  PRO A CB  1 
ATOM   122 C CG  A PRO A 1 16 ? 3.976   10.373  -5.330  0.50 20.97 ? 14  PRO A CG  1 
ATOM   123 C CG  B PRO A 1 16 ? 3.484   10.731  -4.214  0.50 17.75 ? 14  PRO A CG  1 
ATOM   124 C CD  A PRO A 1 16 ? 5.173   10.659  -4.464  0.50 19.59 ? 14  PRO A CD  1 
ATOM   125 C CD  B PRO A 1 16 ? 4.945   10.835  -3.874  0.50 17.33 ? 14  PRO A CD  1 
ATOM   126 N N   . LEU A 1 17 ? 4.204   6.226   -4.767  1.00 9.26  ? 15  LEU A N   1 
ATOM   127 C CA  . LEU A 1 17 ? 4.505   5.089   -5.620  1.00 9.46  ? 15  LEU A CA  1 
ATOM   128 C C   . LEU A 1 17 ? 3.375   4.891   -6.596  1.00 9.04  ? 15  LEU A C   1 
ATOM   129 O O   . LEU A 1 17 ? 2.224   5.196   -6.286  1.00 10.16 ? 15  LEU A O   1 
ATOM   130 C CB  . LEU A 1 17 ? 4.719   3.804   -4.801  1.00 9.70  ? 15  LEU A CB  1 
ATOM   131 C CG  . LEU A 1 17 ? 5.745   3.865   -3.685  1.00 9.88  ? 15  LEU A CG  1 
ATOM   132 C CD1 . LEU A 1 17 ? 5.726   2.559   -2.931  1.00 12.65 ? 15  LEU A CD1 1 
ATOM   133 C CD2 . LEU A 1 17 ? 7.113   4.224   -4.127  1.00 12.24 ? 15  LEU A CD2 1 
ATOM   134 N N   . GLU A 1 18 ? 3.691   4.326   -7.762  1.00 8.77  ? 16  GLU A N   1 
ATOM   135 C CA  . GLU A 1 18 ? 2.665   3.896   -8.707  1.00 9.26  ? 16  GLU A CA  1 
ATOM   136 C C   . GLU A 1 18 ? 3.012   2.496   -9.111  1.00 8.86  ? 16  GLU A C   1 
ATOM   137 O O   . GLU A 1 18 ? 4.125   2.260   -9.601  1.00 10.18 ? 16  GLU A O   1 
ATOM   138 C CB  . GLU A 1 18 ? 2.551   4.779   -9.962  1.00 12.09 ? 16  GLU A CB  1 
ATOM   139 C CG  . GLU A 1 18 ? 1.399   4.242   -10.811 1.00 14.94 ? 16  GLU A CG  1 
ATOM   140 C CD  . GLU A 1 18 ? 1.175   4.870   -12.188 1.00 19.08 ? 16  GLU A CD  1 
ATOM   141 O OE1 . GLU A 1 18 ? 1.961   5.697   -12.665 1.00 22.26 ? 16  GLU A OE1 1 
ATOM   142 O OE2 . GLU A 1 18 ? 0.242   4.382   -12.917 1.00 20.08 ? 16  GLU A OE2 1 
ATOM   143 N N   . LEU A 1 19 ? 2.090   1.574   -8.900  1.00 9.57  ? 17  LEU A N   1 
ATOM   144 C CA  . LEU A 1 19 ? 2.304   0.165   -9.111  1.00 10.51 ? 17  LEU A CA  1 
ATOM   145 C C   . LEU A 1 19 ? 1.244   -0.413  -10.007 1.00 10.58 ? 17  LEU A C   1 
ATOM   146 O O   . LEU A 1 19 ? 0.073   -0.114  -9.828  1.00 12.20 ? 17  LEU A O   1 
ATOM   147 C CB  . LEU A 1 19 ? 2.258   -0.580  -7.756  1.00 11.68 ? 17  LEU A CB  1 
ATOM   148 C CG  . LEU A 1 19 ? 3.266   -0.129  -6.734  1.00 14.49 ? 17  LEU A CG  1 
ATOM   149 C CD1 . LEU A 1 19 ? 3.073   -0.911  -5.430  1.00 19.67 ? 17  LEU A CD1 1 
ATOM   150 C CD2 . LEU A 1 19 ? 4.720   -0.132  -7.178  1.00 17.98 ? 17  LEU A CD2 1 
ATOM   151 N N   . GLU A 1 20 ? 1.606   -1.303  -10.929 1.00 10.81 ? 18  GLU A N   1 
ATOM   152 C CA  A GLU A 1 20 ? 0.587   -2.060  -11.639 0.50 12.53 ? 18  GLU A CA  1 
ATOM   153 C CA  B GLU A 1 20 ? 0.625   -2.162  -11.636 0.50 12.23 ? 18  GLU A CA  1 
ATOM   154 C C   . GLU A 1 20 ? 0.494   -3.436  -10.898 1.00 13.85 ? 18  GLU A C   1 
ATOM   155 O O   . GLU A 1 20 ? 1.469   -4.111  -10.741 1.00 18.53 ? 18  GLU A O   1 
ATOM   156 C CB  A GLU A 1 20 ? 0.925   -2.060  -13.167 0.50 12.42 ? 18  GLU A CB  1 
ATOM   157 C CB  B GLU A 1 20 ? 1.115   -2.557  -13.020 0.50 14.51 ? 18  GLU A CB  1 
ATOM   158 C CG  A GLU A 1 20 ? -0.177  -2.555  -14.085 0.50 11.51 ? 18  GLU A CG  1 
ATOM   159 C CG  B GLU A 1 20 ? 0.937   -1.459  -14.049 0.50 15.97 ? 18  GLU A CG  1 
ATOM   160 C CD  A GLU A 1 20 ? -0.180  -1.795  -15.386 0.50 20.62 ? 18  GLU A CD  1 
ATOM   161 C CD  B GLU A 1 20 ? -0.478  -1.098  -14.453 0.50 15.84 ? 18  GLU A CD  1 
ATOM   162 O OE1 A GLU A 1 20 ? 0.886   -1.560  -15.933 0.50 15.02 ? 18  GLU A OE1 1 
ATOM   163 O OE1 B GLU A 1 20 ? -0.675  -0.091  -15.166 0.50 22.17 ? 18  GLU A OE1 1 
ATOM   164 O OE2 A GLU A 1 20 ? -1.252  -1.334  -15.835 0.50 33.53 ? 18  GLU A OE2 1 
ATOM   165 O OE2 B GLU A 1 20 ? -1.390  -1.862  -14.168 0.50 20.37 ? 18  GLU A OE2 1 
ATOM   166 N N   . VAL A 1 21 ? -0.721  -3.749  -10.449 1.00 12.91 ? 19  VAL A N   1 
ATOM   167 C CA  B VAL A 1 21 ? -0.991  -4.794  -9.458  0.50 13.58 ? 19  VAL A CA  1 
ATOM   168 C CA  C VAL A 1 21 ? -0.920  -4.863  -9.544  0.50 14.91 ? 19  VAL A CA  1 
ATOM   169 C C   . VAL A 1 21 ? -2.051  -5.747  -10.052 1.00 14.06 ? 19  VAL A C   1 
ATOM   170 O O   . VAL A 1 21 ? -3.021  -5.294  -10.634 1.00 15.56 ? 19  VAL A O   1 
ATOM   171 C CB  B VAL A 1 21 ? -1.494  -4.204  -8.106  0.50 13.41 ? 19  VAL A CB  1 
ATOM   172 C CB  C VAL A 1 21 ? -1.290  -4.423  -8.129  0.50 14.27 ? 19  VAL A CB  1 
ATOM   173 C CG1 B VAL A 1 21 ? -1.719  -5.296  -7.061  0.50 13.49 ? 19  VAL A CG1 1 
ATOM   174 C CG1 C VAL A 1 21 ? -0.085  -3.727  -7.440  0.50 13.88 ? 19  VAL A CG1 1 
ATOM   175 C CG2 B VAL A 1 21 ? -0.485  -3.196  -7.529  0.50 13.33 ? 19  VAL A CG2 1 
ATOM   176 C CG2 C VAL A 1 21 ? -2.542  -3.543  -8.191  0.50 15.68 ? 19  VAL A CG2 1 
ATOM   177 N N   . ALA A 1 22 ? -1.888  -7.037  -9.844  1.00 16.32 ? 20  ALA A N   1 
ATOM   178 C CA  . ALA A 1 22 ? -2.908  -8.011  -10.266 1.00 16.71 ? 20  ALA A CA  1 
ATOM   179 C C   . ALA A 1 22 ? -4.139  -7.914  -9.349  1.00 13.67 ? 20  ALA A C   1 
ATOM   180 O O   . ALA A 1 22 ? -4.038  -7.742  -8.162  1.00 14.56 ? 20  ALA A O   1 
ATOM   181 C CB  . ALA A 1 22 ? -2.323  -9.389  -10.122 1.00 18.98 ? 20  ALA A CB  1 
ATOM   182 N N   . PRO A 1 23 ? -5.348  -8.088  -9.913  1.00 14.94 ? 21  PRO A N   1 
ATOM   183 C CA  . PRO A 1 23 ? -6.552  -7.996  -9.075  1.00 15.36 ? 21  PRO A CA  1 
ATOM   184 C C   . PRO A 1 23 ? -6.662  -9.104  -8.010  1.00 13.08 ? 21  PRO A C   1 
ATOM   185 O O   . PRO A 1 23 ? -7.287  -8.891  -6.992  1.00 13.66 ? 21  PRO A O   1 
ATOM   186 C CB  . PRO A 1 23 ? -7.741  -8.046  -10.054 1.00 18.32 ? 21  PRO A CB  1 
ATOM   187 C CG  . PRO A 1 23 ? -7.128  -7.706  -11.304 1.00 26.54 ? 21  PRO A CG  1 
ATOM   188 C CD  . PRO A 1 23 ? -5.704  -8.137  -11.335 1.00 18.31 ? 21  PRO A CD  1 
ATOM   189 N N   . ASN A 1 24 ? -5.998  -10.233 -8.256  1.00 11.01 ? 22  ASN A N   1 
ATOM   190 C CA  . ASN A 1 24 ? -5.947  -11.346 -7.310  1.00 10.83 ? 22  ASN A CA  1 
ATOM   191 C C   . ASN A 1 24 ? -4.807  -11.207 -6.310  1.00 10.03 ? 22  ASN A C   1 
ATOM   192 O O   . ASN A 1 24 ? -4.670  -12.058 -5.435  1.00 10.42 ? 22  ASN A O   1 
ATOM   193 C CB  . ASN A 1 24 ? -5.870  -12.698 -8.060  1.00 11.14 ? 22  ASN A CB  1 
ATOM   194 C CG  . ASN A 1 24 ? -4.648  -12.780 -8.946  1.00 11.82 ? 22  ASN A CG  1 
ATOM   195 O OD1 . ASN A 1 24 ? -4.478  -11.953 -9.848  1.00 15.83 ? 22  ASN A OD1 1 
ATOM   196 N ND2 . ASN A 1 24 ? -3.791  -13.766 -8.706  1.00 12.28 ? 22  ASN A ND2 1 
ATOM   197 N N   . ALA A 1 25 ? -3.963  -10.166 -6.461  1.00 10.33 ? 23  ALA A N   1 
ATOM   198 C CA  . ALA A 1 25 ? -3.038  -9.856  -5.406  1.00 10.43 ? 23  ALA A CA  1 
ATOM   199 C C   . ALA A 1 25 ? -3.799  -9.374  -4.188  1.00 9.87  ? 23  ALA A C   1 
ATOM   200 O O   . ALA A 1 25 ? -4.908  -8.865  -4.301  1.00 11.32 ? 23  ALA A O   1 
ATOM   201 C CB  . ALA A 1 25 ? -2.051  -8.768  -5.847  1.00 11.95 ? 23  ALA A CB  1 
ATOM   202 N N   . THR A 1 26 ? -3.171  -9.484  -3.020  1.00 9.74  ? 24  THR A N   1 
ATOM   203 C CA  . THR A 1 26 ? -3.788  -9.060  -1.798  1.00 10.17 ? 24  THR A CA  1 
ATOM   204 C C   . THR A 1 26 ? -3.192  -7.776  -1.258  1.00 9.17  ? 24  THR A C   1 
ATOM   205 O O   . THR A 1 26 ? -2.089  -7.342  -1.648  1.00 9.78  ? 24  THR A O   1 
ATOM   206 C CB  . THR A 1 26 ? -3.662  -10.159 -0.736  1.00 10.23 ? 24  THR A CB  1 
ATOM   207 O OG1 . THR A 1 26 ? -2.272  -10.407 -0.459  1.00 10.96 ? 24  THR A OG1 1 
ATOM   208 C CG2 . THR A 1 26 ? -4.374  -11.422 -1.178  1.00 11.97 ? 24  THR A CG2 1 
ATOM   209 N N   . VAL A 1 27 ? -3.905  -7.180  -0.312  1.00 9.38  ? 25  VAL A N   1 
ATOM   210 C CA  . VAL A 1 27 ? -3.405  -6.028  0.418   1.00 10.06 ? 25  VAL A CA  1 
ATOM   211 C C   . VAL A 1 27 ? -2.053  -6.350  1.041   1.00 9.27  ? 25  VAL A C   1 
ATOM   212 O O   . VAL A 1 27 ? -1.135  -5.504  1.008   1.00 10.17 ? 25  VAL A O   1 
ATOM   213 C CB  . VAL A 1 27 ? -4.416  -5.594  1.520   1.00 12.16 ? 25  VAL A CB  1 
ATOM   214 C CG1 . VAL A 1 27 ? -3.831  -4.569  2.427   1.00 13.05 ? 25  VAL A CG1 1 
ATOM   215 C CG2 . VAL A 1 27 ? -5.707  -5.108  0.886   1.00 12.71 ? 25  VAL A CG2 1 
ATOM   216 N N   . GLY A 1 28 ? -1.906  -7.521  1.622   1.00 9.86  ? 26  GLY A N   1 
ATOM   217 C CA  . GLY A 1 28 ? -0.613  -7.854  2.213   1.00 10.99 ? 26  GLY A CA  1 
ATOM   218 C C   . GLY A 1 28 ? 0.494   -7.878  1.239   1.00 10.69 ? 26  GLY A C   1 
ATOM   219 O O   . GLY A 1 28 ? 1.618   -7.489  1.586   1.00 11.07 ? 26  GLY A O   1 
ATOM   220 N N   . ALA A 1 29 ? 0.229   -8.383  0.037   1.00 9.96  ? 27  ALA A N   1 
ATOM   221 C CA  . ALA A 1 29 ? 1.217   -8.343  -1.027  1.00 10.72 ? 27  ALA A CA  1 
ATOM   222 C C   . ALA A 1 29 ? 1.596   -6.933  -1.427  1.00 9.15  ? 27  ALA A C   1 
ATOM   223 O O   . ALA A 1 29 ? 2.783   -6.638  -1.683  1.00 9.52  ? 27  ALA A O   1 
ATOM   224 C CB  . ALA A 1 29 ? 0.706   -9.090  -2.235  1.00 12.10 ? 27  ALA A CB  1 
ATOM   225 N N   . VAL A 1 30 ? 0.599   -6.050  -1.526  1.00 8.88  ? 28  VAL A N   1 
ATOM   226 C CA  . VAL A 1 30 ? 0.902   -4.650  -1.817  1.00 8.81  ? 28  VAL A CA  1 
ATOM   227 C C   . VAL A 1 30 ? 1.795   -4.084  -0.711  1.00 8.20  ? 28  VAL A C   1 
ATOM   228 O O   . VAL A 1 30 ? 2.769   -3.388  -0.995  1.00 8.59  ? 28  VAL A O   1 
ATOM   229 C CB  . VAL A 1 30 ? -0.362  -3.817  -2.016  1.00 9.33  ? 28  VAL A CB  1 
ATOM   230 C CG1 . VAL A 1 30 ? -0.033  -2.355  -2.267  1.00 9.52  ? 28  VAL A CG1 1 
ATOM   231 C CG2 . VAL A 1 30 ? -1.203  -4.366  -3.172  1.00 10.96 ? 28  VAL A CG2 1 
ATOM   232 N N   . ARG A 1 31 ? 1.470   -4.369  0.543   1.00 8.42  ? 29  ARG A N   1 
ATOM   233 C CA  A ARG A 1 31 ? 2.281   -3.850  1.604   0.50 8.32  ? 29  ARG A CA  1 
ATOM   234 C CA  B ARG A 1 31 ? 2.294   -3.910  1.663   0.50 8.68  ? 29  ARG A CA  1 
ATOM   235 C C   . ARG A 1 31 ? 3.712   -4.444  1.525   1.00 8.21  ? 29  ARG A C   1 
ATOM   236 O O   . ARG A 1 31 ? 4.679   -3.705  1.744   1.00 8.38  ? 29  ARG A O   1 
ATOM   237 C CB  A ARG A 1 31 ? 1.548   -4.081  2.942   0.50 8.93  ? 29  ARG A CB  1 
ATOM   238 C CB  B ARG A 1 31 ? 1.731   -4.379  3.030   0.50 11.02 ? 29  ARG A CB  1 
ATOM   239 C CG  A ARG A 1 31 ? 2.252   -3.466  4.130   0.50 9.80  ? 29  ARG A CG  1 
ATOM   240 C CG  B ARG A 1 31 ? 0.506   -3.678  3.548   0.50 15.96 ? 29  ARG A CG  1 
ATOM   241 C CD  A ARG A 1 31 ? 1.439   -3.400  5.388   0.50 15.14 ? 29  ARG A CD  1 
ATOM   242 C CD  B ARG A 1 31 ? 0.509   -3.571  5.103   0.50 14.40 ? 29  ARG A CD  1 
ATOM   243 N NE  A ARG A 1 31 ? 0.944   -4.699  5.754   0.50 18.93 ? 29  ARG A NE  1 
ATOM   244 N NE  B ARG A 1 31 ? 0.499   -4.898  5.714   0.50 14.42 ? 29  ARG A NE  1 
ATOM   245 C CZ  A ARG A 1 31 ? 1.170   -5.277  6.911   0.50 15.82 ? 29  ARG A CZ  1 
ATOM   246 C CZ  B ARG A 1 31 ? 1.435   -5.364  6.533   0.50 14.92 ? 29  ARG A CZ  1 
ATOM   247 N NH1 A ARG A 1 31 ? 1.826   -4.643  7.837   0.50 20.48 ? 29  ARG A NH1 1 
ATOM   248 N NH1 B ARG A 1 31 ? 1.320   -6.599  7.001   0.50 15.80 ? 29  ARG A NH1 1 
ATOM   249 N NH2 A ARG A 1 31 ? 0.638   -6.468  7.163   0.50 16.52 ? 29  ARG A NH2 1 
ATOM   250 N NH2 B ARG A 1 31 ? 2.378   -4.582  7.015   0.50 16.69 ? 29  ARG A NH2 1 
ATOM   251 N N   . THR A 1 32 ? 3.855   -5.728  1.236   1.00 8.02  ? 30  THR A N   1 
ATOM   252 C CA  . THR A 1 32 ? 5.200   -6.302  1.065   1.00 8.24  ? 30  THR A CA  1 
ATOM   253 C C   . THR A 1 32 ? 5.959   -5.564  -0.022  1.00 8.34  ? 30  THR A C   1 
ATOM   254 O O   . THR A 1 32 ? 7.160   -5.276  0.176   1.00 8.79  ? 30  THR A O   1 
ATOM   255 C CB  . THR A 1 32 ? 5.000   -7.755  0.766   1.00 10.14 ? 30  THR A CB  1 
ATOM   256 O OG1 . THR A 1 32 ? 4.583   -8.438  1.920   1.00 9.97  ? 30  THR A OG1 1 
ATOM   257 C CG2 . THR A 1 32 ? 6.343   -8.411  0.284   1.00 9.39  ? 30  THR A CG2 1 
ATOM   258 N N   . LYS A 1 33 ? 5.327   -5.285  -1.150  1.00 8.22  ? 31  LYS A N   1 
ATOM   259 C CA  . LYS A 1 33 ? 6.011   -4.633  -2.252  1.00 8.87  ? 31  LYS A CA  1 
ATOM   260 C C   . LYS A 1 33 ? 6.384   -3.178  -1.908  1.00 8.34  ? 31  LYS A C   1 
ATOM   261 O O   . LYS A 1 33 ? 7.516   -2.738  -2.164  1.00 9.58  ? 31  LYS A O   1 
ATOM   262 C CB  . LYS A 1 33 ? 5.156   -4.708  -3.496  1.00 10.37 ? 31  LYS A CB  1 
ATOM   263 C CG  . LYS A 1 33 ? 5.861   -4.082  -4.704  1.00 12.83 ? 31  LYS A CG  1 
ATOM   264 C CD  . LYS A 1 33 ? 5.119   -4.246  -5.954  1.00 18.24 ? 31  LYS A CD  1 
ATOM   265 C CE  . LYS A 1 33 ? 5.144   -5.607  -6.455  1.00 21.59 ? 31  LYS A CE  1 
ATOM   266 N NZ  . LYS A 1 33 ? 6.548   -5.935  -6.810  1.00 24.02 ? 31  LYS A NZ  1 
ATOM   267 N N   . VAL A 1 34 ? 5.426   -2.454  -1.310  1.00 7.99  ? 32  VAL A N   1 
ATOM   268 C CA  . VAL A 1 34 ? 5.700   -1.101  -0.899  1.00 7.97  ? 32  VAL A CA  1 
ATOM   269 C C   . VAL A 1 34 ? 6.865   -1.074  0.091   1.00 7.99  ? 32  VAL A C   1 
ATOM   270 O O   . VAL A 1 34 ? 7.749   -0.193  0.000   1.00 9.32  ? 32  VAL A O   1 
ATOM   271 C CB  . VAL A 1 34 ? 4.410   -0.492  -0.282  1.00 9.06  ? 32  VAL A CB  1 
ATOM   272 C CG1 . VAL A 1 34 ? 4.706   0.800   0.476   1.00 9.84  ? 32  VAL A CG1 1 
ATOM   273 C CG2 . VAL A 1 34 ? 3.365   -0.270  -1.321  1.00 9.83  ? 32  VAL A CG2 1 
ATOM   274 N N   . CYS A 1 35 ? 6.841   -1.948  1.056   1.00 8.19  ? 33  CYS A N   1 
ATOM   275 C CA  . CYS A 1 35 ? 7.923   -1.982  2.044   1.00 8.84  ? 33  CYS A CA  1 
ATOM   276 C C   . CYS A 1 35 ? 9.258   -2.385  1.434   1.00 8.86  ? 33  CYS A C   1 
ATOM   277 O O   . CYS A 1 35 ? 10.306  -1.897  1.895   1.00 10.12 ? 33  CYS A O   1 
ATOM   278 C CB  . CYS A 1 35 ? 7.553   -2.899  3.201   1.00 9.39  ? 33  CYS A CB  1 
ATOM   279 S SG  . CYS A 1 35 ? 6.276   -2.202  4.255   1.00 11.84 ? 33  CYS A SG  1 
ATOM   280 N N   . ALA A 1 36 ? 9.252   -3.242  0.421   1.00 8.92  ? 34  ALA A N   1 
ATOM   281 C CA  . ALA A 1 36 ? 10.493  -3.540  -0.290  1.00 10.24 ? 34  ALA A CA  1 
ATOM   282 C C   . ALA A 1 36 ? 11.043  -2.293  -0.971  1.00 10.61 ? 34  ALA A C   1 
ATOM   283 O O   . ALA A 1 36 ? 12.256  -2.033  -0.953  1.00 12.50 ? 34  ALA A O   1 
ATOM   284 C CB  . ALA A 1 36 ? 10.238  -4.624  -1.322  1.00 11.05 ? 34  ALA A CB  1 
ATOM   285 N N   . MET A 1 37 ? 10.167  -1.527  -1.598  1.00 10.90 ? 35  MET A N   1 
ATOM   286 C CA  A MET A 1 37 ? 10.587  -0.310  -2.259  0.50 12.42 ? 35  MET A CA  1 
ATOM   287 C CA  B MET A 1 37 ? 10.593  -0.305  -2.300  0.50 13.01 ? 35  MET A CA  1 
ATOM   288 C C   . MET A 1 37 ? 11.103  0.755   -1.326  1.00 12.89 ? 35  MET A C   1 
ATOM   289 O O   . MET A 1 37 ? 12.069  1.468   -1.605  1.00 15.51 ? 35  MET A O   1 
ATOM   290 C CB  A MET A 1 37 ? 9.435   0.222   -3.065  0.50 11.54 ? 35  MET A CB  1 
ATOM   291 C CB  B MET A 1 37 ? 9.490   0.296   -3.199  0.50 12.27 ? 35  MET A CB  1 
ATOM   292 C CG  A MET A 1 37 ? 9.178   -0.660  -4.229  0.50 10.73 ? 35  MET A CG  1 
ATOM   293 C CG  B MET A 1 37 ? 8.927   -0.581  -4.284  0.50 13.97 ? 35  MET A CG  1 
ATOM   294 S SD  A MET A 1 37 ? 7.634   -0.206  -5.003  0.50 10.62 ? 35  MET A SD  1 
ATOM   295 S SD  B MET A 1 37 ? 10.004  -0.940  -5.679  0.50 21.06 ? 35  MET A SD  1 
ATOM   296 C CE  A MET A 1 37 ? 7.854   -1.214  -6.462  0.50 13.14 ? 35  MET A CE  1 
ATOM   297 C CE  B MET A 1 37 ? 10.936  -2.149  -4.887  0.50 20.06 ? 35  MET A CE  1 
ATOM   298 N N   . LYS A 1 38 ? 10.469  0.862   -0.174  1.00 11.15 ? 36  LYS A N   1 
ATOM   299 C CA  A LYS A 1 38 ? 10.724  1.875   0.900   0.50 11.27 ? 36  LYS A CA  1 
ATOM   300 C CA  B LYS A 1 38 ? 10.913  1.864   0.731   0.50 11.39 ? 36  LYS A CA  1 
ATOM   301 C C   . LYS A 1 38 ? 11.813  1.372   1.860   1.00 11.49 ? 36  LYS A C   1 
ATOM   302 O O   . LYS A 1 38 ? 12.228  2.163   2.716   1.00 12.57 ? 36  LYS A O   1 
ATOM   303 C CB  A LYS A 1 38 ? 9.404   2.314   1.696   0.50 11.00 ? 36  LYS A CB  1 
ATOM   304 C CB  B LYS A 1 38 ? 9.696   2.503   1.287   0.50 10.06 ? 36  LYS A CB  1 
ATOM   305 C CG  A LYS A 1 38 ? 8.363   3.144   0.883   0.50 11.58 ? 36  LYS A CG  1 
ATOM   306 C CG  B LYS A 1 38 ? 8.778   3.162   0.264   0.50 10.98 ? 36  LYS A CG  1 
ATOM   307 C CD  A LYS A 1 38 ? 8.658   4.612   0.690   0.50 13.06 ? 36  LYS A CD  1 
ATOM   308 C CD  B LYS A 1 38 ? 7.563   3.759   0.942   0.50 11.90 ? 36  LYS A CD  1 
ATOM   309 C CE  A LYS A 1 38 ? 7.634   5.282   -0.191  0.50 16.32 ? 36  LYS A CE  1 
ATOM   310 C CE  B LYS A 1 38 ? 6.874   4.828   0.088   0.50 14.32 ? 36  LYS A CE  1 
ATOM   311 N NZ  A LYS A 1 38 ? 8.027   6.706   -0.492  0.50 16.56 ? 36  LYS A NZ  1 
ATOM   312 N NZ  B LYS A 1 38 ? 7.775   5.889   -0.484  0.50 15.71 ? 36  LYS A NZ  1 
ATOM   313 N N   . LYS A 1 39 ? 12.230  0.122   1.785   1.00 11.34 ? 37  LYS A N   1 
ATOM   314 C CA  . LYS A 1 39 ? 13.214  -0.460  2.689   1.00 10.84 ? 37  LYS A CA  1 
ATOM   315 C C   . LYS A 1 39 ? 12.731  -0.438  4.139   1.00 10.21 ? 37  LYS A C   1 
ATOM   316 O O   . LYS A 1 39 ? 13.483  -0.201  5.081   1.00 11.41 ? 37  LYS A O   1 
ATOM   317 C CB  . LYS A 1 39 ? 14.583  0.185   2.550   1.00 12.75 ? 37  LYS A CB  1 
ATOM   318 C CG  . LYS A 1 39 ? 15.059  0.277   1.092   1.00 14.34 ? 37  LYS A CG  1 
ATOM   319 C CD  . LYS A 1 39 ? 16.324  1.036   1.049   1.00 18.47 ? 37  LYS A CD  1 
ATOM   320 C CE  . LYS A 1 39 ? 16.779  1.475   -0.290  1.00 19.86 ? 37  LYS A CE  1 
ATOM   321 N NZ  . LYS A 1 39 ? 16.932  0.282   -1.105  1.00 20.81 ? 37  LYS A NZ  1 
ATOM   322 N N   . LEU A 1 40 ? 11.441  -0.795  4.327   1.00 9.73  ? 38  LEU A N   1 
ATOM   323 C CA  . LEU A 1 40 ? 10.845  -0.768  5.637   1.00 10.39 ? 38  LEU A CA  1 
ATOM   324 C C   . LEU A 1 40 ? 10.446  -2.136  6.143   1.00 9.50  ? 38  LEU A C   1 
ATOM   325 O O   . LEU A 1 40 ? 9.939   -2.959  5.367   1.00 9.29  ? 38  LEU A O   1 
ATOM   326 C CB  . LEU A 1 40 ? 9.555   0.096   5.654   1.00 10.76 ? 38  LEU A CB  1 
ATOM   327 C CG  . LEU A 1 40 ? 9.825   1.557   5.313   1.00 12.04 ? 38  LEU A CG  1 
ATOM   328 C CD1 . LEU A 1 40 ? 8.502   2.294   5.317   1.00 14.30 ? 38  LEU A CD1 1 
ATOM   329 C CD2 . LEU A 1 40 ? 10.818  2.219   6.225   1.00 13.96 ? 38  LEU A CD2 1 
ATOM   330 N N   . PRO A 1 41 ? 10.610  -2.406  7.434   1.00 10.04 ? 39  PRO A N   1 
ATOM   331 C CA  . PRO A 1 41 ? 10.038  -3.637  7.987   1.00 11.53 ? 39  PRO A CA  1 
ATOM   332 C C   . PRO A 1 41 ? 8.524   -3.600  7.820   1.00 11.29 ? 39  PRO A C   1 
ATOM   333 O O   . PRO A 1 41 ? 7.880   -2.626  8.179   1.00 10.98 ? 39  PRO A O   1 
ATOM   334 C CB  . PRO A 1 41 ? 10.442  -3.547  9.491   1.00 13.37 ? 39  PRO A CB  1 
ATOM   335 C CG  . PRO A 1 41 ? 11.651  -2.643  9.509   1.00 13.27 ? 39  PRO A CG  1 
ATOM   336 C CD  . PRO A 1 41 ? 11.335  -1.627  8.458   1.00 11.53 ? 39  PRO A CD  1 
ATOM   337 N N   . PRO A 1 42 ? 7.920   -4.667  7.330   1.00 11.92 ? 40  PRO A N   1 
ATOM   338 C CA  . PRO A 1 42 ? 6.484   -4.629  7.055   1.00 13.28 ? 40  PRO A CA  1 
ATOM   339 C C   . PRO A 1 42 ? 5.649   -4.251  8.284   1.00 12.75 ? 40  PRO A C   1 
ATOM   340 O O   . PRO A 1 42 ? 4.656   -3.518  8.151   1.00 13.27 ? 40  PRO A O   1 
ATOM   341 C CB  . PRO A 1 42 ? 6.169   -6.055  6.595   1.00 15.76 ? 40  PRO A CB  1 
ATOM   342 C CG  . PRO A 1 42 ? 7.430   -6.488  5.934   1.00 15.11 ? 40  PRO A CG  1 
ATOM   343 C CD  . PRO A 1 42 ? 8.536   -5.860  6.723   1.00 13.27 ? 40  PRO A CD  1 
ATOM   344 N N   . ASP A 1 43 ? 6.018   -4.722  9.456   1.00 13.07 ? 41  ASP A N   1 
ATOM   345 C CA  . ASP A 1 43 ? 5.190   -4.464  10.633  1.00 14.54 ? 41  ASP A CA  1 
ATOM   346 C C   . ASP A 1 43 ? 5.242   -3.032  11.103  1.00 14.51 ? 41  ASP A C   1 
ATOM   347 O O   . ASP A 1 43 ? 4.465   -2.669  11.985  1.00 19.53 ? 41  ASP A O   1 
ATOM   348 C CB  . ASP A 1 43 ? 5.473   -5.438  11.757  1.00 18.36 ? 41  ASP A CB  1 
ATOM   349 C CG  . ASP A 1 43 ? 6.839   -5.356  12.339  1.00 22.56 ? 41  ASP A CG  1 
ATOM   350 O OD1 . ASP A 1 43 ? 7.680   -4.468  12.034  1.00 27.76 ? 41  ASP A OD1 1 
ATOM   351 O OD2 . ASP A 1 43 ? 7.101   -6.233  13.222  1.00 31.17 ? 41  ASP A OD2 1 
ATOM   352 N N   . THR A 1 44 ? 6.076   -2.197  10.519  1.00 12.44 ? 42  THR A N   1 
ATOM   353 C CA  . THR A 1 44 ? 6.105   -0.780  10.854  1.00 13.63 ? 42  THR A CA  1 
ATOM   354 C C   . THR A 1 44 ? 5.174   0.006   9.961   1.00 13.29 ? 42  THR A C   1 
ATOM   355 O O   . THR A 1 44 ? 5.178   1.255   10.065  1.00 15.33 ? 42  THR A O   1 
ATOM   356 C CB  . THR A 1 44 ? 7.526   -0.229  10.793  1.00 13.35 ? 42  THR A CB  1 
ATOM   357 O OG1 . THR A 1 44 ? 7.990   -0.156  9.434   1.00 12.99 ? 42  THR A OG1 1 
ATOM   358 C CG2 . THR A 1 44 ? 8.459   -0.990  11.700  1.00 15.36 ? 42  THR A CG2 1 
ATOM   359 N N   . THR A 1 45 ? 4.375   -0.710  9.124   1.00 11.94 ? 43  THR A N   1 
ATOM   360 C CA  . THR A 1 45 ? 3.539   -0.035  8.183   1.00 12.53 ? 43  THR A CA  1 
ATOM   361 C C   . THR A 1 45 ? 2.105   -0.556  8.183   1.00 11.66 ? 43  THR A C   1 
ATOM   362 O O   . THR A 1 45 ? 1.864   -1.733  8.513   1.00 13.54 ? 43  THR A O   1 
ATOM   363 C CB  . THR A 1 45 ? 4.051   -0.104  6.764   1.00 13.15 ? 43  THR A CB  1 
ATOM   364 O OG1 . THR A 1 45 ? 3.893   -1.433  6.242   1.00 13.57 ? 43  THR A OG1 1 
ATOM   365 C CG2 . THR A 1 45 ? 5.505   0.358   6.677   1.00 14.37 ? 43  THR A CG2 1 
ATOM   366 N N   . ARG A 1 46 ? 1.189   0.280   7.769   1.00 10.90 ? 44  ARG A N   1 
ATOM   367 C CA  . ARG A 1 46 ? -0.189  -0.122  7.477   1.00 11.47 ? 44  ARG A CA  1 
ATOM   368 C C   . ARG A 1 46 ? -0.590  0.601   6.217   1.00 10.47 ? 44  ARG A C   1 
ATOM   369 O O   . ARG A 1 46 ? -0.178  1.733   5.952   1.00 11.10 ? 44  ARG A O   1 
ATOM   370 C CB  . ARG A 1 46 ? -1.161  0.290   8.582   1.00 14.36 ? 44  ARG A CB  1 
ATOM   371 C CG  . ARG A 1 46 ? -0.949  -0.441  9.905   1.00 17.57 ? 44  ARG A CG  1 
ATOM   372 C CD  . ARG A 1 46 ? -1.315  -1.920  9.754   1.00 22.84 ? 44  ARG A CD  1 
ATOM   373 N NE  . ARG A 1 46 ? -1.140  -2.762  10.948  1.00 29.10 ? 44  ARG A NE  1 
ATOM   374 C CZ  . ARG A 1 46 ? -2.001  -2.895  11.949  1.00 40.55 ? 44  ARG A CZ  1 
ATOM   375 N NH1 . ARG A 1 46 ? -3.147  -2.206  11.992  1.00 49.91 ? 44  ARG A NH1 1 
ATOM   376 N NH2 . ARG A 1 46 ? -1.690  -3.713  12.941  1.00 58.13 ? 44  ARG A NH2 1 
ATOM   377 N N   . LEU A 1 47 ? -1.461  -0.057  5.426   1.00 10.20 ? 45  LEU A N   1 
ATOM   378 C CA  . LEU A 1 47 ? -2.103  0.552   4.305   1.00 9.67  ? 45  LEU A CA  1 
ATOM   379 C C   . LEU A 1 47 ? -3.540  0.791   4.624   1.00 8.98  ? 45  LEU A C   1 
ATOM   380 O O   . LEU A 1 47 ? -4.202  -0.104  5.180   1.00 11.00 ? 45  LEU A O   1 
ATOM   381 C CB  . LEU A 1 47 ? -2.050  -0.320  3.023   1.00 10.92 ? 45  LEU A CB  1 
ATOM   382 C CG  . LEU A 1 47 ? -0.672  -0.512  2.404   1.00 12.04 ? 45  LEU A CG  1 
ATOM   383 C CD1 . LEU A 1 47 ? -0.748  -1.529  1.309   1.00 13.87 ? 45  LEU A CD1 1 
ATOM   384 C CD2 . LEU A 1 47 ? -0.179  0.800   1.873   1.00 14.73 ? 45  LEU A CD2 1 
ATOM   385 N N   . THR A 1 48 ? -4.056  1.937   4.238   1.00 8.76  ? 46  THR A N   1 
ATOM   386 C CA  . THR A 1 48 ? -5.486  2.179   4.311   1.00 8.44  ? 46  THR A CA  1 
ATOM   387 C C   . THR A 1 48 ? -6.020  2.458   2.914   1.00 8.19  ? 46  THR A C   1 
ATOM   388 O O   . THR A 1 48 ? -5.310  2.932   2.025   1.00 9.34  ? 46  THR A O   1 
ATOM   389 C CB  . THR A 1 48 ? -5.844  3.330   5.286   1.00 9.24  ? 46  THR A CB  1 
ATOM   390 O OG1 . THR A 1 48 ? -5.241  4.542   4.831   1.00 9.80  ? 46  THR A OG1 1 
ATOM   391 C CG2 . THR A 1 48 ? -5.377  3.044   6.670   1.00 9.59  ? 46  THR A CG2 1 
ATOM   392 N N   . TYR A 1 49 ? -7.323  2.196   2.742   1.00 8.32  ? 47  TYR A N   1 
ATOM   393 C CA  . TYR A 1 49 ? -8.009  2.401   1.471   1.00 8.73  ? 47  TYR A CA  1 
ATOM   394 C C   . TYR A 1 49 ? -9.272  3.208   1.789   1.00 9.12  ? 47  TYR A C   1 
ATOM   395 O O   . TYR A 1 49 ? -10.154 2.717   2.491   1.00 9.31  ? 47  TYR A O   1 
ATOM   396 C CB  . TYR A 1 49 ? -8.340  1.088   0.797   1.00 9.43  ? 47  TYR A CB  1 
ATOM   397 C CG  . TYR A 1 49 ? -9.125  1.209   -0.453  1.00 9.49  ? 47  TYR A CG  1 
ATOM   398 C CD1 . TYR A 1 49 ? -8.609  1.812   -1.571  1.00 12.01 ? 47  TYR A CD1 1 
ATOM   399 C CD2 . TYR A 1 49 ? -10.360 0.640   -0.597  1.00 13.06 ? 47  TYR A CD2 1 
ATOM   400 C CE1 . TYR A 1 49 ? -9.337  1.916   -2.727  1.00 13.75 ? 47  TYR A CE1 1 
ATOM   401 C CE2 . TYR A 1 49 ? -11.108 0.734   -1.770  1.00 13.98 ? 47  TYR A CE2 1 
ATOM   402 C CZ  . TYR A 1 49 ? -10.576 1.363   -2.838  1.00 11.50 ? 47  TYR A CZ  1 
ATOM   403 O OH  . TYR A 1 49 ? -11.323 1.412   -4.002  1.00 14.94 ? 47  TYR A OH  1 
ATOM   404 N N   . LYS A 1 50 ? -9.308  4.443   1.314   1.00 10.80 ? 48  LYS A N   1 
ATOM   405 C CA  A LYS A 1 50 ? -10.410 5.354   1.615   0.50 12.28 ? 48  LYS A CA  1 
ATOM   406 C CA  B LYS A 1 50 ? -10.390 5.381   1.617   0.50 12.38 ? 48  LYS A CA  1 
ATOM   407 C C   . LYS A 1 50 ? -10.598 5.474   3.138   1.00 11.25 ? 48  LYS A C   1 
ATOM   408 O O   . LYS A 1 50 ? -11.716 5.553   3.643   1.00 12.77 ? 48  LYS A O   1 
ATOM   409 C CB  A LYS A 1 50 ? -11.684 4.932   0.866   0.50 14.68 ? 48  LYS A CB  1 
ATOM   410 C CB  B LYS A 1 50 ? -11.655 5.055   0.809   0.50 14.33 ? 48  LYS A CB  1 
ATOM   411 C CG  A LYS A 1 50 ? -11.433 4.704   -0.637  0.50 14.96 ? 48  LYS A CG  1 
ATOM   412 C CG  B LYS A 1 50 ? -11.474 5.309   -0.701  0.50 14.82 ? 48  LYS A CG  1 
ATOM   413 C CD  A LYS A 1 50 ? -12.637 4.996   -1.501  0.50 16.51 ? 48  LYS A CD  1 
ATOM   414 C CD  B LYS A 1 50 ? -12.386 4.432   -1.550  0.50 17.00 ? 48  LYS A CD  1 
ATOM   415 C CE  A LYS A 1 50 ? -12.282 4.880   -2.974  0.50 15.89 ? 48  LYS A CE  1 
ATOM   416 C CE  B LYS A 1 50 ? -12.070 4.521   -3.041  0.50 18.67 ? 48  LYS A CE  1 
ATOM   417 N NZ  A LYS A 1 50 ? -13.360 4.403   -3.868  0.50 18.84 ? 48  LYS A NZ  1 
ATOM   418 N NZ  B LYS A 1 50 ? -11.991 5.931   -3.538  0.50 24.06 ? 48  LYS A NZ  1 
ATOM   419 N N   . GLY A 1 51 ? -9.463  5.466   3.842   1.00 10.50 ? 49  GLY A N   1 
ATOM   420 C CA  . GLY A 1 51 ? -9.452  5.593   5.272   1.00 10.38 ? 49  GLY A CA  1 
ATOM   421 C C   . GLY A 1 51 ? -9.572  4.275   6.025   1.00 9.38  ? 49  GLY A C   1 
ATOM   422 O O   . GLY A 1 51 ? -9.361  4.258   7.235   1.00 10.01 ? 49  GLY A O   1 
ATOM   423 N N   . ARG A 1 52 ? -10.013 3.214   5.369   1.00 8.85  ? 50  ARG A N   1 
ATOM   424 C CA  A ARG A 1 52 ? -10.305 1.974   6.063   0.50 9.08  ? 50  ARG A CA  1 
ATOM   425 C CA  B ARG A 1 52 ? -10.334 1.964   6.054   0.50 9.43  ? 50  ARG A CA  1 
ATOM   426 C C   . ARG A 1 52 ? -9.052  1.189   6.395   1.00 9.08  ? 50  ARG A C   1 
ATOM   427 O O   . ARG A 1 52 ? -8.170  1.032   5.581   1.00 9.27  ? 50  ARG A O   1 
ATOM   428 C CB  A ARG A 1 52 ? -11.166 1.088   5.218   0.50 9.57  ? 50  ARG A CB  1 
ATOM   429 C CB  B ARG A 1 52 ? -11.238 1.074   5.195   0.50 10.83 ? 50  ARG A CB  1 
ATOM   430 C CG  A ARG A 1 52 ? -12.642 1.482   5.224   0.50 10.59 ? 50  ARG A CG  1 
ATOM   431 C CG  B ARG A 1 52 ? -12.534 1.737   4.697   0.50 13.27 ? 50  ARG A CG  1 
ATOM   432 C CD  A ARG A 1 52 ? -12.947 2.791   4.515   0.50 10.31 ? 50  ARG A CD  1 
ATOM   433 C CD  B ARG A 1 52 ? -13.615 0.817   4.104   0.50 18.22 ? 50  ARG A CD  1 
ATOM   434 N NE  A ARG A 1 52 ? -14.382 2.938   4.432   0.50 12.92 ? 50  ARG A NE  1 
ATOM   435 N NE  B ARG A 1 52 ? -13.417 0.230   2.768   0.50 21.51 ? 50  ARG A NE  1 
ATOM   436 C CZ  A ARG A 1 52 ? -14.939 3.879   3.720   0.50 13.28 ? 50  ARG A CZ  1 
ATOM   437 C CZ  B ARG A 1 52 ? -13.832 0.727   1.592   0.50 20.28 ? 50  ARG A CZ  1 
ATOM   438 N NH1 A ARG A 1 52 ? -16.246 3.960   3.543   0.50 13.49 ? 50  ARG A NH1 1 
ATOM   439 N NH1 B ARG A 1 52 ? -13.623 0.024   0.508   0.50 23.87 ? 50  ARG A NH1 1 
ATOM   440 N NH2 A ARG A 1 52 ? -14.231 4.720   3.159   0.50 12.37 ? 50  ARG A NH2 1 
ATOM   441 N NH2 B ARG A 1 52 ? -14.406 1.905   1.456   0.50 21.21 ? 50  ARG A NH2 1 
ATOM   442 N N   . ALA A 1 53 ? -9.043  0.660   7.613   1.00 9.27  ? 51  ALA A N   1 
ATOM   443 C CA  . ALA A 1 53 ? -8.112  -0.377  7.985   1.00 10.01 ? 51  ALA A CA  1 
ATOM   444 C C   . ALA A 1 53 ? -8.444  -1.650  7.208   1.00 10.33 ? 51  ALA A C   1 
ATOM   445 O O   . ALA A 1 53 ? -9.626  -1.918  6.920   1.00 12.56 ? 51  ALA A O   1 
ATOM   446 C CB  . ALA A 1 53 ? -8.196  -0.660  9.467   1.00 12.65 ? 51  ALA A CB  1 
ATOM   447 N N   . LEU A 1 54 ? -7.424  -2.411  6.844   1.00 11.00 ? 52  LEU A N   1 
ATOM   448 C CA  . LEU A 1 54 ? -7.561  -3.485  5.866   1.00 12.98 ? 52  LEU A CA  1 
ATOM   449 C C   . LEU A 1 54 ? -7.053  -4.779  6.431   1.00 14.30 ? 52  LEU A C   1 
ATOM   450 O O   . LEU A 1 54 ? -6.057  -4.814  7.099   1.00 16.77 ? 52  LEU A O   1 
ATOM   451 C CB  . LEU A 1 54 ? -6.768  -3.143  4.603   1.00 12.51 ? 52  LEU A CB  1 
ATOM   452 C CG  . LEU A 1 54 ? -7.174  -1.855  3.895   1.00 11.62 ? 52  LEU A CG  1 
ATOM   453 C CD1 . LEU A 1 54 ? -6.229  -1.565  2.761   1.00 11.94 ? 52  LEU A CD1 1 
ATOM   454 C CD2 . LEU A 1 54 ? -8.596  -1.940  3.422   1.00 13.53 ? 52  LEU A CD2 1 
ATOM   455 N N   . LYS A 1 55 ? -7.672  -5.879  6.031   1.00 16.97 ? 53  LYS A N   1 
ATOM   456 C CA  . LYS A 1 55 ? -7.194  -7.212  6.270   1.00 18.34 ? 53  LYS A CA  1 
ATOM   457 C C   . LYS A 1 55 ? -6.135  -7.531  5.173   1.00 16.86 ? 53  LYS A C   1 
ATOM   458 O O   . LYS A 1 55 ? -6.433  -7.338  4.009   1.00 14.52 ? 53  LYS A O   1 
ATOM   459 C CB  . LYS A 1 55 ? -8.354  -8.210  6.116   1.00 23.19 ? 53  LYS A CB  1 
ATOM   460 C CG  . LYS A 1 55 ? -9.424  -8.139  7.197   1.00 31.41 ? 53  LYS A CG  1 
ATOM   461 N N   . ASP A 1 56 ? -4.984  -8.109  5.512   1.00 16.81 ? 54  ASP A N   1 
ATOM   462 C CA  . ASP A 1 56 ? -3.987  -8.453  4.508   1.00 15.05 ? 54  ASP A CA  1 
ATOM   463 C C   . ASP A 1 56 ? -4.510  -9.372  3.423   1.00 13.78 ? 54  ASP A C   1 
ATOM   464 O O   . ASP A 1 56 ? -4.040  -9.290  2.280   1.00 13.80 ? 54  ASP A O   1 
ATOM   465 C CB  . ASP A 1 56 ? -2.689  -9.047  5.121   1.00 18.40 ? 54  ASP A CB  1 
ATOM   466 C CG  . ASP A 1 56 ? -1.588  -7.983  5.489   1.00 20.96 ? 54  ASP A CG  1 
ATOM   467 O OD1 . ASP A 1 56 ? -1.698  -6.772  5.247   1.00 19.32 ? 54  ASP A OD1 1 
ATOM   468 O OD2 . ASP A 1 56 ? -0.493  -8.410  5.923   1.00 25.75 ? 54  ASP A OD2 1 
ATOM   469 N N   . THR A 1 57 ? -5.421  -10.279 3.757   1.00 15.94 ? 55  THR A N   1 
ATOM   470 C CA  . THR A 1 57 ? -5.853  -11.275 2.750   1.00 16.90 ? 55  THR A CA  1 
ATOM   471 C C   . THR A 1 57 ? -7.003  -10.833 1.870   1.00 17.50 ? 55  THR A C   1 
ATOM   472 O O   . THR A 1 57 ? -7.476  -11.597 1.013   1.00 18.46 ? 55  THR A O   1 
ATOM   473 C CB  . THR A 1 57 ? -6.179  -12.574 3.429   1.00 18.70 ? 55  THR A CB  1 
ATOM   474 O OG1 . THR A 1 57 ? -7.213  -12.333 4.371   1.00 20.89 ? 55  THR A OG1 1 
ATOM   475 C CG2 . THR A 1 57 ? -4.998  -13.142 4.080   1.00 19.47 ? 55  THR A CG2 1 
ATOM   476 N N   . GLU A 1 58 ? -7.452  -9.605  2.007   1.00 16.67 ? 56  GLU A N   1 
ATOM   477 C CA  . GLU A 1 58 ? -8.348  -9.048  0.966   1.00 17.42 ? 56  GLU A CA  1 
ATOM   478 C C   . GLU A 1 58 ? -7.585  -9.035  -0.325  1.00 12.85 ? 56  GLU A C   1 
ATOM   479 O O   . GLU A 1 58 ? -6.505  -8.482  -0.384  1.00 11.36 ? 56  GLU A O   1 
ATOM   480 C CB  . GLU A 1 58 ? -8.744  -7.573  1.192   1.00 20.69 ? 56  GLU A CB  1 
ATOM   481 C CG  . GLU A 1 58 ? -9.668  -7.232  2.293   1.00 19.42 ? 56  GLU A CG  1 
ATOM   482 C CD  . GLU A 1 58 ? -11.149 -7.274  1.978   1.00 18.55 ? 56  GLU A CD  1 
ATOM   483 O OE1 . GLU A 1 58 ? -11.691 -7.643  0.914   1.00 21.35 ? 56  GLU A OE1 1 
ATOM   484 O OE2 . GLU A 1 58 ? -11.836 -6.933  2.947   1.00 23.36 ? 56  GLU A OE2 1 
ATOM   485 N N   . THR A 1 59 ? -8.230  -9.533  -1.374  1.00 15.65 ? 57  THR A N   1 
ATOM   486 C CA  . THR A 1 59 ? -7.760  -9.257  -2.701  1.00 14.08 ? 57  THR A CA  1 
ATOM   487 C C   . THR A 1 59 ? -8.145  -7.864  -3.137  1.00 13.73 ? 57  THR A C   1 
ATOM   488 O O   . THR A 1 59 ? -9.141  -7.301  -2.634  1.00 15.82 ? 57  THR A O   1 
ATOM   489 C CB  . THR A 1 59 ? -8.244  -10.274 -3.713  1.00 14.20 ? 57  THR A CB  1 
ATOM   490 O OG1 . THR A 1 59 ? -9.661  -10.158 -3.785  1.00 14.80 ? 57  THR A OG1 1 
ATOM   491 C CG2 . THR A 1 59 ? -7.781  -11.666 -3.425  1.00 16.52 ? 57  THR A CG2 1 
ATOM   492 N N   . LEU A 1 60 ? -7.469  -7.309  -4.117  1.00 14.47 ? 58  LEU A N   1 
ATOM   493 C CA  A LEU A 1 60 ? -7.922  -6.067  -4.545  0.50 15.74 ? 58  LEU A CA  1 
ATOM   494 C CA  B LEU A 1 60 ? -7.914  -6.016  -4.813  0.50 14.76 ? 58  LEU A CA  1 
ATOM   495 C C   . LEU A 1 60 ? -9.331  -6.155  -5.285  1.00 14.45 ? 58  LEU A C   1 
ATOM   496 O O   . LEU A 1 60 ? -10.146 -5.223  -5.209  1.00 17.07 ? 58  LEU A O   1 
ATOM   497 C CB  A LEU A 1 60 ? -6.743  -5.497  -5.272  0.50 11.47 ? 58  LEU A CB  1 
ATOM   498 C CB  B LEU A 1 60 ? -7.081  -5.547  -6.071  0.50 12.77 ? 58  LEU A CB  1 
ATOM   499 C CG  A LEU A 1 60 ? -5.352  -5.574  -4.560  0.50 12.30 ? 58  LEU A CG  1 
ATOM   500 C CG  B LEU A 1 60 ? -5.893  -4.631  -5.795  0.50 14.90 ? 58  LEU A CG  1 
ATOM   501 C CD1 A LEU A 1 60 ? -4.337  -4.996  -5.523  0.50 14.31 ? 58  LEU A CD1 1 
ATOM   502 C CD1 B LEU A 1 60 ? -5.030  -5.171  -4.682  0.50 17.78 ? 58  LEU A CD1 1 
ATOM   503 C CD2 A LEU A 1 60 ? -5.272  -4.879  -3.197  0.50 13.70 ? 58  LEU A CD2 1 
ATOM   504 C CD2 B LEU A 1 60 ? -5.065  -4.210  -7.011  0.50 14.95 ? 58  LEU A CD2 1 
ATOM   505 N N   . GLU A 1 61 ? -9.634  -7.312  -5.856  1.00 13.21 ? 59  GLU A N   1 
ATOM   506 C CA  . GLU A 1 61 ? -11.013 -7.649  -6.339  1.00 16.22 ? 59  GLU A CA  1 
ATOM   507 C C   . GLU A 1 61 ? -12.013 -7.561  -5.227  1.00 12.98 ? 59  GLU A C   1 
ATOM   508 O O   . GLU A 1 61 ? -13.069 -6.922  -5.393  1.00 13.71 ? 59  GLU A O   1 
ATOM   509 C CB  . GLU A 1 61 ? -11.052 -9.091  -6.984  1.00 18.69 ? 59  GLU A CB  1 
ATOM   510 C CG  . GLU A 1 61 ? -10.214 -9.308  -8.165  1.00 21.81 ? 59  GLU A CG  1 
ATOM   511 C CD  . GLU A 1 61 ? -10.245 -10.776 -8.456  1.00 20.62 ? 59  GLU A CD  1 
ATOM   512 O OE1 . GLU A 1 61 ? -11.287 -11.257 -8.916  1.00 23.06 ? 59  GLU A OE1 1 
ATOM   513 O OE2 . GLU A 1 61 ? -9.220  -11.391 -8.397  1.00 30.83 ? 59  GLU A OE2 1 
ATOM   514 N N   . SER A 1 62 ? -11.760 -8.235  -4.121  1.00 11.43 ? 60  SER A N   1 
ATOM   515 C CA  . SER A 1 62 ? -12.764 -8.255  -3.058  1.00 11.39 ? 60  SER A CA  1 
ATOM   516 C C   . SER A 1 62 ? -12.959 -6.904  -2.412  1.00 11.32 ? 60  SER A C   1 
ATOM   517 O O   . SER A 1 62 ? -14.040 -6.592  -1.962  1.00 12.16 ? 60  SER A O   1 
ATOM   518 C CB  . SER A 1 62 ? -12.390 -9.292  -2.036  1.00 12.81 ? 60  SER A CB  1 
ATOM   519 O OG  . SER A 1 62 ? -11.229 -9.025  -1.319  1.00 16.47 ? 60  SER A OG  1 
ATOM   520 N N   . LEU A 1 63 ? -11.881 -6.091  -2.369  1.00 11.59 ? 61  LEU A N   1 
ATOM   521 C CA  A LEU A 1 63 ? -11.964 -4.785  -1.767  0.50 12.55 ? 61  LEU A CA  1 
ATOM   522 C CA  B LEU A 1 63 ? -11.945 -4.735  -1.825  0.50 13.62 ? 61  LEU A CA  1 
ATOM   523 C C   . LEU A 1 63 ? -12.667 -3.773  -2.704  1.00 13.42 ? 61  LEU A C   1 
ATOM   524 O O   . LEU A 1 63 ? -13.036 -2.688  -2.257  1.00 17.08 ? 61  LEU A O   1 
ATOM   525 C CB  A LEU A 1 63 ? -10.529 -4.385  -1.388  0.50 12.08 ? 61  LEU A CB  1 
ATOM   526 C CB  B LEU A 1 63 ? -10.552 -4.158  -1.651  0.50 15.90 ? 61  LEU A CB  1 
ATOM   527 C CG  A LEU A 1 63 ? -10.248 -3.061  -0.727  0.50 10.49 ? 61  LEU A CG  1 
ATOM   528 C CG  B LEU A 1 63 ? -10.003 -4.518  -0.297  0.50 20.33 ? 61  LEU A CG  1 
ATOM   529 C CD1 A LEU A 1 63 ? -10.976 -2.984  0.587   0.50 11.83 ? 61  LEU A CD1 1 
ATOM   530 C CD1 B LEU A 1 63 ? -8.570  -4.022  -0.167  0.50 19.89 ? 61  LEU A CD1 1 
ATOM   531 C CD2 A LEU A 1 63 ? -8.744  -2.856  -0.516  0.50 10.56 ? 61  LEU A CD2 1 
ATOM   532 C CD2 B LEU A 1 63 ? -10.816 -3.935  0.843   0.50 21.72 ? 61  LEU A CD2 1 
ATOM   533 N N   . GLY A 1 64 ? -12.824 -4.085  -3.979  1.00 12.56 ? 62  GLY A N   1 
ATOM   534 C CA  . GLY A 1 64 ? -13.506 -3.211  -4.888  1.00 13.77 ? 62  GLY A CA  1 
ATOM   535 C C   . GLY A 1 64 ? -12.602 -2.129  -5.415  1.00 12.79 ? 62  GLY A C   1 
ATOM   536 O O   . GLY A 1 64 ? -13.101 -1.078  -5.795  1.00 14.95 ? 62  GLY A O   1 
ATOM   537 N N   . VAL A 1 65 ? -11.290 -2.386  -5.539  1.00 13.83 ? 63  VAL A N   1 
ATOM   538 C CA  . VAL A 1 65 ? -10.330 -1.440  -6.076  1.00 13.89 ? 63  VAL A CA  1 
ATOM   539 C C   . VAL A 1 65 ? -10.583 -1.283  -7.580  1.00 14.93 ? 63  VAL A C   1 
ATOM   540 O O   . VAL A 1 65 ? -11.038 -2.181  -8.285  1.00 17.89 ? 63  VAL A O   1 
ATOM   541 C CB  . VAL A 1 65 ? -8.900  -1.908  -5.720  1.00 15.70 ? 63  VAL A CB  1 
ATOM   542 C CG1 . VAL A 1 65 ? -7.796  -1.054  -6.325  1.00 18.38 ? 63  VAL A CG1 1 
ATOM   543 C CG2 . VAL A 1 65 ? -8.765  -1.978  -4.206  1.00 15.11 ? 63  VAL A CG2 1 
ATOM   544 N N   . ALA A 1 66 ? -10.301 -0.101  -8.052  1.00 15.09 ? 64  ALA A N   1 
ATOM   545 C CA  . ALA A 1 66 ? -10.318 0.204   -9.444  1.00 16.38 ? 64  ALA A CA  1 
ATOM   546 C C   . ALA A 1 66 ? -9.056  0.911   -9.900  1.00 14.29 ? 64  ALA A C   1 
ATOM   547 O O   . ALA A 1 66 ? -8.354  1.460   -9.086  1.00 13.01 ? 64  ALA A O   1 
ATOM   548 C CB  . ALA A 1 66 ? -11.444 1.107   -9.757  1.00 17.48 ? 64  ALA A CB  1 
ATOM   549 N N   . ASP A 1 67 ? -8.813  0.863   -11.193 1.00 17.56 ? 65  ASP A N   1 
ATOM   550 C CA  . ASP A 1 67 ? -7.660  1.433   -11.774 1.00 16.57 ? 65  ASP A CA  1 
ATOM   551 C C   . ASP A 1 67 ? -7.625  2.915   -11.371 1.00 14.75 ? 65  ASP A C   1 
ATOM   552 O O   . ASP A 1 67 ? -8.611  3.625   -11.470 1.00 16.73 ? 65  ASP A O   1 
ATOM   553 C CB  . ASP A 1 67 ? -7.744  1.300   -13.283 1.00 19.49 ? 65  ASP A CB  1 
ATOM   554 C CG  . ASP A 1 67 ? -6.499  1.700   -13.919 1.00 22.74 ? 65  ASP A CG  1 
ATOM   555 O OD1 . ASP A 1 67 ? -5.552  0.910   -13.888 1.00 24.30 ? 65  ASP A OD1 1 
ATOM   556 O OD2 . ASP A 1 67 ? -6.429  2.849   -14.399 1.00 33.60 ? 65  ASP A OD2 1 
ATOM   557 N N   . GLY A 1 68 ? -6.455  3.341   -10.909 1.00 15.07 ? 66  GLY A N   1 
ATOM   558 C CA  . GLY A 1 68 ? -6.272  4.699   -10.507 1.00 17.69 ? 66  GLY A CA  1 
ATOM   559 C C   . GLY A 1 68 ? -6.459  4.982   -9.039  1.00 15.28 ? 66  GLY A C   1 
ATOM   560 O O   . GLY A 1 68 ? -6.191  6.076   -8.622  1.00 18.24 ? 66  GLY A O   1 
ATOM   561 N N   . ASP A 1 69 ? -6.957  4.021   -8.278  1.00 11.94 ? 67  ASP A N   1 
ATOM   562 C CA  . ASP A 1 69 ? -7.189  4.233   -6.863  1.00 10.74 ? 67  ASP A CA  1 
ATOM   563 C C   . ASP A 1 69 ? -5.885  4.401   -6.098  1.00 10.18 ? 67  ASP A C   1 
ATOM   564 O O   . ASP A 1 69 ? -4.835  4.004   -6.531  1.00 12.06 ? 67  ASP A O   1 
ATOM   565 C CB  . ASP A 1 69 ? -8.013  3.086   -6.300  1.00 11.18 ? 67  ASP A CB  1 
ATOM   566 C CG  . ASP A 1 69 ? -9.481  3.132   -6.594  1.00 12.43 ? 67  ASP A CG  1 
ATOM   567 O OD1 . ASP A 1 69 ? -9.959  4.122   -7.137  1.00 15.52 ? 67  ASP A OD1 1 
ATOM   568 O OD2 . ASP A 1 69 ? -10.117 2.123   -6.207  1.00 14.40 ? 67  ASP A OD2 1 
ATOM   569 N N   . LYS A 1 70 ? -6.034  4.964   -4.906  1.00 11.06 ? 68  LYS A N   1 
ATOM   570 C CA  A LYS A 1 70 ? -4.943  5.280   -4.019  0.50 11.31 ? 68  LYS A CA  1 
ATOM   571 C CA  B LYS A 1 70 ? -4.917  5.238   -4.008  0.50 11.35 ? 68  LYS A CA  1 
ATOM   572 C C   . LYS A 1 70 ? -5.100  4.505   -2.700  1.00 10.30 ? 68  LYS A C   1 
ATOM   573 O O   . LYS A 1 70 ? -6.218  4.401   -2.160  1.00 11.16 ? 68  LYS A O   1 
ATOM   574 C CB  A LYS A 1 70 ? -4.974  6.809   -3.773  0.50 16.94 ? 68  LYS A CB  1 
ATOM   575 C CB  B LYS A 1 70 ? -4.833  6.740   -3.656  0.50 16.18 ? 68  LYS A CB  1 
ATOM   576 C CG  A LYS A 1 70 ? -3.901  7.338   -2.850  0.50 21.03 ? 68  LYS A CG  1 
ATOM   577 C CG  B LYS A 1 70 ? -4.665  7.703   -4.802  0.50 18.27 ? 68  LYS A CG  1 
ATOM   578 C CD  A LYS A 1 70 ? -4.044  8.836   -2.622  0.50 26.27 ? 68  LYS A CD  1 
ATOM   579 C CD  B LYS A 1 70 ? -4.727  9.131   -4.283  0.50 19.43 ? 68  LYS A CD  1 
ATOM   580 C CE  A LYS A 1 70 ? -4.999  9.188   -1.489  0.50 25.41 ? 68  LYS A CE  1 
ATOM   581 C CE  B LYS A 1 70 ? -4.587  9.200   -2.771  0.50 21.84 ? 68  LYS A CE  1 
ATOM   582 N NZ  A LYS A 1 70 ? -5.220  10.666  -1.360  0.50 24.72 ? 68  LYS A NZ  1 
ATOM   583 N NZ  B LYS A 1 70 ? -5.848  9.621   -2.102  0.50 25.31 ? 68  LYS A NZ  1 
ATOM   584 N N   . PHE A 1 71 ? -3.975  4.053   -2.172  1.00 10.14 ? 69  PHE A N   1 
ATOM   585 C CA  . PHE A 1 71 ? -3.851  3.644   -0.807  1.00 8.96  ? 69  PHE A CA  1 
ATOM   586 C C   . PHE A 1 71 ? -2.954  4.640   -0.091  1.00 8.84  ? 69  PHE A C   1 
ATOM   587 O O   . PHE A 1 71 ? -2.054  5.235   -0.688  1.00 10.44 ? 69  PHE A O   1 
ATOM   588 C CB  . PHE A 1 71 ? -3.192  2.278   -0.718  1.00 9.36  ? 69  PHE A CB  1 
ATOM   589 C CG  . PHE A 1 71 ? -3.976  1.151   -1.281  1.00 10.46 ? 69  PHE A CG  1 
ATOM   590 C CD1 . PHE A 1 71 ? -4.092  0.952   -2.657  1.00 15.94 ? 69  PHE A CD1 1 
ATOM   591 C CD2 . PHE A 1 71 ? -4.714  0.311   -0.447  1.00 12.07 ? 69  PHE A CD2 1 
ATOM   592 C CE1 . PHE A 1 71 ? -4.886  -0.080  -3.129  1.00 18.18 ? 69  PHE A CE1 1 
ATOM   593 C CE2 . PHE A 1 71 ? -5.432  -0.731  -0.931  1.00 13.47 ? 69  PHE A CE2 1 
ATOM   594 C CZ  . PHE A 1 71 ? -5.528  -0.966  -2.256  1.00 15.36 ? 69  PHE A CZ  1 
ATOM   595 N N   . VAL A 1 72 ? -3.146  4.774   1.218   1.00 8.76  ? 70  VAL A N   1 
ATOM   596 C CA  . VAL A 1 72 ? -2.334  5.618   2.052   1.00 9.03  ? 70  VAL A CA  1 
ATOM   597 C C   . VAL A 1 72 ? -1.447  4.712   2.915   1.00 8.86  ? 70  VAL A C   1 
ATOM   598 O O   . VAL A 1 72 ? -1.912  3.739   3.493   1.00 9.45  ? 70  VAL A O   1 
ATOM   599 C CB  . VAL A 1 72 ? -3.212  6.556   2.910   1.00 9.87  ? 70  VAL A CB  1 
ATOM   600 C CG1 . VAL A 1 72 ? -2.395  7.291   3.953   1.00 11.07 ? 70  VAL A CG1 1 
ATOM   601 C CG2 . VAL A 1 72 ? -3.928  7.536   2.023   1.00 11.73 ? 70  VAL A CG2 1 
ATOM   602 N N   . LEU A 1 73 ? -0.153  5.083   2.989   1.00 9.33  ? 71  LEU A N   1 
ATOM   603 C CA  . LEU A 1 73 ? 0.814   4.360   3.745   1.00 9.55  ? 71  LEU A CA  1 
ATOM   604 C C   . LEU A 1 73 ? 1.097   5.079   5.087   1.00 10.17 ? 71  LEU A C   1 
ATOM   605 O O   . LEU A 1 73 ? 1.556   6.253   5.072   1.00 11.86 ? 71  LEU A O   1 
ATOM   606 C CB  . LEU A 1 73 ? 2.109   4.269   2.958   1.00 11.81 ? 71  LEU A CB  1 
ATOM   607 C CG  . LEU A 1 73 ? 3.277   3.746   3.658   1.00 15.30 ? 71  LEU A CG  1 
ATOM   608 C CD1 . LEU A 1 73 ? 3.077   2.342   3.985   1.00 15.44 ? 71  LEU A CD1 1 
ATOM   609 C CD2 . LEU A 1 73 ? 4.554   3.896   2.875   1.00 15.62 ? 71  LEU A CD2 1 
ATOM   610 N N   . ILE A 1 74 ? 0.754   4.419   6.184   1.00 9.84  ? 72  ILE A N   1 
ATOM   611 C CA  . ILE A 1 74 ? 1.024   4.930   7.548   1.00 10.55 ? 72  ILE A CA  1 
ATOM   612 C C   . ILE A 1 74 ? 2.243   4.188   8.088   1.00 11.40 ? 72  ILE A C   1 
ATOM   613 O O   . ILE A 1 74 ? 2.289   2.969   8.021   1.00 12.59 ? 72  ILE A O   1 
ATOM   614 C CB  . ILE A 1 74 ? -0.201  4.676   8.418   1.00 11.76 ? 72  ILE A CB  1 
ATOM   615 C CG1 . ILE A 1 74 ? -1.389  5.491   7.885   1.00 12.12 ? 72  ILE A CG1 1 
ATOM   616 C CG2 . ILE A 1 74 ? 0.088   5.028   9.859   1.00 13.79 ? 72  ILE A CG2 1 
ATOM   617 C CD1 . ILE A 1 74 ? -2.666  5.218   8.647   1.00 14.14 ? 72  ILE A CD1 1 
ATOM   618 N N   . THR A 1 75 ? 3.241   4.937   8.581   1.00 12.86 ? 73  THR A N   1 
ATOM   619 C CA  . THR A 1 75 ? 4.450   4.329   9.080   1.00 13.91 ? 73  THR A CA  1 
ATOM   620 C C   . THR A 1 75 ? 4.696   4.754   10.486  1.00 14.89 ? 73  THR A C   1 
ATOM   621 O O   . THR A 1 75 ? 4.308   5.828   10.949  1.00 17.13 ? 73  THR A O   1 
ATOM   622 C CB  . THR A 1 75 ? 5.694   4.637   8.210   1.00 16.38 ? 73  THR A CB  1 
ATOM   623 O OG1 . THR A 1 75 ? 6.035   6.011   8.355   1.00 23.49 ? 73  THR A OG1 1 
ATOM   624 C CG2 . THR A 1 75 ? 5.468   4.377   6.774   1.00 16.33 ? 73  THR A CG2 1 
ATOM   625 N N   . ARG A 1 76 ? 5.442   3.911   11.151  1.00 16.20 ? 74  ARG A N   1 
ATOM   626 C CA  . ARG A 1 76 ? 5.884   4.132   12.490  1.00 16.63 ? 74  ARG A CA  1 
ATOM   627 C C   . ARG A 1 76 ? 7.418   4.077   12.629  1.00 15.70 ? 74  ARG A C   1 
ATOM   628 O O   . ARG A 1 76 ? 8.172   3.786   11.665  1.00 16.86 ? 74  ARG A O   1 
ATOM   629 C CB  . ARG A 1 76 ? 5.215   3.079   13.352  1.00 22.07 ? 74  ARG A CB  1 
ATOM   630 C CG  . ARG A 1 76 ? 5.982   1.777   13.404  1.00 33.66 ? 74  ARG A CG  1 
ATOM   631 N N   . THR A 1 77 ? 7.877   4.272   13.849  1.00 15.00 ? 75  THR A N   1 
ATOM   632 C CA  . THR A 1 77 ? 9.314   4.126   14.119  1.00 16.10 ? 75  THR A CA  1 
ATOM   633 C C   . THR A 1 77 ? 9.789   2.690   13.835  1.00 16.43 ? 75  THR A C   1 
ATOM   634 O O   . THR A 1 77 ? 9.005   1.723   13.883  1.00 18.21 ? 75  THR A O   1 
ATOM   635 C CB  . THR A 1 77 ? 9.673   4.493   15.552  1.00 17.66 ? 75  THR A CB  1 
ATOM   636 O OG1 . THR A 1 77 ? 9.069   3.556   16.438  1.00 21.44 ? 75  THR A OG1 1 
ATOM   637 C CG2 . THR A 1 77 ? 9.250   5.904   15.897  1.00 20.28 ? 75  THR A CG2 1 
ATOM   638 N N   A VAL A 1 78 ? 11.115  2.516   13.657  0.50 14.80 ? 76  VAL A N   1 
ATOM   639 N N   B VAL A 1 78 ? 11.080  2.620   13.453  0.50 18.42 ? 76  VAL A N   1 
ATOM   640 C CA  A VAL A 1 78 ? 11.611  1.337   12.893  0.50 16.67 ? 76  VAL A CA  1 
ATOM   641 C CA  B VAL A 1 78 ? 11.782  1.388   13.031  0.50 19.87 ? 76  VAL A CA  1 
ATOM   642 C C   A VAL A 1 78 ? 12.684  0.531   13.623  0.50 14.71 ? 76  VAL A C   1 
ATOM   643 C C   B VAL A 1 78 ? 12.922  1.367   14.020  0.50 27.81 ? 76  VAL A C   1 
ATOM   644 O O   A VAL A 1 78 ? 13.254  -0.443  13.072  0.50 15.33 ? 76  VAL A O   1 
ATOM   645 O O   B VAL A 1 78 ? 13.358  2.417   14.466  0.50 30.29 ? 76  VAL A O   1 
ATOM   646 C CB  A VAL A 1 78 ? 12.039  1.785   11.478  0.50 17.99 ? 76  VAL A CB  1 
ATOM   647 C CB  B VAL A 1 78 ? 12.346  1.472   11.572  0.50 17.48 ? 76  VAL A CB  1 
ATOM   648 C CG1 A VAL A 1 78 ? 12.461  0.587   10.704  0.50 21.08 ? 76  VAL A CG1 1 
ATOM   649 C CG1 B VAL A 1 78 ? 11.299  1.883   10.524  0.50 14.85 ? 76  VAL A CG1 1 
ATOM   650 C CG2 A VAL A 1 78 ? 10.868  2.414   10.727  0.50 21.40 ? 76  VAL A CG2 1 
ATOM   651 C CG2 B VAL A 1 78 ? 13.475  2.468   11.503  0.50 14.49 ? 76  VAL A CG2 1 
ATOM   652 N N   A GLY A 1 79 ? 12.869  0.901   14.899  0.50 14.84 ? 77  GLY A N   1 
ATOM   653 N N   B GLY A 1 79 ? 13.428  0.195   14.383  0.50 27.66 ? 77  GLY A N   1 
ATOM   654 C CA  A GLY A 1 79 ? 13.955  0.372   15.716  0.50 16.67 ? 77  GLY A CA  1 
ATOM   655 C CA  B GLY A 1 79 ? 14.130  0.113   15.657  0.50 24.23 ? 77  GLY A CA  1 
ATOM   656 C C   A GLY A 1 79 ? 13.540  -0.682  16.731  0.50 16.00 ? 77  GLY A C   1 
ATOM   657 C C   B GLY A 1 79 ? 13.017  -0.257  16.616  0.50 28.74 ? 77  GLY A C   1 
ATOM   658 O O   A GLY A 1 79 ? 14.369  -1.041  17.585  0.50 19.77 ? 77  GLY A O   1 
ATOM   659 O O   B GLY A 1 79 ? 12.468  0.565   17.346  0.50 32.28 ? 77  GLY A O   1 
ATOM   660 N N   A GLY A 1 80 ? 12.307  -1.190  16.632  0.50 18.61 ? 78  GLY A N   1 
ATOM   661 N N   B GLY A 1 80 ? 12.620  -1.510  16.511  0.50 30.56 ? 78  GLY A N   1 
ATOM   662 C CA  A GLY A 1 80 ? 11.782  -2.118  17.629  0.50 25.08 ? 78  GLY A CA  1 
ATOM   663 C CA  B GLY A 1 80 ? 11.710  -2.127  17.445  0.50 24.27 ? 78  GLY A CA  1 
ATOM   664 C C   . GLY A 1 80 ? 12.118  -3.575  17.384  1.00 23.87 ? 78  GLY A C   1 
ATOM   665 O O   . GLY A 1 80 ? 11.921  -4.387  18.288  1.00 23.81 ? 78  GLY A O   1 
ATOM   666 O OXT . GLY A 1 80 ? 12.622  -3.939  16.320  1.00 26.23 ? 78  GLY A OXT 1 
HETATM 667 S S   . SO4 B 2 .  ? 2.464   -7.461  10.026  0.50 22.15 ? 101 SO4 A S   1 
HETATM 668 O O1  . SO4 B 2 .  ? 1.313   -8.184  9.459   0.50 28.60 ? 101 SO4 A O1  1 
HETATM 669 O O2  . SO4 B 2 .  ? 3.124   -8.390  10.998  0.50 28.00 ? 101 SO4 A O2  1 
HETATM 670 O O3  . SO4 B 2 .  ? 3.423   -6.898  9.006   0.50 20.89 ? 101 SO4 A O3  1 
HETATM 671 O O4  . SO4 B 2 .  ? 1.960   -6.292  10.770  0.50 25.40 ? 101 SO4 A O4  1 
HETATM 672 S S   . SO4 C 2 .  ? -16.995 0.527   4.881   0.50 18.43 ? 102 SO4 A S   1 
HETATM 673 O O1  . SO4 C 2 .  ? -15.819 -0.217  4.313   0.50 22.33 ? 102 SO4 A O1  1 
HETATM 674 O O2  . SO4 C 2 .  ? -17.730 -0.214  5.848   0.50 17.61 ? 102 SO4 A O2  1 
HETATM 675 O O3  . SO4 C 2 .  ? -17.531 1.296   3.794   0.50 20.57 ? 102 SO4 A O3  1 
HETATM 676 O O4  . SO4 C 2 .  ? -16.284 1.492   5.696   0.50 23.43 ? 102 SO4 A O4  1 
HETATM 677 O O   . HOH D 3 .  ? -1.008  -2.803  -16.211 0.50 15.98 ? 201 HOH A O   1 
HETATM 678 O O   . HOH D 3 .  ? 11.523  2.070   17.034  0.50 19.45 ? 202 HOH A O   1 
HETATM 679 O O   . HOH D 3 .  ? 1.408   -0.924  -18.104 1.00 22.38 ? 203 HOH A O   1 
HETATM 680 O O   . HOH D 3 .  ? -1.807  -7.142  -17.153 1.00 40.40 ? 204 HOH A O   1 
HETATM 681 O O   . HOH D 3 .  ? -8.503  -11.953 -10.601 1.00 17.53 ? 205 HOH A O   1 
HETATM 682 O O   . HOH D 3 .  ? 9.929   -4.052  12.937  1.00 30.61 ? 206 HOH A O   1 
HETATM 683 O O   . HOH D 3 .  ? -14.569 -0.537  -1.699  1.00 36.32 ? 207 HOH A O   1 
HETATM 684 O O   . HOH D 3 .  ? -11.618 -4.653  -7.945  1.00 23.19 ? 208 HOH A O   1 
HETATM 685 O O   . HOH D 3 .  ? -13.709 -10.482 -9.293  1.00 25.46 ? 209 HOH A O   1 
HETATM 686 O O   . HOH D 3 .  ? 5.721   7.853   6.535   1.00 29.74 ? 210 HOH A O   1 
HETATM 687 O O   . HOH D 3 .  ? 5.457   -8.740  9.868   1.00 42.50 ? 211 HOH A O   1 
HETATM 688 O O   . HOH D 3 .  ? 1.241   -3.738  10.431  1.00 40.01 ? 212 HOH A O   1 
HETATM 689 O O   . HOH D 3 .  ? -0.446  5.511   -15.190 1.00 24.99 ? 213 HOH A O   1 
HETATM 690 O O   . HOH D 3 .  ? 3.511   7.786   -12.063 1.00 27.30 ? 214 HOH A O   1 
HETATM 691 O O   . HOH D 3 .  ? -4.807  -1.280  7.528   1.00 13.21 ? 215 HOH A O   1 
HETATM 692 O O   . HOH D 3 .  ? -9.919  5.251   -9.591  1.00 27.38 ? 216 HOH A O   1 
HETATM 693 O O   . HOH D 3 .  ? -3.494  -4.823  5.779   1.00 29.33 ? 217 HOH A O   1 
HETATM 694 O O   . HOH D 3 .  ? 3.077   8.129   6.293   0.50 15.97 ? 218 HOH A O   1 
HETATM 695 O O   . HOH D 3 .  ? -7.385  8.296   -0.302  1.00 32.18 ? 219 HOH A O   1 
HETATM 696 O O   . HOH D 3 .  ? 4.440   12.971  0.177   1.00 29.58 ? 220 HOH A O   1 
HETATM 697 O O   . HOH D 3 .  ? 5.921   0.771   -10.991 1.00 11.92 ? 221 HOH A O   1 
HETATM 698 O O   . HOH D 3 .  ? -6.751  5.764   2.914   1.00 11.20 ? 222 HOH A O   1 
HETATM 699 O O   . HOH D 3 .  ? -6.990  5.683   0.126   1.00 14.02 ? 223 HOH A O   1 
HETATM 700 O O   . HOH D 3 .  ? -11.201 -11.797 -5.341  1.00 21.60 ? 224 HOH A O   1 
HETATM 701 O O   . HOH D 3 .  ? -14.043 1.314   -3.713  1.00 34.36 ? 225 HOH A O   1 
HETATM 702 O O   . HOH D 3 .  ? -16.324 -8.084  -2.244  1.00 17.73 ? 226 HOH A O   1 
HETATM 703 O O   . HOH D 3 .  ? -10.982 3.552   -12.854 1.00 36.00 ? 227 HOH A O   1 
HETATM 704 O O   . HOH D 3 .  ? 2.207   13.231  2.940   1.00 32.33 ? 228 HOH A O   1 
HETATM 705 O O   . HOH D 3 .  ? -10.497 -5.448  4.855   1.00 24.35 ? 229 HOH A O   1 
HETATM 706 O O   . HOH D 3 .  ? 14.694  -1.121  -1.921  1.00 27.69 ? 230 HOH A O   1 
HETATM 707 O O   . HOH D 3 .  ? 7.594   -7.001  9.518   1.00 31.96 ? 231 HOH A O   1 
HETATM 708 O O   . HOH D 3 .  ? 6.874   10.812  3.720   1.00 18.92 ? 232 HOH A O   1 
HETATM 709 O O   . HOH D 3 .  ? -6.447  5.613   -14.049 1.00 48.14 ? 233 HOH A O   1 
HETATM 710 O O   . HOH D 3 .  ? -11.744 -3.027  5.479   1.00 25.02 ? 234 HOH A O   1 
HETATM 711 O O   . HOH D 3 .  ? 3.481   -3.810  -8.826  1.00 38.64 ? 235 HOH A O   1 
HETATM 712 O O   . HOH D 3 .  ? -12.757 3.911   -6.552  1.00 28.50 ? 236 HOH A O   1 
HETATM 713 O O   . HOH D 3 .  ? -1.467  -11.069 2.135   1.00 15.87 ? 237 HOH A O   1 
HETATM 714 O O   . HOH D 3 .  ? 14.413  2.198   -2.965  1.00 26.59 ? 238 HOH A O   1 
HETATM 715 O O   . HOH D 3 .  ? 2.747   15.834  6.302   1.00 38.16 ? 239 HOH A O   1 
HETATM 716 O O   . HOH D 3 .  ? -13.373 1.575   -6.669  1.00 36.60 ? 240 HOH A O   1 
HETATM 717 O O   . HOH D 3 .  ? 4.637   6.406   -0.946  1.00 25.54 ? 241 HOH A O   1 
HETATM 718 O O   . HOH D 3 .  ? -1.153  -11.720 -2.691  1.00 10.79 ? 242 HOH A O   1 
HETATM 719 O O   . HOH D 3 .  ? 3.282   7.099   13.250  1.00 42.25 ? 243 HOH A O   1 
HETATM 720 O O   . HOH D 3 .  ? 8.289   2.769   9.035   1.00 17.55 ? 244 HOH A O   1 
HETATM 721 O O   . HOH D 3 .  ? -2.751  -13.495 -3.932  1.00 10.37 ? 245 HOH A O   1 
HETATM 722 O O   . HOH D 3 .  ? -10.351 -0.625  -13.056 1.00 29.80 ? 246 HOH A O   1 
HETATM 723 O O   . HOH D 3 .  ? -15.799 -4.654  -0.858  1.00 36.92 ? 247 HOH A O   1 
HETATM 724 O O   . HOH D 3 .  ? 3.760   -8.506  6.680   1.00 22.86 ? 248 HOH A O   1 
HETATM 725 O O   . HOH D 3 .  ? 14.357  -5.555  19.197  1.00 17.24 ? 249 HOH A O   1 
HETATM 726 O O   . HOH D 3 .  ? -5.053  -11.775 -12.646 1.00 36.93 ? 250 HOH A O   1 
HETATM 727 O O   . HOH D 3 .  ? -19.853 1.147   7.227   1.00 42.94 ? 251 HOH A O   1 
HETATM 728 O O   . HOH D 3 .  ? 9.983   -0.890  14.942  1.00 30.57 ? 252 HOH A O   1 
HETATM 729 O O   . HOH D 3 .  ? 4.418   -1.591  -11.569 1.00 15.04 ? 253 HOH A O   1 
HETATM 730 O O   . HOH D 3 .  ? -4.449  -8.371  8.389   1.00 36.01 ? 254 HOH A O   1 
HETATM 731 O O   . HOH D 3 .  ? -8.678  5.292   -3.662  1.00 20.88 ? 255 HOH A O   1 
HETATM 732 O O   . HOH D 3 .  ? 2.738   -7.363  4.305   1.00 20.98 ? 256 HOH A O   1 
HETATM 733 O O   . HOH D 3 .  ? -2.293  -2.590  6.693   1.00 18.70 ? 257 HOH A O   1 
HETATM 734 O O   . HOH D 3 .  ? 4.407   7.209   5.044   0.50 22.71 ? 258 HOH A O   1 
HETATM 735 O O   . HOH D 3 .  ? 1.466   7.952   -7.312  1.00 28.24 ? 259 HOH A O   1 
HETATM 736 O O   . HOH D 3 .  ? 1.802   1.971   10.852  1.00 24.29 ? 260 HOH A O   1 
HETATM 737 O O   . HOH D 3 .  ? 2.492   -0.354  11.929  1.00 28.63 ? 261 HOH A O   1 
HETATM 738 O O   . HOH D 3 .  ? -3.068  10.999  5.819   1.00 31.77 ? 262 HOH A O   1 
HETATM 739 O O   . HOH D 3 .  ? 0.692   -7.739  -8.190  1.00 21.32 ? 263 HOH A O   1 
HETATM 740 O O   . HOH D 3 .  ? -1.904  -0.080  13.993  1.00 47.36 ? 264 HOH A O   1 
HETATM 741 O O   . HOH D 3 .  ? -13.856 -4.634  2.084   1.00 38.88 ? 265 HOH A O   1 
HETATM 742 O O   . HOH D 3 .  ? 7.532   8.292   2.336   1.00 29.29 ? 266 HOH A O   1 
HETATM 743 O O   . HOH D 3 .  ? -8.788  8.104   -2.625  1.00 36.94 ? 267 HOH A O   1 
HETATM 744 O O   . HOH D 3 .  ? 17.849  -0.649  -4.219  1.00 45.85 ? 268 HOH A O   1 
HETATM 745 O O   . HOH D 3 .  ? 12.264  9.898   -6.342  1.00 38.40 ? 269 HOH A O   1 
HETATM 746 O O   . HOH D 3 .  ? 6.113   -1.606  14.927  1.00 50.16 ? 270 HOH A O   1 
HETATM 747 O O   . HOH D 3 .  ? -2.971  -11.844 -16.981 1.00 20.29 ? 271 HOH A O   1 
HETATM 748 O O   . HOH D 3 .  ? 1.487   8.533   -9.797  1.00 31.94 ? 272 HOH A O   1 
HETATM 749 O O   . HOH D 3 .  ? -12.318 1.211   -13.698 1.00 42.75 ? 273 HOH A O   1 
HETATM 750 O O   . HOH D 3 .  ? 1.958   12.502  -1.647  1.00 46.62 ? 274 HOH A O   1 
HETATM 751 O O   . HOH D 3 .  ? -0.297  9.907   -6.149  1.00 35.06 ? 275 HOH A O   1 
HETATM 752 O O   . HOH D 3 .  ? 10.523  -1.262  -8.904  1.00 32.70 ? 276 HOH A O   1 
# 
loop_
_atom_site_anisotrop.id 
_atom_site_anisotrop.type_symbol 
_atom_site_anisotrop.pdbx_label_atom_id 
_atom_site_anisotrop.pdbx_label_alt_id 
_atom_site_anisotrop.pdbx_label_comp_id 
_atom_site_anisotrop.pdbx_label_asym_id 
_atom_site_anisotrop.pdbx_label_seq_id 
_atom_site_anisotrop.pdbx_PDB_ins_code 
_atom_site_anisotrop.U[1][1] 
_atom_site_anisotrop.U[2][2] 
_atom_site_anisotrop.U[3][3] 
_atom_site_anisotrop.U[1][2] 
_atom_site_anisotrop.U[1][3] 
_atom_site_anisotrop.U[2][3] 
_atom_site_anisotrop.pdbx_auth_seq_id 
_atom_site_anisotrop.pdbx_auth_comp_id 
_atom_site_anisotrop.pdbx_auth_asym_id 
_atom_site_anisotrop.pdbx_auth_atom_id 
1   N N   . GLY A 1  ? 0.3395 0.3151 0.3149 -0.0625 0.0015  -0.0338 -1  GLY A N   
2   C CA  . GLY A 1  ? 0.3839 0.3181 0.2941 -0.0895 0.0456  -0.0838 -1  GLY A CA  
3   C C   . GLY A 1  ? 0.2977 0.2916 0.1844 -0.0280 0.0471  -0.0454 -1  GLY A C   
4   O O   . GLY A 1  ? 0.3716 0.2532 0.2625 -0.0825 0.0229  -0.0554 -1  GLY A O   
5   N N   . HIS A 2  ? 0.4249 0.2760 0.2062 -0.0649 0.0703  -0.0738 0   HIS A N   
6   C CA  . HIS A 2  ? 0.2810 0.2274 0.1909 -0.0909 0.0451  -0.0115 0   HIS A CA  
7   C C   . HIS A 2  ? 0.2859 0.2922 0.1852 -0.0434 0.0108  -0.0013 0   HIS A C   
8   O O   . HIS A 2  ? 0.4666 0.4485 0.2000 0.0561  -0.0440 -0.0185 0   HIS A O   
9   C CB  . HIS A 2  ? 0.2971 0.2804 0.3285 -0.1072 0.1070  0.0292  0   HIS A CB  
10  C CG  . HIS A 2  ? 0.4099 0.4143 0.3554 0.0117  0.0935  0.0135  0   HIS A CG  
11  N ND1 . HIS A 2  ? 0.3441 0.3675 0.4442 -0.1052 0.0644  0.0225  0   HIS A ND1 
12  C CD2 . HIS A 2  ? 0.3897 0.3250 0.3449 0.0505  0.1589  0.0298  0   HIS A CD2 
13  C CE1 . HIS A 2  ? 0.4993 0.3806 0.4003 0.0149  -0.0032 -0.1144 0   HIS A CE1 
14  N NE2 . HIS A 2  ? 0.3400 0.4231 0.3625 0.1110  -0.0109 -0.0517 0   HIS A NE2 
15  N N   . MET A 3  ? 0.1715 0.2342 0.2121 -0.0733 -0.0318 -0.0339 1   MET A N   
16  C CA  A MET A 3  ? 0.1512 0.2455 0.3043 -0.0577 -0.0473 -0.0378 1   MET A CA  
17  C CA  B MET A 3  ? 0.1857 0.2363 0.2128 -0.0776 0.0185  -0.0332 1   MET A CA  
18  C C   . MET A 3  ? 0.1508 0.2060 0.1630 -0.0433 -0.0119 -0.0285 1   MET A C   
19  O O   . MET A 3  ? 0.1648 0.2055 0.2346 -0.0587 -0.0309 0.0146  1   MET A O   
20  C CB  A MET A 3  ? 0.2030 0.2122 0.3251 -0.0473 -0.0039 0.0044  1   MET A CB  
21  C CB  B MET A 3  ? 0.1784 0.2092 0.1397 -0.0603 -0.0270 0.0315  1   MET A CB  
22  C CG  A MET A 3  ? 0.2535 0.2286 0.2809 -0.0736 -0.0101 0.0291  1   MET A CG  
23  C CG  B MET A 3  ? 0.1908 0.1475 0.2429 -0.0811 -0.0225 0.0276  1   MET A CG  
24  S SD  A MET A 3  ? 0.2426 0.3051 0.3309 -0.0606 0.0278  0.0022  1   MET A SD  
25  S SD  B MET A 3  ? 0.2532 0.2953 0.2412 0.0273  -0.0222 0.0446  1   MET A SD  
26  C CE  A MET A 3  ? 0.2063 0.2113 0.2121 -0.1006 0.0563  -0.1153 1   MET A CE  
27  C CE  B MET A 3  ? 0.2366 0.2582 0.2874 -0.0127 0.0041  -0.0126 1   MET A CE  
28  N N   . LYS A 4  ? 0.1525 0.2213 0.1371 -0.0290 -0.0322 -0.0460 2   LYS A N   
29  C CA  . LYS A 4  ? 0.1519 0.1795 0.1363 -0.0350 -0.0212 -0.0277 2   LYS A CA  
30  C C   . LYS A 4  ? 0.1448 0.2173 0.1393 -0.0264 -0.0187 -0.0462 2   LYS A C   
31  O O   . LYS A 4  ? 0.1711 0.3213 0.1632 0.0297  -0.0476 -0.0843 2   LYS A O   
32  C CB  . LYS A 4  ? 0.2189 0.1945 0.1811 -0.0210 0.0134  -0.0146 2   LYS A CB  
33  N N   . ILE A 5  ? 0.1325 0.1806 0.1245 -0.0440 -0.0118 -0.0351 3   ILE A N   
34  C CA  . ILE A 5  ? 0.1329 0.1750 0.1394 -0.0411 -0.0073 -0.0368 3   ILE A CA  
35  C C   . ILE A 5  ? 0.1091 0.1535 0.1186 -0.0249 -0.0042 -0.0302 3   ILE A C   
36  O O   . ILE A 5  ? 0.1231 0.1696 0.1806 -0.0379 0.0148  -0.0607 3   ILE A O   
37  C CB  . ILE A 5  ? 0.1648 0.1988 0.1387 -0.0650 -0.0164 -0.0426 3   ILE A CB  
38  C CG1 . ILE A 5  ? 0.1883 0.1845 0.1645 -0.0676 0.0062  -0.0066 3   ILE A CG1 
39  C CG2 . ILE A 5  ? 0.2222 0.2376 0.1510 -0.0902 -0.0277 -0.0253 3   ILE A CG2 
40  C CD1 . ILE A 5  ? 0.2321 0.2073 0.1654 -0.0532 -0.0080 -0.0252 3   ILE A CD1 
41  N N   . LYS A 6  ? 0.0957 0.1630 0.1105 -0.0122 -0.0228 -0.0274 4   LYS A N   
42  C CA  . LYS A 6  ? 0.1192 0.1562 0.1085 -0.0369 -0.0094 -0.0148 4   LYS A CA  
43  C C   . LYS A 6  ? 0.1020 0.1275 0.1048 -0.0075 -0.0075 -0.0159 4   LYS A C   
44  O O   . LYS A 6  ? 0.1063 0.1974 0.1027 -0.0279 -0.0120 -0.0120 4   LYS A O   
45  C CB  . LYS A 6  ? 0.1897 0.1616 0.1254 -0.0308 -0.0133 -0.0045 4   LYS A CB  
46  C CG  . LYS A 6  ? 0.3434 0.3084 0.1893 0.0069  -0.0391 0.0369  4   LYS A CG  
47  N N   . ILE A 7  ? 0.0994 0.1266 0.0929 -0.0221 -0.0131 -0.0178 5   ILE A N   
48  C CA  A ILE A 7  ? 0.0864 0.1174 0.1018 -0.0337 -0.0133 -0.0218 5   ILE A CA  
49  C CA  B ILE A 7  ? 0.1063 0.1196 0.0970 -0.0293 -0.0127 -0.0285 5   ILE A CA  
50  C C   . ILE A 7  ? 0.1032 0.1234 0.0990 -0.0269 -0.0058 -0.0168 5   ILE A C   
51  O O   . ILE A 7  ? 0.1161 0.1597 0.1368 -0.0488 0.0107  -0.0442 5   ILE A O   
52  C CB  A ILE A 7  ? 0.1132 0.1191 0.1048 -0.0198 -0.0222 -0.0257 5   ILE A CB  
53  C CB  B ILE A 7  ? 0.1286 0.1489 0.1177 0.0069  -0.0281 -0.0487 5   ILE A CB  
54  C CG1 A ILE A 7  ? 0.1063 0.1119 0.0869 0.0015  -0.0076 -0.0288 5   ILE A CG1 
55  C CG1 B ILE A 7  ? 0.1865 0.1377 0.1294 0.0087  -0.0386 -0.0326 5   ILE A CG1 
56  C CG2 A ILE A 7  ? 0.1213 0.1298 0.1054 -0.0297 -0.0108 -0.0284 5   ILE A CG2 
57  C CG2 B ILE A 7  ? 0.1530 0.1447 0.1230 0.0566  -0.0414 -0.0413 5   ILE A CG2 
58  C CD1 A ILE A 7  ? 0.1279 0.0800 0.1222 -0.0141 -0.0020 -0.0251 5   ILE A CD1 
59  C CD1 B ILE A 7  ? 0.1633 0.1812 0.1510 -0.0056 -0.0200 -0.0456 5   ILE A CD1 
60  N N   . VAL A 8  ? 0.1147 0.1078 0.1161 -0.0265 0.0041  -0.0276 6   VAL A N   
61  C CA  A VAL A 8  ? 0.1709 0.1217 0.1285 -0.0476 0.0187  -0.0452 6   VAL A CA  
62  C CA  B VAL A 8  ? 0.1680 0.1172 0.1281 -0.0419 0.0109  -0.0266 6   VAL A CA  
63  C C   . VAL A 8  ? 0.1584 0.1178 0.1359 -0.0457 0.0172  -0.0370 6   VAL A C   
64  O O   . VAL A 8  ? 0.1740 0.1579 0.1310 -0.0820 0.0020  -0.0370 6   VAL A O   
65  C CB  A VAL A 8  ? 0.2188 0.1068 0.1884 -0.0317 0.0436  -0.0331 6   VAL A CB  
66  C CB  B VAL A 8  ? 0.2182 0.1393 0.1615 0.0081  0.0191  -0.0045 6   VAL A CB  
67  C CG1 A VAL A 8  ? 0.1915 0.1372 0.1943 -0.0005 0.0145  -0.0060 6   VAL A CG1 
68  C CG1 B VAL A 8  ? 0.2935 0.1537 0.1996 0.0105  -0.0226 -0.0204 6   VAL A CG1 
69  C CG2 A VAL A 8  ? 0.2075 0.1134 0.1932 -0.0030 0.0149  -0.0038 6   VAL A CG2 
70  C CG2 B VAL A 8  ? 0.1990 0.1497 0.1832 -0.0016 -0.0068 0.0042  6   VAL A CG2 
71  N N   . PRO A 9  ? 0.1490 0.1544 0.1483 -0.0598 0.0152  -0.0394 7   PRO A N   
72  C CA  A PRO A 9  ? 0.1577 0.1510 0.1585 -0.0555 -0.0007 -0.0513 7   PRO A CA  
73  C CA  B PRO A 9  ? 0.1511 0.1777 0.1667 -0.0402 -0.0170 -0.0520 7   PRO A CA  
74  C C   . PRO A 9  ? 0.1531 0.1330 0.1447 -0.0572 -0.0062 -0.0453 7   PRO A C   
75  O O   . PRO A 9  ? 0.2301 0.1716 0.1581 -0.0305 -0.0004 -0.0415 7   PRO A O   
76  C CB  A PRO A 9  ? 0.1736 0.2354 0.1619 -0.0919 0.0179  -0.0610 7   PRO A CB  
77  C CB  B PRO A 9  ? 0.1858 0.2448 0.1694 -0.0852 -0.0408 -0.0388 7   PRO A CB  
78  C CG  A PRO A 9  ? 0.2156 0.2117 0.1848 -0.0963 0.0481  -0.0584 7   PRO A CG  
79  C CG  B PRO A 9  ? 0.1588 0.2646 0.2094 -0.0195 -0.0041 0.0110  7   PRO A CG  
80  C CD  A PRO A 9  ? 0.1707 0.1481 0.2442 -0.0808 0.0487  -0.0555 7   PRO A CD  
81  C CD  B PRO A 9  ? 0.1629 0.1789 0.1745 -0.0269 0.0188  0.0035  7   PRO A CD  
82  N N   . ALA A 10 ? 0.1597 0.1585 0.1431 -0.0495 -0.0024 -0.0548 8   ALA A N   
83  C CA  . ALA A 10 ? 0.1532 0.1983 0.1519 -0.0462 -0.0046 -0.0776 8   ALA A CA  
84  C C   . ALA A 10 ? 0.1737 0.1796 0.1979 -0.0423 -0.0288 -0.0779 8   ALA A C   
85  O O   . ALA A 10 ? 0.2189 0.2207 0.2707 -0.0148 -0.0218 -0.1147 8   ALA A O   
86  C CB  . ALA A 10 ? 0.1652 0.2382 0.1661 -0.0773 0.0122  -0.0813 8   ALA A CB  
87  N N   . VAL A 11 ? 0.1628 0.1845 0.1765 -0.0607 0.0022  -0.0825 9   VAL A N   
88  C CA  . VAL A 11 ? 0.2130 0.2356 0.2064 -0.0749 0.0104  -0.1342 9   VAL A CA  
89  C C   . VAL A 11 ? 0.2091 0.2360 0.1770 -0.0990 -0.0073 -0.1126 9   VAL A C   
90  O O   . VAL A 11 ? 0.1939 0.2336 0.2163 -0.0793 0.0071  -0.0714 9   VAL A O   
91  C CB  . VAL A 11 ? 0.2271 0.2636 0.1981 -0.0956 0.0107  -0.1103 9   VAL A CB  
92  C CG1 . VAL A 11 ? 0.2332 0.3477 0.1993 -0.0579 0.0285  -0.1009 9   VAL A CG1 
93  C CG2 . VAL A 11 ? 0.2807 0.2825 0.2050 -0.1272 -0.0379 -0.0566 9   VAL A CG2 
94  N N   . GLY A 12 ? 0.2496 0.2349 0.2292 -0.1215 0.0238  -0.1175 10  GLY A N   
95  C CA  . GLY A 12 ? 0.2106 0.2137 0.1925 -0.0851 -0.0122 -0.0542 10  GLY A CA  
96  C C   . GLY A 12 ? 0.2059 0.2279 0.2015 -0.0655 -0.0246 -0.0596 10  GLY A C   
97  O O   . GLY A 12 ? 0.2564 0.2633 0.2380 -0.0941 -0.0498 -0.0734 10  GLY A O   
98  N N   . GLY A 13 ? 0.2358 0.2319 0.1948 -0.0873 -0.0198 -0.0850 11  GLY A N   
99  C CA  . GLY A 13 ? 0.2323 0.2718 0.2322 -0.1046 -0.0030 -0.0672 11  GLY A CA  
100 C C   . GLY A 13 ? 0.3455 0.2619 0.1857 -0.0775 0.0219  -0.0635 11  GLY A C   
101 O O   . GLY A 13 ? 0.3053 0.3607 0.2405 -0.1276 0.0530  -0.0375 11  GLY A O   
102 N N   . GLY A 14 ? 0.3113 0.2659 0.1892 -0.0991 0.0152  -0.0852 12  GLY A N   
103 C CA  . GLY A 14 ? 0.2547 0.3116 0.2387 -0.0720 0.0027  -0.1231 12  GLY A CA  
104 C C   . GLY A 14 ? 0.2265 0.2355 0.2216 -0.0567 0.0090  -0.0946 12  GLY A C   
105 O O   . GLY A 14 ? 0.2588 0.2744 0.2168 -0.0353 0.0097  -0.1070 12  GLY A O   
106 N N   . SER A 15 ? 0.2055 0.2846 0.2201 -0.0853 0.0374  -0.1142 13  SER A N   
107 C CA  B SER A 15 ? 0.2061 0.2760 0.2439 -0.1085 0.0390  -0.0320 13  SER A CA  
108 C CA  C SER A 15 ? 0.2416 0.2031 0.2186 -0.1060 0.0540  -0.0940 13  SER A CA  
109 C C   . SER A 15 ? 0.2263 0.1598 0.1543 -0.0557 0.0122  -0.0441 13  SER A C   
110 O O   . SER A 15 ? 0.1877 0.2227 0.1740 -0.0665 -0.0111 -0.0270 13  SER A O   
111 C CB  B SER A 15 ? 0.2925 0.3396 0.2903 -0.0746 0.0737  -0.0906 13  SER A CB  
112 C CB  C SER A 15 ? 0.1981 0.2536 0.2383 -0.1071 0.0632  -0.0648 13  SER A CB  
113 O OG  B SER A 15 ? 0.2925 0.4185 0.3893 -0.1763 0.0242  0.0680  13  SER A OG  
114 O OG  C SER A 15 ? 0.2814 0.3063 0.2710 -0.1764 0.1116  -0.1089 13  SER A OG  
115 N N   . PRO A 16 ? 0.2199 0.1202 0.1955 -0.0421 0.0704  -0.0369 14  PRO A N   
116 C CA  A PRO A 16 ? 0.2057 0.1271 0.1424 -0.0456 0.0150  -0.0316 14  PRO A CA  
117 C CA  B PRO A 16 ? 0.1971 0.1177 0.1564 -0.0415 0.0242  -0.0202 14  PRO A CA  
118 C C   . PRO A 16 ? 0.1498 0.1230 0.1180 -0.0339 0.0146  -0.0179 14  PRO A C   
119 O O   . PRO A 16 ? 0.1737 0.1319 0.1346 -0.0442 0.0338  -0.0186 14  PRO A O   
120 C CB  A PRO A 16 ? 0.2295 0.2324 0.1806 0.0117  0.0400  -0.0126 14  PRO A CB  
121 C CB  B PRO A 16 ? 0.2039 0.1724 0.2147 -0.0011 0.0352  -0.0106 14  PRO A CB  
122 C CG  A PRO A 16 ? 0.3061 0.2486 0.2421 0.0272  0.0658  0.0224  14  PRO A CG  
123 C CG  B PRO A 16 ? 0.2455 0.1545 0.2744 -0.0066 0.0511  0.0100  14  PRO A CG  
124 C CD  A PRO A 16 ? 0.3060 0.1968 0.2412 0.0149  0.0714  0.0012  14  PRO A CD  
125 C CD  B PRO A 16 ? 0.2195 0.1629 0.2757 -0.0257 0.1060  -0.0028 14  PRO A CD  
126 N N   . LEU A 17 ? 0.1193 0.1177 0.1146 -0.0353 0.0025  -0.0281 15  LEU A N   
127 C CA  . LEU A 17 ? 0.1173 0.1296 0.1124 -0.0316 -0.0001 -0.0374 15  LEU A CA  
128 C C   . LEU A 17 ? 0.1028 0.1290 0.1115 -0.0313 -0.0017 -0.0221 15  LEU A C   
129 O O   . LEU A 17 ? 0.1063 0.1599 0.1198 -0.0221 -0.0006 -0.0297 15  LEU A O   
130 C CB  . LEU A 17 ? 0.1069 0.1338 0.1276 -0.0224 -0.0048 -0.0312 15  LEU A CB  
131 C CG  . LEU A 17 ? 0.1309 0.1332 0.1113 -0.0419 0.0032  -0.0263 15  LEU A CG  
132 C CD1 . LEU A 17 ? 0.1372 0.1693 0.1739 -0.0307 -0.0307 0.0087  15  LEU A CD1 
133 C CD2 . LEU A 17 ? 0.1329 0.2121 0.1199 -0.0492 -0.0113 -0.0081 15  LEU A CD2 
134 N N   . GLU A 18 ? 0.1043 0.1254 0.1035 -0.0243 0.0022  -0.0172 16  GLU A N   
135 C CA  . GLU A 18 ? 0.1096 0.1387 0.1032 -0.0406 -0.0077 -0.0175 16  GLU A CA  
136 C C   . GLU A 18 ? 0.1097 0.1226 0.1042 -0.0317 -0.0097 -0.0153 16  GLU A C   
137 O O   . GLU A 18 ? 0.1234 0.1371 0.1260 -0.0402 0.0124  -0.0332 16  GLU A O   
138 C CB  . GLU A 18 ? 0.1612 0.1462 0.1518 -0.0138 -0.0052 -0.0054 16  GLU A CB  
139 C CG  . GLU A 18 ? 0.1483 0.2538 0.1653 -0.0091 -0.0356 -0.0100 16  GLU A CG  
140 C CD  . GLU A 18 ? 0.2057 0.2529 0.2661 -0.0539 -0.0754 0.0304  16  GLU A CD  
141 O OE1 . GLU A 18 ? 0.3143 0.2941 0.2373 -0.1244 -0.0602 0.0395  16  GLU A OE1 
142 O OE2 . GLU A 18 ? 0.2414 0.2882 0.2334 -0.0646 -0.0644 0.0150  16  GLU A OE2 
143 N N   . LEU A 19 ? 0.1117 0.1301 0.1219 -0.0342 -0.0044 -0.0195 17  LEU A N   
144 C CA  . LEU A 19 ? 0.1391 0.1168 0.1434 -0.0345 -0.0121 -0.0217 17  LEU A CA  
145 C C   . LEU A 19 ? 0.1373 0.1156 0.1489 -0.0410 0.0005  -0.0241 17  LEU A C   
146 O O   . LEU A 19 ? 0.1368 0.1768 0.1499 -0.0408 -0.0167 -0.0583 17  LEU A O   
147 C CB  . LEU A 19 ? 0.1616 0.1346 0.1475 -0.0345 -0.0017 -0.0129 17  LEU A CB  
148 C CG  . LEU A 19 ? 0.2222 0.1713 0.1571 -0.0261 -0.0120 0.0047  17  LEU A CG  
149 C CD1 . LEU A 19 ? 0.2947 0.2548 0.1979 0.0125  -0.0242 0.0523  17  LEU A CD1 
150 C CD2 . LEU A 19 ? 0.2145 0.2735 0.1950 -0.0279 -0.0438 -0.0166 17  LEU A CD2 
151 N N   . GLU A 20 ? 0.1304 0.1352 0.1448 -0.0505 0.0081  -0.0324 18  GLU A N   
152 C CA  A GLU A 20 ? 0.1575 0.1734 0.1449 -0.0571 -0.0057 -0.0481 18  GLU A CA  
153 C CA  B GLU A 20 ? 0.1521 0.1638 0.1484 -0.0689 0.0194  -0.0526 18  GLU A CA  
154 C C   . GLU A 20 ? 0.1498 0.1592 0.2172 -0.0470 -0.0002 -0.0315 18  GLU A C   
155 O O   . GLU A 20 ? 0.1788 0.1586 0.3665 -0.0385 -0.0097 -0.0066 18  GLU A O   
156 C CB  A GLU A 20 ? 0.1675 0.1630 0.1415 -0.0168 -0.0293 -0.0474 18  GLU A CB  
157 C CB  B GLU A 20 ? 0.1569 0.2192 0.1747 -0.0824 0.0380  -0.0884 18  GLU A CB  
158 C CG  A GLU A 20 ? 0.1726 0.1756 0.0889 -0.0515 -0.0055 -0.0413 18  GLU A CG  
159 C CG  B GLU A 20 ? 0.1575 0.2003 0.2487 -0.1061 0.0486  -0.0295 18  GLU A CG  
160 C CD  A GLU A 20 ? 0.2226 0.4155 0.1453 -0.0643 -0.0193 0.0557  18  GLU A CD  
161 C CD  B GLU A 20 ? 0.2279 0.2700 0.1037 -0.0544 0.0352  0.0121  18  GLU A CD  
162 O OE1 A GLU A 20 ? 0.1954 0.2285 0.1466 -0.0571 -0.0013 0.0400  18  GLU A OE1 
163 O OE1 B GLU A 20 ? 0.2766 0.2999 0.2656 -0.0778 -0.0296 0.0779  18  GLU A OE1 
164 O OE2 A GLU A 20 ? 0.4214 0.4851 0.3673 0.0873  -0.1037 0.0900  18  GLU A OE2 
165 O OE2 B GLU A 20 ? 0.1632 0.3415 0.2689 -0.0832 -0.0677 0.0508  18  GLU A OE2 
166 N N   . VAL A 21 ? 0.1547 0.1570 0.1785 -0.0587 0.0028  -0.0321 19  VAL A N   
167 C CA  B VAL A 21 ? 0.1792 0.1076 0.2292 -0.0416 0.0102  -0.0370 19  VAL A CA  
168 C CA  C VAL A 21 ? 0.1649 0.1610 0.2405 -0.0671 -0.0096 0.0012  19  VAL A CA  
169 C C   . VAL A 21 ? 0.1550 0.1636 0.2152 -0.0554 -0.0048 -0.0061 19  VAL A C   
170 O O   . VAL A 21 ? 0.1978 0.1568 0.2365 -0.0680 -0.0395 -0.0313 19  VAL A O   
171 C CB  B VAL A 21 ? 0.1787 0.1438 0.1869 -0.0102 -0.0219 -0.0123 19  VAL A CB  
172 C CB  C VAL A 21 ? 0.1999 0.1413 0.2009 -0.0819 -0.0193 0.0271  19  VAL A CB  
173 C CG1 B VAL A 21 ? 0.1706 0.1531 0.1888 -0.0583 -0.0495 -0.0214 19  VAL A CG1 
174 C CG1 C VAL A 21 ? 0.1689 0.1175 0.2406 -0.0405 -0.0119 -0.0251 19  VAL A CG1 
175 C CG2 B VAL A 21 ? 0.1630 0.1370 0.2061 0.0016  -0.0456 -0.0036 19  VAL A CG2 
176 C CG2 C VAL A 21 ? 0.2487 0.1842 0.1625 -0.0544 0.0041  -0.0052 19  VAL A CG2 
177 N N   . ALA A 22 ? 0.2275 0.1642 0.2284 -0.0715 -0.0229 -0.0037 20  ALA A N   
178 C CA  . ALA A 22 ? 0.2850 0.1441 0.2057 -0.0980 0.0068  -0.0377 20  ALA A CA  
179 C C   . ALA A 22 ? 0.2304 0.1291 0.1597 -0.0721 0.0003  -0.0131 20  ALA A C   
180 O O   . ALA A 22 ? 0.2327 0.1440 0.1762 -0.0694 -0.0333 -0.0110 20  ALA A O   
181 C CB  . ALA A 22 ? 0.2978 0.1749 0.2482 -0.0436 0.0478  -0.0398 20  ALA A CB  
182 N N   . PRO A 23 ? 0.2452 0.1556 0.1667 -0.0520 -0.0339 -0.0258 21  PRO A N   
183 C CA  . PRO A 23 ? 0.2308 0.1689 0.1839 -0.0256 -0.0495 0.0077  21  PRO A CA  
184 C C   . PRO A 23 ? 0.2092 0.1582 0.1293 -0.0115 -0.0446 -0.0239 21  PRO A C   
185 O O   . PRO A 23 ? 0.1822 0.1696 0.1670 -0.0142 -0.0380 -0.0185 21  PRO A O   
186 C CB  . PRO A 23 ? 0.2656 0.2307 0.1996 0.0453  -0.0712 0.0213  21  PRO A CB  
187 C CG  . PRO A 23 ? 0.3540 0.4699 0.1845 -0.0054 -0.0789 -0.0024 21  PRO A CG  
188 C CD  . PRO A 23 ? 0.3106 0.2053 0.1797 -0.1030 -0.0435 -0.0005 21  PRO A CD  
189 N N   . ASN A 24 ? 0.1610 0.1247 0.1325 -0.0356 -0.0250 -0.0237 22  ASN A N   
190 C CA  . ASN A 24 ? 0.1489 0.1257 0.1367 -0.0388 -0.0317 -0.0288 22  ASN A CA  
191 C C   . ASN A 24 ? 0.1310 0.1136 0.1363 -0.0170 -0.0206 -0.0310 22  ASN A C   
192 O O   . ASN A 24 ? 0.1396 0.1096 0.1464 -0.0284 -0.0322 -0.0227 22  ASN A O   
193 C CB  . ASN A 24 ? 0.1629 0.1282 0.1319 -0.0490 -0.0364 -0.0272 22  ASN A CB  
194 C CG  . ASN A 24 ? 0.1974 0.1057 0.1458 -0.0565 -0.0052 -0.0421 22  ASN A CG  
195 O OD1 . ASN A 24 ? 0.2893 0.1368 0.1752 -0.0567 0.0372  -0.0281 22  ASN A OD1 
196 N ND2 . ASN A 24 ? 0.1491 0.1486 0.1687 -0.0700 -0.0053 -0.0518 22  ASN A ND2 
197 N N   . ALA A 25 ? 0.1253 0.1097 0.1572 -0.0363 -0.0339 -0.0333 23  ALA A N   
198 C CA  . ALA A 25 ? 0.1171 0.1081 0.1710 -0.0211 -0.0351 -0.0245 23  ALA A CA  
199 C C   . ALA A 25 ? 0.1248 0.0951 0.1551 -0.0131 -0.0274 -0.0193 23  ALA A C   
200 O O   . ALA A 25 ? 0.1120 0.1403 0.1775 0.0025  -0.0263 -0.0148 23  ALA A O   
201 C CB  . ALA A 25 ? 0.1364 0.1201 0.1975 -0.0340 -0.0245 -0.0356 23  ALA A CB  
202 N N   . THR A 26 ? 0.1072 0.1131 0.1498 -0.0079 -0.0423 -0.0526 24  THR A N   
203 C CA  . THR A 26 ? 0.1155 0.1045 0.1662 -0.0218 -0.0282 -0.0410 24  THR A CA  
204 C C   . THR A 26 ? 0.1093 0.0925 0.1465 -0.0134 -0.0237 -0.0372 24  THR A C   
205 O O   . THR A 26 ? 0.0997 0.1165 0.1554 -0.0219 -0.0232 -0.0478 24  THR A O   
206 C CB  . THR A 26 ? 0.1067 0.1036 0.1784 -0.0233 -0.0204 -0.0326 24  THR A CB  
207 O OG1 . THR A 26 ? 0.1168 0.1139 0.1856 -0.0148 -0.0326 -0.0324 24  THR A OG1 
208 C CG2 . THR A 26 ? 0.1081 0.1034 0.2432 -0.0201 -0.0081 -0.0381 24  THR A CG2 
209 N N   . VAL A 27 ? 0.0984 0.1015 0.1564 -0.0175 -0.0246 -0.0461 25  VAL A N   
210 C CA  . VAL A 27 ? 0.1054 0.1008 0.1760 -0.0245 -0.0108 -0.0454 25  VAL A CA  
211 C C   . VAL A 27 ? 0.1172 0.0986 0.1362 -0.0308 -0.0119 -0.0440 25  VAL A C   
212 O O   . VAL A 27 ? 0.1207 0.1082 0.1572 -0.0370 -0.0064 -0.0451 25  VAL A O   
213 C CB  . VAL A 27 ? 0.1364 0.1310 0.1945 -0.0274 -0.0030 -0.0633 25  VAL A CB  
214 C CG1 . VAL A 27 ? 0.1398 0.1553 0.2006 -0.0276 0.0190  -0.0843 25  VAL A CG1 
215 C CG2 . VAL A 27 ? 0.1576 0.1127 0.2125 -0.0100 -0.0092 -0.0549 25  VAL A CG2 
216 N N   . GLY A 28 ? 0.1138 0.1010 0.1598 -0.0387 -0.0268 -0.0311 26  GLY A N   
217 C CA  . GLY A 28 ? 0.1497 0.1015 0.1662 -0.0392 -0.0368 -0.0320 26  GLY A CA  
218 C C   . GLY A 28 ? 0.1197 0.1008 0.1856 -0.0133 -0.0454 -0.0357 26  GLY A C   
219 O O   . GLY A 28 ? 0.1233 0.1060 0.1911 -0.0445 -0.0550 -0.0218 26  GLY A O   
220 N N   . ALA A 29 ? 0.1055 0.0958 0.1770 -0.0146 -0.0381 -0.0376 27  ALA A N   
221 C CA  . ALA A 29 ? 0.1100 0.0976 0.1994 -0.0069 -0.0419 -0.0612 27  ALA A CA  
222 C C   . ALA A 29 ? 0.0966 0.1035 0.1474 -0.0120 -0.0359 -0.0518 27  ALA A C   
223 O O   . ALA A 29 ? 0.1085 0.1100 0.1432 -0.0120 -0.0327 -0.0434 27  ALA A O   
224 C CB  . ALA A 29 ? 0.1238 0.1216 0.2142 -0.0210 -0.0043 -0.0933 27  ALA A CB  
225 N N   . VAL A 30 ? 0.1024 0.1023 0.1327 -0.0166 -0.0290 -0.0425 28  VAL A N   
226 C CA  . VAL A 30 ? 0.0973 0.1172 0.1200 -0.0184 -0.0271 -0.0386 28  VAL A CA  
227 C C   . VAL A 30 ? 0.0972 0.0852 0.1290 -0.0146 -0.0184 -0.0273 28  VAL A C   
228 O O   . VAL A 30 ? 0.0956 0.1051 0.1257 -0.0208 -0.0283 -0.0185 28  VAL A O   
229 C CB  . VAL A 30 ? 0.1140 0.1136 0.1265 -0.0169 -0.0345 -0.0211 28  VAL A CB  
230 C CG1 . VAL A 30 ? 0.1061 0.1249 0.1306 -0.0148 -0.0236 -0.0151 28  VAL A CG1 
231 C CG2 . VAL A 30 ? 0.1220 0.1263 0.1677 -0.0098 -0.0530 -0.0224 28  VAL A CG2 
232 N N   . ARG A 31 ? 0.0938 0.0987 0.1272 -0.0225 -0.0194 -0.0348 29  ARG A N   
233 C CA  A ARG A 31 ? 0.1001 0.0973 0.1187 -0.0352 -0.0161 -0.0290 29  ARG A CA  
234 C CA  B ARG A 31 ? 0.1039 0.0951 0.1306 -0.0322 -0.0266 -0.0327 29  ARG A CA  
235 C C   . ARG A 31 ? 0.1085 0.0988 0.1044 -0.0309 -0.0243 -0.0262 29  ARG A C   
236 O O   . ARG A 31 ? 0.1090 0.1002 0.1089 -0.0304 -0.0219 -0.0309 29  ARG A O   
237 C CB  A ARG A 31 ? 0.1426 0.0846 0.1119 -0.0198 -0.0055 -0.0309 29  ARG A CB  
238 C CB  B ARG A 31 ? 0.1621 0.1301 0.1264 -0.0283 -0.0103 -0.0516 29  ARG A CB  
239 C CG  A ARG A 31 ? 0.1681 0.1053 0.0988 -0.0549 0.0078  -0.0399 29  ARG A CG  
240 C CG  B ARG A 31 ? 0.1658 0.2206 0.2199 -0.0086 -0.0027 -0.0366 29  ARG A CG  
241 C CD  A ARG A 31 ? 0.2496 0.1798 0.1458 -0.0384 0.0567  -0.0553 29  ARG A CD  
242 C CD  B ARG A 31 ? 0.1538 0.1667 0.2264 0.0079  0.0342  -0.0518 29  ARG A CD  
243 N NE  A ARG A 31 ? 0.3351 0.1928 0.1911 -0.0757 0.0179  -0.0588 29  ARG A NE  
244 N NE  B ARG A 31 ? 0.1722 0.2296 0.1460 0.0295  0.0126  -0.0374 29  ARG A NE  
245 C CZ  A ARG A 31 ? 0.1387 0.2069 0.2555 -0.0558 -0.0321 -0.0307 29  ARG A CZ  
246 C CZ  B ARG A 31 ? 0.2049 0.1315 0.2303 0.0572  -0.0212 -0.0576 29  ARG A CZ  
247 N NH1 A ARG A 31 ? 0.3150 0.2384 0.2245 -0.1553 -0.1075 0.0739  29  ARG A NH1 
248 N NH1 B ARG A 31 ? 0.1577 0.1840 0.2583 0.0274  -0.0179 0.0029  29  ARG A NH1 
249 N NH2 A ARG A 31 ? 0.1816 0.1942 0.2518 -0.0659 0.0196  -0.0689 29  ARG A NH2 
250 N NH2 B ARG A 31 ? 0.1544 0.2698 0.2097 0.0017  0.0257  -0.0075 29  ARG A NH2 
251 N N   . THR A 32 ? 0.0972 0.0889 0.1187 -0.0259 -0.0338 -0.0233 30  THR A N   
252 C CA  . THR A 32 ? 0.1015 0.0963 0.1153 -0.0180 -0.0314 -0.0276 30  THR A CA  
253 C C   . THR A 32 ? 0.0924 0.1002 0.1242 -0.0055 -0.0321 -0.0304 30  THR A C   
254 O O   . THR A 32 ? 0.0963 0.1036 0.1338 -0.0157 -0.0267 -0.0268 30  THR A O   
255 C CB  . THR A 32 ? 0.1059 0.0997 0.1793 -0.0115 -0.0672 -0.0477 30  THR A CB  
256 O OG1 . THR A 32 ? 0.1334 0.0970 0.1482 -0.0278 -0.0514 -0.0199 30  THR A OG1 
257 C CG2 . THR A 32 ? 0.1396 0.0879 0.1291 -0.0182 -0.0398 -0.0238 30  THR A CG2 
258 N N   . LYS A 33 ? 0.1053 0.0959 0.1110 -0.0053 -0.0245 -0.0290 31  LYS A N   
259 C CA  . LYS A 33 ? 0.1103 0.1052 0.1212 0.0006  -0.0306 -0.0393 31  LYS A CA  
260 C C   . LYS A 33 ? 0.0949 0.1099 0.1118 -0.0081 -0.0317 -0.0175 31  LYS A C   
261 O O   . LYS A 33 ? 0.1024 0.1294 0.1320 -0.0056 -0.0112 -0.0210 31  LYS A O   
262 C CB  . LYS A 33 ? 0.1404 0.1290 0.1245 -0.0080 -0.0347 -0.0392 31  LYS A CB  
263 C CG  . LYS A 33 ? 0.2070 0.1415 0.1388 -0.0235 -0.0317 -0.0265 31  LYS A CG  
264 C CD  . LYS A 33 ? 0.2917 0.2655 0.1357 -0.0255 -0.0445 -0.0175 31  LYS A CD  
265 C CE  . LYS A 33 ? 0.3376 0.2808 0.2017 0.0005  -0.0431 -0.0316 31  LYS A CE  
266 N NZ  . LYS A 33 ? 0.3289 0.3289 0.2549 -0.0119 -0.0807 -0.0243 31  LYS A NZ  
267 N N   . VAL A 34 ? 0.0866 0.1009 0.1161 -0.0113 -0.0255 -0.0205 32  VAL A N   
268 C CA  . VAL A 34 ? 0.0919 0.0975 0.1132 -0.0162 -0.0271 -0.0169 32  VAL A CA  
269 C C   . VAL A 34 ? 0.0805 0.0998 0.1231 -0.0182 -0.0189 -0.0236 32  VAL A C   
270 O O   . VAL A 34 ? 0.0945 0.1129 0.1465 -0.0312 -0.0241 -0.0001 32  VAL A O   
271 C CB  . VAL A 34 ? 0.0979 0.1110 0.1353 -0.0129 -0.0302 -0.0263 32  VAL A CB  
272 C CG1 . VAL A 34 ? 0.1201 0.1108 0.1431 -0.0146 -0.0329 -0.0259 32  VAL A CG1 
273 C CG2 . VAL A 34 ? 0.1025 0.1001 0.1706 -0.0092 -0.0285 -0.0238 32  VAL A CG2 
274 N N   . CYS A 35 ? 0.0889 0.1030 0.1192 -0.0254 -0.0361 -0.0167 33  CYS A N   
275 C CA  . CYS A 35 ? 0.0888 0.1204 0.1266 -0.0268 -0.0367 -0.0214 33  CYS A CA  
276 C C   . CYS A 35 ? 0.0909 0.1097 0.1358 -0.0260 -0.0382 0.0013  33  CYS A C   
277 O O   . CYS A 35 ? 0.0927 0.1335 0.1581 -0.0415 -0.0385 -0.0134 33  CYS A O   
278 C CB  . CYS A 35 ? 0.0981 0.1355 0.1231 -0.0129 -0.0298 -0.0134 33  CYS A CB  
279 S SG  . CYS A 35 ? 0.1253 0.1989 0.1255 -0.0323 -0.0306 -0.0441 33  CYS A SG  
280 N N   . ALA A 36 ? 0.0929 0.1200 0.1258 -0.0157 -0.0300 -0.0117 34  ALA A N   
281 C CA  . ALA A 36 ? 0.0821 0.1438 0.1633 -0.0056 -0.0280 0.0033  34  ALA A CA  
282 C C   . ALA A 36 ? 0.0917 0.1371 0.1742 -0.0125 -0.0282 -0.0012 34  ALA A C   
283 O O   . ALA A 36 ? 0.0871 0.1793 0.2086 -0.0171 -0.0139 0.0060  34  ALA A O   
284 C CB  . ALA A 36 ? 0.0916 0.1588 0.1693 -0.0002 -0.0276 -0.0198 34  ALA A CB  
285 N N   . MET A 37 ? 0.0897 0.1600 0.1641 -0.0144 -0.0205 0.0109  35  MET A N   
286 C CA  A MET A 37 ? 0.0830 0.1887 0.2001 -0.0293 -0.0168 0.0372  35  MET A CA  
287 C CA  B MET A 37 ? 0.1025 0.1838 0.2077 -0.0303 -0.0096 0.0323  35  MET A CA  
288 C C   . MET A 37 ? 0.1087 0.1734 0.2073 -0.0377 -0.0218 0.0421  35  MET A C   
289 O O   . MET A 37 ? 0.1214 0.1940 0.2739 -0.0558 -0.0001 0.0444  35  MET A O   
290 C CB  A MET A 37 ? 0.1123 0.1763 0.1497 -0.0285 -0.0329 -0.0066 35  MET A CB  
291 C CB  B MET A 37 ? 0.1472 0.1870 0.1321 -0.0331 -0.0061 0.0207  35  MET A CB  
292 C CG  A MET A 37 ? 0.1144 0.1745 0.1187 -0.0256 0.0030  -0.0016 35  MET A CG  
293 C CG  B MET A 37 ? 0.1925 0.1660 0.1721 -0.0303 -0.0158 0.0041  35  MET A CG  
294 S SD  A MET A 37 ? 0.1519 0.1417 0.1096 -0.0256 -0.0270 0.0115  35  MET A SD  
295 S SD  B MET A 37 ? 0.3547 0.2624 0.1828 -0.0232 0.0093  -0.0410 35  MET A SD  
296 C CE  A MET A 37 ? 0.1811 0.1666 0.1515 -0.0427 0.0079  -0.0121 35  MET A CE  
297 C CE  B MET A 37 ? 0.3798 0.1148 0.2675 -0.0422 0.0831  -0.0359 35  MET A CE  
298 N N   . LYS A 38 ? 0.0998 0.1544 0.1692 -0.0464 -0.0532 0.0127  36  LYS A N   
299 C CA  A LYS A 38 ? 0.1313 0.1243 0.1723 -0.0800 -0.0648 0.0329  36  LYS A CA  
300 C CA  B LYS A 38 ? 0.1146 0.1685 0.1494 -0.0199 -0.0463 -0.0171 36  LYS A CA  
301 C C   . LYS A 38 ? 0.1010 0.1625 0.1728 -0.0556 -0.0603 0.0073  36  LYS A C   
302 O O   . LYS A 38 ? 0.1278 0.1427 0.2071 -0.0523 -0.0760 0.0087  36  LYS A O   
303 C CB  A LYS A 38 ? 0.1432 0.1282 0.1465 -0.0774 -0.0773 0.0398  36  LYS A CB  
304 C CB  B LYS A 38 ? 0.1552 0.1139 0.1129 -0.0141 -0.0304 -0.0032 36  LYS A CB  
305 C CG  A LYS A 38 ? 0.1493 0.1433 0.1474 -0.0590 -0.0688 0.0035  36  LYS A CG  
306 C CG  B LYS A 38 ? 0.1250 0.1837 0.1087 0.0004  -0.0295 -0.0183 36  LYS A CG  
307 C CD  A LYS A 38 ? 0.2138 0.1449 0.1374 -0.0519 -0.0538 0.0117  36  LYS A CD  
308 C CD  B LYS A 38 ? 0.1169 0.1900 0.1451 0.0166  -0.0464 -0.0416 36  LYS A CD  
309 C CE  A LYS A 38 ? 0.2334 0.2122 0.1743 -0.0485 -0.0282 0.0741  36  LYS A CE  
310 C CE  B LYS A 38 ? 0.1708 0.1714 0.2015 0.0089  -0.0466 -0.0456 36  LYS A CE  
311 N NZ  A LYS A 38 ? 0.2144 0.2178 0.1969 -0.0811 -0.0603 0.0513  36  LYS A NZ  
312 N NZ  B LYS A 38 ? 0.2093 0.2165 0.1709 0.0053  -0.0815 0.0045  36  LYS A NZ  
313 N N   . LYS A 39 ? 0.1174 0.1501 0.1632 -0.0500 -0.0598 0.0212  37  LYS A N   
314 C CA  . LYS A 39 ? 0.0965 0.1445 0.1709 -0.0301 -0.0500 0.0004  37  LYS A CA  
315 C C   . LYS A 39 ? 0.0838 0.1328 0.1712 -0.0349 -0.0412 -0.0028 37  LYS A C   
316 O O   . LYS A 39 ? 0.0882 0.1661 0.1791 -0.0426 -0.0570 0.0001  37  LYS A O   
317 C CB  . LYS A 39 ? 0.1059 0.1775 0.2010 -0.0560 -0.0514 0.0264  37  LYS A CB  
318 C CG  . LYS A 39 ? 0.1203 0.2164 0.2082 -0.0475 -0.0268 0.0501  37  LYS A CG  
319 C CD  . LYS A 39 ? 0.1493 0.2873 0.2650 -0.0789 -0.0125 0.0575  37  LYS A CD  
320 C CE  . LYS A 39 ? 0.2239 0.2783 0.2523 -0.0519 -0.0216 0.0427  37  LYS A CE  
321 N NZ  . LYS A 39 ? 0.2166 0.2644 0.3094 -0.0151 0.0113  0.0340  37  LYS A NZ  
322 N N   . LEU A 40 ? 0.0948 0.1196 0.1553 -0.0302 -0.0392 -0.0095 38  LEU A N   
323 C CA  . LEU A 40 ? 0.1029 0.1249 0.1666 -0.0175 -0.0450 -0.0342 38  LEU A CA  
324 C C   . LEU A 40 ? 0.0949 0.1124 0.1535 -0.0225 -0.0416 -0.0229 38  LEU A C   
325 O O   . LEU A 40 ? 0.0900 0.1151 0.1476 -0.0176 -0.0293 -0.0229 38  LEU A O   
326 C CB  . LEU A 40 ? 0.1075 0.1223 0.1787 -0.0159 -0.0317 -0.0158 38  LEU A CB  
327 C CG  . LEU A 40 ? 0.1442 0.1275 0.1854 -0.0069 -0.0200 -0.0021 38  LEU A CG  
328 C CD1 . LEU A 40 ? 0.1623 0.1188 0.2623 -0.0060 -0.0167 -0.0201 38  LEU A CD1 
329 C CD2 . LEU A 40 ? 0.1669 0.1221 0.2414 -0.0463 -0.0185 -0.0145 38  LEU A CD2 
330 N N   . PRO A 41 ? 0.1064 0.1340 0.1407 -0.0082 -0.0295 -0.0181 39  PRO A N   
331 C CA  . PRO A 41 ? 0.1212 0.1396 0.1770 0.0004  -0.0283 -0.0025 39  PRO A CA  
332 C C   . PRO A 41 ? 0.1344 0.1130 0.1816 -0.0122 -0.0127 -0.0089 39  PRO A C   
333 O O   . PRO A 41 ? 0.1175 0.1280 0.1716 0.0028  -0.0181 -0.0113 39  PRO A O   
334 C CB  . PRO A 41 ? 0.1407 0.2105 0.1567 0.0372  -0.0151 0.0171  39  PRO A CB  
335 C CG  . PRO A 41 ? 0.1383 0.2126 0.1533 0.0276  -0.0395 -0.0223 39  PRO A CG  
336 C CD  . PRO A 41 ? 0.1171 0.1766 0.1443 0.0050  -0.0466 -0.0424 39  PRO A CD  
337 N N   . PRO A 42 ? 0.1268 0.1283 0.1975 -0.0112 0.0026  -0.0119 40  PRO A N   
338 C CA  . PRO A 42 ? 0.1355 0.1635 0.2057 -0.0423 -0.0061 -0.0228 40  PRO A CA  
339 C C   . PRO A 42 ? 0.1247 0.1550 0.2045 -0.0130 -0.0130 -0.0040 40  PRO A C   
340 O O   . PRO A 42 ? 0.1093 0.1652 0.2297 -0.0103 -0.0042 -0.0172 40  PRO A O   
341 C CB  . PRO A 42 ? 0.1528 0.1747 0.2711 -0.0411 0.0239  -0.0453 40  PRO A CB  
342 C CG  . PRO A 42 ? 0.1638 0.1535 0.2563 -0.0253 0.0149  -0.0278 40  PRO A CG  
343 C CD  . PRO A 42 ? 0.1419 0.1398 0.2224 -0.0208 0.0393  -0.0303 40  PRO A CD  
344 N N   . ASP A 43 ? 0.1242 0.1623 0.2100 -0.0065 0.0060  0.0072  41  ASP A N   
345 C CA  . ASP A 43 ? 0.1341 0.2030 0.2150 -0.0056 0.0225  0.0217  41  ASP A CA  
346 C C   . ASP A 43 ? 0.1572 0.2247 0.1692 -0.0105 0.0031  0.0038  41  ASP A C   
347 O O   . ASP A 43 ? 0.2261 0.2863 0.2294 -0.0002 0.0633  -0.0222 41  ASP A O   
348 C CB  . ASP A 43 ? 0.2258 0.2339 0.2377 0.0127  0.0331  0.0270  41  ASP A CB  
349 C CG  . ASP A 43 ? 0.2670 0.2902 0.2999 0.0048  -0.0391 0.0485  41  ASP A CG  
350 O OD1 . ASP A 43 ? 0.2907 0.3876 0.3761 -0.0167 -0.0560 0.1317  41  ASP A OD1 
351 O OD2 . ASP A 43 ? 0.3437 0.4380 0.4023 0.0339  -0.0261 0.1539  41  ASP A OD2 
352 N N   . THR A 44 ? 0.1168 0.1801 0.1756 0.0061  -0.0215 -0.0101 42  THR A N   
353 C CA  . THR A 44 ? 0.1238 0.1948 0.1992 0.0218  -0.0182 -0.0387 42  THR A CA  
354 C C   . THR A 44 ? 0.1406 0.1886 0.1757 0.0206  -0.0197 -0.0518 42  THR A C   
355 O O   . THR A 44 ? 0.1769 0.1978 0.2074 0.0382  -0.0417 -0.0754 42  THR A O   
356 C CB  . THR A 44 ? 0.1358 0.1863 0.1850 0.0034  -0.0383 -0.0499 42  THR A CB  
357 O OG1 . THR A 44 ? 0.1319 0.1741 0.1873 -0.0034 -0.0282 -0.0327 42  THR A OG1 
358 C CG2 . THR A 44 ? 0.1402 0.2417 0.2013 0.0063  -0.0434 -0.0502 42  THR A CG2 
359 N N   . THR A 45 ? 0.1205 0.1749 0.1582 0.0282  -0.0331 -0.0432 43  THR A N   
360 C CA  . THR A 45 ? 0.1203 0.1687 0.1868 0.0311  -0.0280 -0.0367 43  THR A CA  
361 C C   . THR A 45 ? 0.1210 0.1615 0.1603 0.0217  -0.0177 -0.0300 43  THR A C   
362 O O   . THR A 45 ? 0.1207 0.1956 0.1979 0.0162  -0.0224 -0.0059 43  THR A O   
363 C CB  . THR A 45 ? 0.1227 0.1894 0.1874 0.0036  -0.0324 -0.0278 43  THR A CB  
364 O OG1 . THR A 45 ? 0.1265 0.2223 0.1667 -0.0205 -0.0240 -0.0548 43  THR A OG1 
365 C CG2 . THR A 45 ? 0.1315 0.1732 0.2411 0.0053  -0.0144 -0.0065 43  THR A CG2 
366 N N   . ARG A 46 ? 0.1027 0.1624 0.1489 0.0061  -0.0183 -0.0323 44  ARG A N   
367 C CA  . ARG A 46 ? 0.1030 0.1609 0.1717 0.0069  -0.0152 -0.0196 44  ARG A CA  
368 C C   . ARG A 46 ? 0.1192 0.1358 0.1426 0.0020  -0.0100 -0.0277 44  ARG A C   
369 O O   . ARG A 46 ? 0.1289 0.1462 0.1468 -0.0086 -0.0390 -0.0213 44  ARG A O   
370 C CB  . ARG A 46 ? 0.1346 0.2325 0.1785 0.0096  0.0018  -0.0033 44  ARG A CB  
371 C CG  . ARG A 46 ? 0.1542 0.3038 0.2094 0.0198  0.0035  0.0115  44  ARG A CG  
372 C CD  . ARG A 46 ? 0.2704 0.3423 0.2551 -0.0033 0.0478  0.0484  44  ARG A CD  
373 N NE  . ARG A 46 ? 0.3236 0.4235 0.3586 0.0794  0.1119  0.1149  44  ARG A NE  
374 C CZ  . ARG A 46 ? 0.2806 0.7480 0.5121 -0.0026 0.1362  0.1050  44  ARG A CZ  
375 N NH1 . ARG A 46 ? 0.3865 0.7476 0.7619 0.0494  0.1832  0.1744  44  ARG A NH1 
376 N NH2 . ARG A 46 ? 0.7806 0.7265 0.7013 -0.0075 0.0706  0.2312  44  ARG A NH2 
377 N N   . LEU A 47 ? 0.0995 0.1272 0.1609 -0.0041 -0.0068 -0.0245 45  LEU A N   
378 C CA  . LEU A 47 ? 0.0963 0.1304 0.1404 -0.0129 -0.0168 -0.0443 45  LEU A CA  
379 C C   . LEU A 47 ? 0.0960 0.1279 0.1171 -0.0235 -0.0144 -0.0228 45  LEU A C   
380 O O   . LEU A 47 ? 0.1083 0.1331 0.1765 -0.0057 -0.0081 0.0033  45  LEU A O   
381 C CB  . LEU A 47 ? 0.1166 0.1329 0.1654 -0.0102 -0.0136 -0.0407 45  LEU A CB  
382 C CG  . LEU A 47 ? 0.1507 0.1622 0.1444 -0.0046 -0.0103 -0.0421 45  LEU A CG  
383 C CD1 . LEU A 47 ? 0.1864 0.1942 0.1464 0.0202  -0.0157 -0.0593 45  LEU A CD1 
384 C CD2 . LEU A 47 ? 0.2044 0.1780 0.1772 -0.0064 0.0532  -0.0399 45  LEU A CD2 
385 N N   . THR A 48 ? 0.0993 0.1148 0.1187 -0.0244 -0.0010 -0.0257 46  THR A N   
386 C CA  . THR A 48 ? 0.1012 0.1121 0.1075 -0.0190 -0.0039 -0.0254 46  THR A CA  
387 C C   . THR A 48 ? 0.0966 0.1037 0.1107 -0.0057 0.0035  -0.0337 46  THR A C   
388 O O   . THR A 48 ? 0.1157 0.1281 0.1107 -0.0198 0.0041  -0.0303 46  THR A O   
389 C CB  . THR A 48 ? 0.1199 0.1122 0.1190 -0.0162 -0.0004 -0.0308 46  THR A CB  
390 O OG1 . THR A 48 ? 0.1264 0.1194 0.1263 -0.0266 0.0125  -0.0270 46  THR A OG1 
391 C CG2 . THR A 48 ? 0.1251 0.1260 0.1131 -0.0240 0.0027  -0.0322 46  THR A CG2 
392 N N   . TYR A 49 ? 0.0991 0.1075 0.1094 -0.0021 -0.0062 -0.0173 47  TYR A N   
393 C CA  . TYR A 49 ? 0.1214 0.1062 0.1039 -0.0085 -0.0020 -0.0153 47  TYR A CA  
394 C C   . TYR A 49 ? 0.1174 0.1239 0.1049 -0.0010 -0.0146 -0.0197 47  TYR A C   
395 O O   . TYR A 49 ? 0.1027 0.1308 0.1200 -0.0070 0.0001  -0.0248 47  TYR A O   
396 C CB  . TYR A 49 ? 0.1233 0.1083 0.1264 -0.0109 -0.0126 -0.0192 47  TYR A CB  
397 C CG  . TYR A 49 ? 0.1180 0.1161 0.1263 -0.0285 -0.0122 -0.0283 47  TYR A CG  
398 C CD1 . TYR A 49 ? 0.1288 0.2000 0.1271 -0.0587 -0.0112 -0.0150 47  TYR A CD1 
399 C CD2 . TYR A 49 ? 0.1315 0.2230 0.1415 -0.0634 -0.0233 0.0062  47  TYR A CD2 
400 C CE1 . TYR A 49 ? 0.1540 0.2354 0.1327 -0.0561 -0.0175 -0.0068 47  TYR A CE1 
401 C CE2 . TYR A 49 ? 0.1337 0.2240 0.1731 -0.0536 -0.0343 -0.0019 47  TYR A CE2 
402 C CZ  . TYR A 49 ? 0.1380 0.1708 0.1281 -0.0273 -0.0211 -0.0222 47  TYR A CZ  
403 O OH  . TYR A 49 ? 0.1742 0.2421 0.1511 -0.0593 -0.0573 -0.0262 47  TYR A OH  
404 N N   . LYS A 50 ? 0.1638 0.1321 0.1142 0.0166  -0.0029 -0.0058 48  LYS A N   
405 C CA  A LYS A 50 ? 0.1730 0.1535 0.1398 0.0298  -0.0153 -0.0074 48  LYS A CA  
406 C CA  B LYS A 50 ? 0.1712 0.1560 0.1430 0.0288  -0.0095 -0.0036 48  LYS A CA  
407 C C   . LYS A 50 ? 0.1585 0.1202 0.1486 0.0306  -0.0140 -0.0295 48  LYS A C   
408 O O   . LYS A 50 ? 0.1587 0.1656 0.1609 0.0467  -0.0128 -0.0412 48  LYS A O   
409 C CB  A LYS A 50 ? 0.2087 0.2041 0.1450 0.0677  -0.0573 -0.0234 48  LYS A CB  
410 C CB  B LYS A 50 ? 0.2009 0.1897 0.1537 0.0733  -0.0352 -0.0286 48  LYS A CB  
411 C CG  A LYS A 50 ? 0.2069 0.2124 0.1488 0.0842  -0.0469 -0.0168 48  LYS A CG  
412 C CG  B LYS A 50 ? 0.1887 0.1939 0.1804 0.0858  0.0028  0.0324  48  LYS A CG  
413 C CD  A LYS A 50 ? 0.2150 0.2645 0.1476 0.0894  -0.0392 0.0032  48  LYS A CD  
414 C CD  B LYS A 50 ? 0.1587 0.2801 0.2068 0.1082  0.0004  0.0008  48  LYS A CD  
415 C CE  A LYS A 50 ? 0.2300 0.2392 0.1342 0.0517  -0.0644 0.0233  48  LYS A CE  
416 C CE  B LYS A 50 ? 0.1918 0.3000 0.2173 0.0813  -0.0139 -0.0001 48  LYS A CE  
417 N NZ  A LYS A 50 ? 0.1525 0.4232 0.1401 0.0135  -0.0414 0.0357  48  LYS A NZ  
418 N NZ  B LYS A 50 ? 0.3162 0.3229 0.2750 0.0576  -0.0518 0.0042  48  LYS A NZ  
419 N N   . GLY A 51 ? 0.1440 0.1232 0.1314 0.0105  -0.0044 -0.0126 49  GLY A N   
420 C CA  . GLY A 51 ? 0.1389 0.1209 0.1346 0.0102  0.0063  -0.0361 49  GLY A CA  
421 C C   . GLY A 51 ? 0.1054 0.1273 0.1235 -0.0022 0.0064  -0.0376 49  GLY A C   
422 O O   . GLY A 51 ? 0.1149 0.1439 0.1214 -0.0262 0.0081  -0.0315 49  GLY A O   
423 N N   . ARG A 52 ? 0.1104 0.1041 0.1217 -0.0012 -0.0008 -0.0248 50  ARG A N   
424 C CA  A ARG A 52 ? 0.1089 0.1206 0.1155 -0.0149 -0.0057 -0.0308 50  ARG A CA  
425 C CA  B ARG A 52 ? 0.1097 0.1246 0.1239 -0.0134 0.0016  -0.0231 50  ARG A CA  
426 C C   . ARG A 52 ? 0.1115 0.1067 0.1267 -0.0146 -0.0004 -0.0236 50  ARG A C   
427 O O   . ARG A 52 ? 0.1137 0.1144 0.1242 -0.0036 0.0109  -0.0233 50  ARG A O   
428 C CB  A ARG A 52 ? 0.1017 0.1122 0.1493 -0.0128 -0.0126 -0.0277 50  ARG A CB  
429 C CB  B ARG A 52 ? 0.1346 0.1166 0.1603 -0.0197 0.0001  -0.0272 50  ARG A CB  
430 C CG  A ARG A 52 ? 0.0855 0.1315 0.1854 -0.0162 -0.0220 -0.0269 50  ARG A CG  
431 C CG  B ARG A 52 ? 0.1159 0.1645 0.2235 -0.0278 -0.0147 0.0216  50  ARG A CG  
432 C CD  A ARG A 52 ? 0.0820 0.1598 0.1497 0.0090  -0.0384 -0.0382 50  ARG A CD  
433 C CD  B ARG A 52 ? 0.1983 0.2516 0.2423 -0.0472 -0.0420 -0.0170 50  ARG A CD  
434 N NE  A ARG A 52 ? 0.0793 0.2091 0.2024 0.0298  -0.0429 -0.0355 50  ARG A NE  
435 N NE  B ARG A 52 ? 0.1722 0.3730 0.2721 -0.0237 0.0413  0.0019  50  ARG A NE  
436 C CZ  A ARG A 52 ? 0.1444 0.2182 0.1417 0.0770  -0.0626 -0.0727 50  ARG A CZ  
437 C CZ  B ARG A 52 ? 0.1381 0.3347 0.2977 -0.0836 0.0185  -0.0048 50  ARG A CZ  
438 N NH1 A ARG A 52 ? 0.1307 0.2120 0.1695 0.0083  -0.0278 -0.0217 50  ARG A NH1 
439 N NH1 B ARG A 52 ? 0.1995 0.4011 0.3061 -0.0444 0.0169  -0.0214 50  ARG A NH1 
440 N NH2 A ARG A 52 ? 0.1309 0.1792 0.1598 0.0507  -0.0647 -0.0762 50  ARG A NH2 
441 N NH2 B ARG A 52 ? 0.2146 0.2584 0.3327 -0.0975 0.0629  -0.0457 50  ARG A NH2 
442 N N   . ALA A 53 ? 0.1161 0.1106 0.1254 0.0028  0.0015  -0.0214 51  ALA A N   
443 C CA  . ALA A 53 ? 0.1179 0.1377 0.1247 -0.0058 -0.0099 -0.0336 51  ALA A CA  
444 C C   . ALA A 53 ? 0.1292 0.1147 0.1487 -0.0040 -0.0120 -0.0158 51  ALA A C   
445 O O   . ALA A 53 ? 0.1348 0.1350 0.2073 -0.0210 -0.0236 -0.0340 51  ALA A O   
446 C CB  . ALA A 53 ? 0.1683 0.1731 0.1389 0.0109  -0.0025 -0.0260 51  ALA A CB  
447 N N   . LEU A 54 ? 0.1649 0.1190 0.1338 0.0137  -0.0066 -0.0258 52  LEU A N   
448 C CA  . LEU A 54 ? 0.2166 0.1207 0.1557 -0.0013 -0.0023 -0.0322 52  LEU A CA  
449 C C   . LEU A 54 ? 0.2652 0.1168 0.1614 0.0223  0.0087  -0.0308 52  LEU A C   
450 O O   . LEU A 54 ? 0.2434 0.1509 0.2427 0.0415  0.0009  0.0222  52  LEU A O   
451 C CB  . LEU A 54 ? 0.2211 0.1181 0.1360 0.0176  0.0036  -0.0295 52  LEU A CB  
452 C CG  . LEU A 54 ? 0.1741 0.1219 0.1452 0.0060  -0.0109 -0.0345 52  LEU A CG  
453 C CD1 . LEU A 54 ? 0.1961 0.1062 0.1510 0.0103  -0.0113 -0.0317 52  LEU A CD1 
454 C CD2 . LEU A 54 ? 0.1759 0.1621 0.1758 -0.0144 -0.0187 -0.0092 52  LEU A CD2 
455 N N   . LYS A 55 ? 0.3484 0.1248 0.1714 0.0109  -0.0162 -0.0363 53  LYS A N   
456 C CA  . LYS A 55 ? 0.3818 0.1268 0.1880 0.0045  0.0227  -0.0172 53  LYS A CA  
457 C C   . LYS A 55 ? 0.3619 0.0974 0.1810 -0.0010 -0.0007 -0.0329 53  LYS A C   
458 O O   . LYS A 55 ? 0.2231 0.1471 0.1811 -0.0289 0.0032  -0.0202 53  LYS A O   
459 C CB  . LYS A 55 ? 0.4082 0.1468 0.3260 -0.0180 0.0724  0.0036  53  LYS A CB  
460 C CG  . LYS A 55 ? 0.4568 0.3347 0.4019 0.0730  0.1415  -0.0266 53  LYS A CG  
461 N N   . ASP A 56 ? 0.3579 0.1213 0.1593 0.0131  -0.0062 -0.0180 54  ASP A N   
462 C CA  . ASP A 56 ? 0.2691 0.1265 0.1759 -0.0242 -0.0223 -0.0352 54  ASP A CA  
463 C C   . ASP A 56 ? 0.2149 0.1168 0.1918 -0.0531 -0.0142 -0.0324 54  ASP A C   
464 O O   . ASP A 56 ? 0.1846 0.1533 0.1864 -0.0601 -0.0002 -0.0509 54  ASP A O   
465 C CB  . ASP A 56 ? 0.3371 0.1746 0.1871 0.0079  -0.0416 -0.0422 54  ASP A CB  
466 C CG  . ASP A 56 ? 0.3840 0.1874 0.2251 -0.0043 -0.1304 -0.0484 54  ASP A CG  
467 O OD1 . ASP A 56 ? 0.2975 0.1913 0.2453 -0.0038 -0.0788 -0.0572 54  ASP A OD1 
468 O OD2 . ASP A 56 ? 0.4025 0.2179 0.3578 0.0129  -0.1611 -0.0783 54  ASP A OD2 
469 N N   . THR A 57 ? 0.2823 0.1185 0.2046 -0.0617 0.0341  -0.0355 55  THR A N   
470 C CA  . THR A 57 ? 0.2653 0.1107 0.2661 -0.0788 0.0692  -0.0665 55  THR A CA  
471 C C   . THR A 57 ? 0.2872 0.1626 0.2149 -0.0851 0.0528  -0.0384 55  THR A C   
472 O O   . THR A 57 ? 0.2994 0.1651 0.2366 -0.0980 0.0289  -0.0670 55  THR A O   
473 C CB  . THR A 57 ? 0.2347 0.1444 0.3313 -0.0564 0.0416  -0.0441 55  THR A CB  
474 O OG1 . THR A 57 ? 0.2689 0.2047 0.3201 -0.0442 0.0746  0.0145  55  THR A OG1 
475 C CG2 . THR A 57 ? 0.2854 0.1606 0.2937 -0.0470 0.0506  -0.0680 55  THR A CG2 
476 N N   . GLU A 58 ? 0.2265 0.1655 0.2414 -0.0782 0.0552  -0.0612 56  GLU A N   
477 C CA  . GLU A 58 ? 0.1969 0.2031 0.2617 -0.0841 0.0292  -0.0873 56  GLU A CA  
478 C C   . GLU A 58 ? 0.1365 0.1522 0.1993 -0.0421 -0.0081 -0.0507 56  GLU A C   
479 O O   . GLU A 58 ? 0.1041 0.1410 0.1863 -0.0227 -0.0287 -0.0241 56  GLU A O   
480 C CB  . GLU A 58 ? 0.1637 0.2774 0.3445 -0.0203 -0.0035 -0.1259 56  GLU A CB  
481 C CG  . GLU A 58 ? 0.2048 0.2380 0.2951 0.0105  -0.0264 -0.0795 56  GLU A CG  
482 C CD  . GLU A 58 ? 0.1769 0.2440 0.2839 -0.0004 -0.0240 -0.0457 56  GLU A CD  
483 O OE1 . GLU A 58 ? 0.2102 0.3553 0.2456 -0.0195 0.0011  -0.0332 56  GLU A OE1 
484 O OE2 . GLU A 58 ? 0.2585 0.3127 0.3161 0.0120  0.0151  -0.0462 56  GLU A OE2 
485 N N   . THR A 59 ? 0.1310 0.2449 0.2185 -0.0541 -0.0001 -0.0851 57  THR A N   
486 C CA  . THR A 59 ? 0.1208 0.2141 0.1997 -0.0156 -0.0518 -0.0651 57  THR A CA  
487 C C   . THR A 59 ? 0.1042 0.1996 0.2176 -0.0409 -0.0392 -0.0752 57  THR A C   
488 O O   . THR A 59 ? 0.1090 0.2804 0.2117 -0.0183 -0.0374 -0.1118 57  THR A O   
489 C CB  . THR A 59 ? 0.1327 0.1795 0.2274 -0.0265 -0.0366 -0.0675 57  THR A CB  
490 O OG1 . THR A 59 ? 0.1378 0.1834 0.2410 -0.0182 -0.0410 -0.0744 57  THR A OG1 
491 C CG2 . THR A 59 ? 0.1657 0.2386 0.2234 0.0197  -0.0214 -0.0243 57  THR A CG2 
492 N N   . LEU A 60 ? 0.1305 0.1650 0.2540 -0.0429 -0.0149 -0.0898 58  LEU A N   
493 C CA  A LEU A 60 ? 0.1221 0.1585 0.3173 -0.0500 0.0266  -0.0583 58  LEU A CA  
494 C CA  B LEU A 60 ? 0.1442 0.1563 0.2601 -0.0553 0.0332  -0.1031 58  LEU A CA  
495 C C   . LEU A 60 ? 0.1391 0.1643 0.2453 -0.0427 0.0232  -0.0253 58  LEU A C   
496 O O   . LEU A 60 ? 0.1288 0.1797 0.3399 -0.0424 0.0172  -0.0120 58  LEU A O   
497 C CB  A LEU A 60 ? 0.1150 0.1200 0.2005 -0.0276 -0.0076 -0.0727 58  LEU A CB  
498 C CB  B LEU A 60 ? 0.0939 0.1954 0.1957 -0.0373 -0.0161 -0.0946 58  LEU A CB  
499 C CG  A LEU A 60 ? 0.1073 0.1538 0.2061 -0.0158 -0.0106 -0.0613 58  LEU A CG  
500 C CG  B LEU A 60 ? 0.1110 0.2344 0.2207 -0.0807 0.0251  -0.0407 58  LEU A CG  
501 C CD1 A LEU A 60 ? 0.1585 0.1445 0.2406 -0.0197 0.0182  -0.0531 58  LEU A CD1 
502 C CD1 B LEU A 60 ? 0.1548 0.2861 0.2345 -0.0902 0.0040  -0.0078 58  LEU A CD1 
503 C CD2 A LEU A 60 ? 0.1583 0.1764 0.1858 -0.0187 -0.0382 -0.0571 58  LEU A CD2 
504 C CD2 B LEU A 60 ? 0.1489 0.1706 0.2482 -0.0745 0.0334  -0.0009 58  LEU A CD2 
505 N N   . GLU A 61 ? 0.1331 0.1774 0.1912 -0.0314 -0.0020 -0.0360 59  GLU A N   
506 C CA  . GLU A 61 ? 0.1332 0.3069 0.1758 -0.0307 -0.0309 -0.0226 59  GLU A CA  
507 C C   . GLU A 61 ? 0.1384 0.1681 0.1864 -0.0289 -0.0386 -0.0238 59  GLU A C   
508 O O   . GLU A 61 ? 0.1301 0.2003 0.1904 -0.0330 -0.0460 -0.0180 59  GLU A O   
509 C CB  . GLU A 61 ? 0.1782 0.3418 0.1901 -0.0930 -0.0498 -0.0981 59  GLU A CB  
510 C CG  . GLU A 61 ? 0.2544 0.3610 0.2133 -0.1213 -0.0396 0.0041  59  GLU A CG  
511 C CD  . GLU A 61 ? 0.2245 0.3197 0.2391 -0.0642 -0.0581 -0.0498 59  GLU A CD  
512 O OE1 . GLU A 61 ? 0.2253 0.3730 0.2778 -0.0821 -0.0612 -0.0919 59  GLU A OE1 
513 O OE2 . GLU A 61 ? 0.3037 0.2880 0.5794 -0.0997 -0.2482 0.0627  59  GLU A OE2 
514 N N   . SER A 62 ? 0.1105 0.1528 0.1708 -0.0360 -0.0322 -0.0254 60  SER A N   
515 C CA  . SER A 62 ? 0.0976 0.1415 0.1937 -0.0376 -0.0156 -0.0305 60  SER A CA  
516 C C   . SER A 62 ? 0.0976 0.1711 0.1613 -0.0306 -0.0081 -0.0171 60  SER A C   
517 O O   . SER A 62 ? 0.1070 0.1776 0.1773 -0.0309 -0.0063 -0.0341 60  SER A O   
518 C CB  . SER A 62 ? 0.1065 0.1776 0.2025 -0.0391 -0.0027 -0.0023 60  SER A CB  
519 O OG  . SER A 62 ? 0.1229 0.2497 0.2531 -0.0374 -0.0106 0.0176  60  SER A OG  
520 N N   . LEU A 63 ? 0.1083 0.1595 0.1723 -0.0449 -0.0122 -0.0357 61  LEU A N   
521 C CA  A LEU A 63 ? 0.1226 0.1869 0.1672 -0.0525 0.0202  -0.0666 61  LEU A CA  
522 C CA  B LEU A 63 ? 0.1456 0.1809 0.1910 -0.0695 -0.0044 -0.0722 61  LEU A CA  
523 C C   . LEU A 63 ? 0.1193 0.1855 0.2050 -0.0390 0.0043  -0.0654 61  LEU A C   
524 O O   . LEU A 63 ? 0.1730 0.2086 0.2672 -0.0124 -0.0150 -0.0824 61  LEU A O   
525 C CB  A LEU A 63 ? 0.1412 0.1578 0.1597 -0.0740 -0.0076 -0.0306 61  LEU A CB  
526 C CB  B LEU A 63 ? 0.1556 0.2040 0.2443 -0.0960 -0.0020 -0.0707 61  LEU A CB  
527 C CG  A LEU A 63 ? 0.0995 0.1320 0.1670 -0.0284 -0.0179 -0.0329 61  LEU A CG  
528 C CG  B LEU A 63 ? 0.2458 0.2609 0.2656 0.0395  -0.0323 -0.0487 61  LEU A CG  
529 C CD1 A LEU A 63 ? 0.1459 0.1325 0.1709 -0.0233 -0.0133 -0.0224 61  LEU A CD1 
530 C CD1 B LEU A 63 ? 0.2195 0.3297 0.2063 0.0635  -0.0773 -0.0553 61  LEU A CD1 
531 C CD2 A LEU A 63 ? 0.1055 0.1150 0.1805 -0.0237 -0.0407 -0.0223 61  LEU A CD2 
532 C CD2 B LEU A 63 ? 0.3033 0.2841 0.2379 -0.0424 0.0214  -0.0337 61  LEU A CD2 
533 N N   . GLY A 64 ? 0.1390 0.1454 0.1929 -0.0433 -0.0005 -0.0148 62  GLY A N   
534 C CA  . GLY A 64 ? 0.1387 0.1787 0.2055 -0.0463 -0.0065 -0.0075 62  GLY A CA  
535 C C   . GLY A 64 ? 0.1497 0.1523 0.1837 -0.0422 -0.0278 -0.0403 62  GLY A C   
536 O O   . GLY A 64 ? 0.1946 0.1633 0.2099 -0.0299 -0.0369 -0.0381 62  GLY A O   
537 N N   . VAL A 65 ? 0.1544 0.1458 0.2252 -0.0544 -0.0179 -0.0163 63  VAL A N   
538 C CA  . VAL A 65 ? 0.1752 0.1668 0.1856 -0.0651 -0.0142 -0.0168 63  VAL A CA  
539 C C   . VAL A 65 ? 0.1991 0.1997 0.1685 -0.0739 -0.0153 -0.0398 63  VAL A C   
540 O O   . VAL A 65 ? 0.2494 0.2099 0.2202 -0.0986 -0.0061 -0.0629 63  VAL A O   
541 C CB  . VAL A 65 ? 0.1539 0.1735 0.2688 -0.0719 -0.0122 -0.0046 63  VAL A CB  
542 C CG1 . VAL A 65 ? 0.1709 0.2123 0.3150 -0.0801 0.0055  0.0056  63  VAL A CG1 
543 C CG2 . VAL A 65 ? 0.1769 0.1353 0.2618 -0.0434 -0.0619 0.0025  63  VAL A CG2 
544 N N   . ALA A 66 ? 0.2117 0.2150 0.1465 -0.0842 -0.0461 -0.0219 64  ALA A N   
545 C CA  . ALA A 66 ? 0.2008 0.2653 0.1561 -0.0900 -0.0426 -0.0268 64  ALA A CA  
546 C C   . ALA A 66 ? 0.1990 0.2187 0.1250 -0.0636 -0.0430 -0.0252 64  ALA A C   
547 O O   . ALA A 66 ? 0.1615 0.2030 0.1296 -0.0569 -0.0441 -0.0026 64  ALA A O   
548 C CB  . ALA A 66 ? 0.1808 0.3056 0.1775 -0.0610 -0.0071 0.0100  64  ALA A CB  
549 N N   . ASP A 67 ? 0.2450 0.3080 0.1140 -0.0763 -0.0422 -0.0211 65  ASP A N   
550 C CA  . ASP A 67 ? 0.2274 0.2784 0.1238 -0.0176 -0.0390 0.0051  65  ASP A CA  
551 C C   . ASP A 67 ? 0.1450 0.2624 0.1529 -0.0209 -0.0388 0.0303  65  ASP A C   
552 O O   . ASP A 67 ? 0.1988 0.2729 0.1638 0.0031  -0.0482 0.0210  65  ASP A O   
553 C CB  . ASP A 67 ? 0.2454 0.3664 0.1286 -0.0166 -0.0498 -0.0318 65  ASP A CB  
554 C CG  . ASP A 67 ? 0.3158 0.4162 0.1320 0.0108  -0.0269 0.0419  65  ASP A CG  
555 O OD1 . ASP A 67 ? 0.2275 0.4704 0.2252 0.0149  -0.0605 0.0146  65  ASP A OD1 
556 O OD2 . ASP A 67 ? 0.4732 0.4542 0.3491 0.0360  0.0576  0.1053  65  ASP A OD2 
557 N N   . GLY A 68 ? 0.1724 0.2694 0.1305 -0.0322 -0.0187 0.0315  66  GLY A N   
558 C CA  . GLY A 68 ? 0.2230 0.2766 0.1723 -0.0642 -0.0101 0.0590  66  GLY A CA  
559 C C   . GLY A 68 ? 0.1791 0.2117 0.1894 -0.0706 -0.0175 0.0169  66  GLY A C   
560 O O   . GLY A 68 ? 0.2730 0.2109 0.2091 -0.0794 -0.0167 0.0434  66  GLY A O   
561 N N   . ASP A 69 ? 0.1218 0.1908 0.1407 -0.0488 -0.0239 0.0099  67  ASP A N   
562 C CA  . ASP A 69 ? 0.1194 0.1619 0.1266 -0.0270 -0.0287 -0.0047 67  ASP A CA  
563 C C   . ASP A 69 ? 0.1214 0.1268 0.1384 -0.0150 -0.0191 -0.0085 67  ASP A C   
564 O O   . ASP A 69 ? 0.1233 0.1755 0.1593 -0.0176 -0.0190 -0.0499 67  ASP A O   
565 C CB  . ASP A 69 ? 0.1222 0.1675 0.1348 -0.0397 -0.0312 0.0058  67  ASP A CB  
566 C CG  . ASP A 69 ? 0.1322 0.1834 0.1565 -0.0395 -0.0190 -0.0239 67  ASP A CG  
567 O OD1 . ASP A 69 ? 0.1347 0.2303 0.2245 -0.0302 -0.0409 -0.0219 67  ASP A OD1 
568 O OD2 . ASP A 69 ? 0.1541 0.2376 0.1552 -0.0798 -0.0102 -0.0363 67  ASP A OD2 
569 N N   . LYS A 70 ? 0.0967 0.1914 0.1321 -0.0047 -0.0171 -0.0158 68  LYS A N   
570 C CA  A LYS A 70 ? 0.1099 0.1927 0.1268 -0.0523 -0.0187 -0.0093 68  LYS A CA  
571 C CA  B LYS A 70 ? 0.1102 0.1953 0.1256 -0.0466 -0.0248 -0.0044 68  LYS A CA  
572 C C   . LYS A 70 ? 0.1097 0.1760 0.1054 -0.0306 -0.0193 -0.0120 68  LYS A C   
573 O O   . LYS A 70 ? 0.1082 0.1804 0.1353 -0.0246 -0.0085 -0.0073 68  LYS A O   
574 C CB  A LYS A 70 ? 0.2371 0.1957 0.2109 -0.0864 -0.0208 0.0454  68  LYS A CB  
575 C CB  B LYS A 70 ? 0.1849 0.2110 0.2187 -0.0747 -0.0952 0.0085  68  LYS A CB  
576 C CG  A LYS A 70 ? 0.2875 0.2410 0.2703 -0.0683 -0.0431 -0.0407 68  LYS A CG  
577 C CG  B LYS A 70 ? 0.2273 0.2159 0.2508 -0.0024 -0.0486 0.0090  68  LYS A CG  
578 C CD  A LYS A 70 ? 0.4197 0.2497 0.3286 0.0001  -0.0522 0.0013  68  LYS A CD  
579 C CD  B LYS A 70 ? 0.2226 0.2102 0.3053 0.0299  -0.0410 0.0212  68  LYS A CD  
580 C CE  A LYS A 70 ? 0.4289 0.3366 0.1998 0.0589  -0.1468 0.1107  68  LYS A CE  
581 C CE  B LYS A 70 ? 0.2333 0.2825 0.3140 0.0462  -0.0788 0.0137  68  LYS A CE  
582 N NZ  A LYS A 70 ? 0.2757 0.3341 0.3292 -0.0588 -0.0081 -0.0177 68  LYS A NZ  
583 N NZ  B LYS A 70 ? 0.3097 0.2942 0.3578 0.0303  -0.0239 0.0223  68  LYS A NZ  
584 N N   . PHE A 71 ? 0.1090 0.1734 0.1027 -0.0285 -0.0175 -0.0116 69  PHE A N   
585 C CA  . PHE A 71 ? 0.0972 0.1461 0.0970 -0.0233 -0.0059 -0.0276 69  PHE A CA  
586 C C   . PHE A 71 ? 0.0960 0.1304 0.1091 -0.0216 -0.0031 -0.0237 69  PHE A C   
587 O O   . PHE A 71 ? 0.1210 0.1620 0.1134 -0.0512 0.0032  -0.0283 69  PHE A O   
588 C CB  . PHE A 71 ? 0.1006 0.1331 0.1218 -0.0318 -0.0058 -0.0285 69  PHE A CB  
589 C CG  . PHE A 71 ? 0.1055 0.1481 0.1438 -0.0302 0.0106  -0.0531 69  PHE A CG  
590 C CD1 . PHE A 71 ? 0.2092 0.2442 0.1520 -0.0773 0.0142  -0.0890 69  PHE A CD1 
591 C CD2 . PHE A 71 ? 0.1433 0.1543 0.1607 -0.0323 -0.0017 -0.0530 69  PHE A CD2 
592 C CE1 . PHE A 71 ? 0.2534 0.2867 0.1503 -0.1024 0.0054  -0.0896 69  PHE A CE1 
593 C CE2 . PHE A 71 ? 0.1561 0.1584 0.1972 -0.0461 0.0157  -0.0628 69  PHE A CE2 
594 C CZ  . PHE A 71 ? 0.1520 0.2188 0.2125 -0.0847 0.0133  -0.0820 69  PHE A CZ  
595 N N   . VAL A 72 ? 0.1037 0.1235 0.1054 -0.0364 0.0006  -0.0272 70  VAL A N   
596 C CA  . VAL A 72 ? 0.1261 0.1088 0.1079 -0.0462 0.0021  -0.0284 70  VAL A CA  
597 C C   . VAL A 72 ? 0.1129 0.1161 0.1075 -0.0241 0.0021  -0.0351 70  VAL A C   
598 O O   . VAL A 72 ? 0.1054 0.1267 0.1269 -0.0225 -0.0088 -0.0171 70  VAL A O   
599 C CB  . VAL A 72 ? 0.1248 0.1254 0.1248 -0.0232 0.0158  -0.0223 70  VAL A CB  
600 C CG1 . VAL A 72 ? 0.1525 0.1321 0.1358 -0.0221 0.0058  -0.0487 70  VAL A CG1 
601 C CG2 . VAL A 72 ? 0.1529 0.1275 0.1649 -0.0117 0.0197  -0.0163 70  VAL A CG2 
602 N N   . LEU A 73 ? 0.1005 0.1370 0.1170 -0.0310 -0.0041 -0.0481 71  LEU A N   
603 C CA  . LEU A 73 ? 0.1100 0.1371 0.1155 -0.0249 -0.0092 -0.0473 71  LEU A CA  
604 C C   . LEU A 73 ? 0.1040 0.1474 0.1350 -0.0235 -0.0059 -0.0465 71  LEU A C   
605 O O   . LEU A 73 ? 0.1566 0.1626 0.1312 -0.0505 -0.0070 -0.0522 71  LEU A O   
606 C CB  . LEU A 73 ? 0.1077 0.2040 0.1370 -0.0247 -0.0019 -0.0747 71  LEU A CB  
607 C CG  . LEU A 73 ? 0.1384 0.2729 0.1697 0.0311  0.0051  -0.0583 71  LEU A CG  
608 C CD1 . LEU A 73 ? 0.1377 0.3001 0.1488 0.0614  0.0132  0.0030  71  LEU A CD1 
609 C CD2 . LEU A 73 ? 0.1092 0.2689 0.2151 -0.0095 -0.0104 -0.0855 71  LEU A CD2 
610 N N   . ILE A 74 ? 0.1129 0.1386 0.1224 -0.0082 -0.0166 -0.0452 72  ILE A N   
611 C CA  . ILE A 74 ? 0.1192 0.1624 0.1190 0.0016  -0.0211 -0.0517 72  ILE A CA  
612 C C   . ILE A 74 ? 0.1430 0.1559 0.1341 0.0155  -0.0288 -0.0571 72  ILE A C   
613 O O   . ILE A 74 ? 0.1359 0.1714 0.1709 0.0136  -0.0401 -0.0349 72  ILE A O   
614 C CB  . ILE A 74 ? 0.1402 0.1774 0.1290 -0.0092 -0.0144 -0.0443 72  ILE A CB  
615 C CG1 . ILE A 74 ? 0.1195 0.1865 0.1545 -0.0038 -0.0037 -0.0464 72  ILE A CG1 
616 C CG2 . ILE A 74 ? 0.1590 0.2313 0.1334 0.0047  -0.0033 -0.0441 72  ILE A CG2 
617 C CD1 . ILE A 74 ? 0.1585 0.1991 0.1795 -0.0091 0.0119  -0.0546 72  ILE A CD1 
618 N N   . THR A 75 ? 0.1484 0.1733 0.1667 0.0143  -0.0557 -0.0712 73  THR A N   
619 C CA  . THR A 75 ? 0.1393 0.1856 0.2032 0.0165  -0.0735 -0.0873 73  THR A CA  
620 C C   . THR A 75 ? 0.1673 0.2109 0.1871 0.0385  -0.0659 -0.0848 73  THR A C   
621 O O   . THR A 75 ? 0.2262 0.2240 0.2006 0.0671  -0.0810 -0.1037 73  THR A O   
622 C CB  . THR A 75 ? 0.1457 0.2645 0.2120 0.0321  -0.0592 -0.0519 73  THR A CB  
623 O OG1 . THR A 75 ? 0.2582 0.3589 0.2754 -0.1220 -0.0462 -0.1099 73  THR A OG1 
624 C CG2 . THR A 75 ? 0.2095 0.2025 0.2085 0.0032  -0.0362 -0.0638 73  THR A CG2 
625 N N   . ARG A 76 ? 0.1928 0.2311 0.1914 0.0599  -0.0649 -0.0668 74  ARG A N   
626 C CA  . ARG A 76 ? 0.1807 0.2586 0.1926 0.0401  -0.0386 -0.0180 74  ARG A CA  
627 C C   . ARG A 76 ? 0.1726 0.2474 0.1763 -0.0127 -0.0244 -0.0089 74  ARG A C   
628 O O   . ARG A 76 ? 0.1645 0.2701 0.2058 0.0007  -0.0143 -0.0537 74  ARG A O   
629 C CB  . ARG A 76 ? 0.1206 0.4411 0.2768 -0.0649 -0.0073 0.0058  74  ARG A CB  
630 C CG  . ARG A 76 ? 0.6505 0.3080 0.3202 -0.0422 -0.0255 -0.0880 74  ARG A CG  
631 N N   . THR A 77 ? 0.1689 0.2113 0.1897 -0.0114 -0.0363 -0.0091 75  THR A N   
632 C CA  . THR A 77 ? 0.1728 0.2254 0.2134 -0.0260 -0.0254 0.0261  75  THR A CA  
633 C C   . THR A 77 ? 0.1642 0.2012 0.2586 -0.0417 -0.0405 0.0312  75  THR A C   
634 O O   . THR A 77 ? 0.1830 0.2107 0.2979 -0.0277 -0.0283 0.0019  75  THR A O   
635 C CB  . THR A 77 ? 0.2148 0.2463 0.2099 -0.0452 -0.0221 -0.0111 75  THR A CB  
636 O OG1 . THR A 77 ? 0.3091 0.2891 0.2161 -0.0795 -0.0439 0.0056  75  THR A OG1 
637 C CG2 . THR A 77 ? 0.2690 0.2829 0.2186 -0.0242 -0.0097 -0.0177 75  THR A CG2 
638 N N   A VAL A 78 ? 0.1528 0.1672 0.2422 -0.0320 -0.0578 -0.0106 76  VAL A N   
639 N N   B VAL A 78 ? 0.1689 0.2520 0.2788 -0.0309 -0.0167 -0.0399 76  VAL A N   
640 C CA  A VAL A 78 ? 0.2221 0.1263 0.2850 -0.0397 -0.0372 0.0008  76  VAL A CA  
641 C CA  B VAL A 78 ? 0.1355 0.2139 0.4056 -0.0188 -0.0232 0.0132  76  VAL A CA  
642 C C   A VAL A 78 ? 0.1482 0.1501 0.2603 -0.0229 -0.0293 -0.0432 76  VAL A C   
643 C C   B VAL A 78 ? 0.3347 0.3366 0.3851 0.0124  -0.0901 -0.0062 76  VAL A C   
644 O O   A VAL A 78 ? 0.1726 0.1832 0.2267 0.0205  -0.0039 -0.0054 76  VAL A O   
645 O O   B VAL A 78 ? 0.4197 0.3269 0.4041 -0.0206 0.0096  -0.0140 76  VAL A O   
646 C CB  A VAL A 78 ? 0.2422 0.1484 0.2926 -0.0542 -0.0234 0.0274  76  VAL A CB  
647 C CB  B VAL A 78 ? 0.1163 0.1696 0.3780 0.0079  0.0084  0.0065  76  VAL A CB  
648 C CG1 A VAL A 78 ? 0.2894 0.2587 0.2527 -0.0061 -0.0014 -0.0324 76  VAL A CG1 
649 C CG1 B VAL A 78 ? 0.1510 0.1653 0.2478 0.0035  0.0125  -0.0366 76  VAL A CG1 
650 C CG2 A VAL A 78 ? 0.2622 0.2583 0.2925 0.0021  -0.0229 0.0087  76  VAL A CG2 
651 C CG2 B VAL A 78 ? 0.1393 0.1872 0.2237 -0.0261 -0.0385 -0.0174 76  VAL A CG2 
652 N N   A GLY A 79 ? 0.1821 0.1562 0.2253 -0.0249 -0.0186 0.0327  77  GLY A N   
653 N N   B GLY A 79 ? 0.3884 0.2560 0.4062 -0.0190 -0.1059 -0.0598 77  GLY A N   
654 C CA  A GLY A 79 ? 0.1754 0.1886 0.2691 -0.0297 -0.0494 0.0043  77  GLY A CA  
655 C CA  B GLY A 79 ? 0.3835 0.1884 0.3485 -0.0214 -0.0235 0.0172  77  GLY A CA  
656 C C   A GLY A 79 ? 0.1750 0.1982 0.2346 -0.0157 -0.0530 -0.0068 77  GLY A C   
657 C C   B GLY A 79 ? 0.3276 0.3625 0.4015 -0.0428 0.0024  -0.0741 77  GLY A C   
658 O O   A GLY A 79 ? 0.2081 0.2813 0.2618 -0.0228 -0.0652 0.0621  77  GLY A O   
659 O O   B GLY A 79 ? 0.2591 0.6125 0.3547 0.0016  0.0344  -0.1523 77  GLY A O   
660 N N   A GLY A 80 ? 0.1950 0.2101 0.3018 -0.0350 0.0355  0.0006  78  GLY A N   
661 N N   B GLY A 80 ? 0.3935 0.3934 0.3742 -0.0781 -0.0157 -0.0549 78  GLY A N   
662 C CA  A GLY A 80 ? 0.3598 0.2464 0.3468 -0.0487 -0.0088 0.0646  78  GLY A CA  
663 C CA  B GLY A 80 ? 0.1781 0.3371 0.4069 -0.0268 -0.0935 -0.0436 78  GLY A CA  
664 C C   . GLY A 80 ? 0.3463 0.3141 0.2465 -0.0209 0.0241  -0.0096 78  GLY A C   
665 O O   . GLY A 80 ? 0.2763 0.3604 0.2677 -0.0089 -0.0444 0.0634  78  GLY A O   
666 O OXT . GLY A 80 ? 0.3261 0.3668 0.3035 -0.0344 0.0513  -0.0893 78  GLY A OXT 
667 S S   . SO4 B .  ? 0.2546 0.3070 0.2796 -0.0276 -0.0018 -0.0060 101 SO4 A S   
668 O O1  . SO4 B .  ? 0.2246 0.4886 0.3734 -0.0933 -0.0391 0.1004  101 SO4 A O1  
669 O O2  . SO4 B .  ? 0.3581 0.3497 0.3561 0.0211  0.0400  0.0736  101 SO4 A O2  
670 O O3  . SO4 B .  ? 0.1818 0.2897 0.3220 -0.1055 -0.0343 0.0188  101 SO4 A O3  
671 O O4  . SO4 B .  ? 0.3746 0.3330 0.2574 -0.0219 0.0361  -0.0606 101 SO4 A O4  
672 S S   . SO4 C .  ? 0.1773 0.1997 0.3231 -0.0426 -0.0168 -0.0229 102 SO4 A S   
673 O O1  . SO4 C .  ? 0.1523 0.2757 0.4204 -0.0044 0.0198  0.0007  102 SO4 A O1  
674 O O2  . SO4 C .  ? 0.2238 0.2149 0.2303 -0.0625 -0.0575 -0.0262 102 SO4 A O2  
675 O O3  . SO4 C .  ? 0.3064 0.2516 0.2234 0.0800  0.0374  -0.0184 102 SO4 A O3  
676 O O4  . SO4 C .  ? 0.1868 0.2743 0.4290 -0.1374 0.0536  -0.0756 102 SO4 A O4  
677 O O   . HOH D .  ? 0.1652 0.2881 0.1538 -0.0936 -0.0289 -0.0248 201 HOH A O   
678 O O   . HOH D .  ? 0.2367 0.2573 0.2449 -0.0164 -0.0611 0.0473  202 HOH A O   
679 O O   . HOH D .  ? 0.2946 0.2355 0.3201 -0.1525 -0.0560 0.0614  203 HOH A O   
680 O O   . HOH D .  ? 0.4056 0.8402 0.2892 -0.3290 0.0344  -0.0438 204 HOH A O   
681 O O   . HOH D .  ? 0.2490 0.1637 0.2531 -0.0283 -0.0707 -0.0260 205 HOH A O   
682 O O   . HOH D .  ? 0.3689 0.4651 0.3288 0.0225  0.0320  0.1075  206 HOH A O   
683 O O   . HOH D .  ? 0.3258 0.4003 0.6537 -0.0622 0.0350  -0.1594 207 HOH A O   
684 O O   . HOH D .  ? 0.3052 0.2244 0.3515 -0.0670 -0.0892 -0.0517 208 HOH A O   
685 O O   . HOH D .  ? 0.2180 0.4056 0.3436 -0.0836 0.0248  -0.0245 209 HOH A O   
686 O O   . HOH D .  ? 0.2417 0.4520 0.4362 -0.0785 -0.0938 -0.0673 210 HOH A O   
687 O O   . HOH D .  ? 0.3680 0.5199 0.7267 -0.0408 0.0124  0.0204  211 HOH A O   
688 O O   . HOH D .  ? 0.5151 0.5213 0.4837 -0.0275 -0.1032 0.1355  212 HOH A O   
689 O O   . HOH D .  ? 0.3573 0.3290 0.2630 -0.0427 -0.0772 0.0272  213 HOH A O   
690 O O   . HOH D .  ? 0.2646 0.4772 0.2954 -0.1729 0.0465  -0.0914 214 HOH A O   
691 O O   . HOH D .  ? 0.1373 0.1813 0.1832 0.0026  -0.0036 -0.0220 215 HOH A O   
692 O O   . HOH D .  ? 0.3432 0.4489 0.2479 0.1208  -0.0390 0.0447  216 HOH A O   
693 O O   . HOH D .  ? 0.3151 0.1999 0.5993 -0.0231 0.1520  -0.0795 217 HOH A O   
694 O O   . HOH D .  ? 0.1257 0.2016 0.2793 -0.0419 -0.0689 -0.0924 218 HOH A O   
695 O O   . HOH D .  ? 0.5998 0.2143 0.4085 0.0396  0.0327  -0.0074 219 HOH A O   
696 O O   . HOH D .  ? 0.3679 0.4283 0.3276 -0.0491 -0.0621 -0.1157 220 HOH A O   
697 O O   . HOH D .  ? 0.1311 0.1333 0.1883 -0.0466 0.0407  -0.0234 221 HOH A O   
698 O O   . HOH D .  ? 0.1585 0.1203 0.1466 -0.0110 0.0151  -0.0199 222 HOH A O   
699 O O   . HOH D .  ? 0.2162 0.1665 0.1497 -0.0129 0.0085  -0.0074 223 HOH A O   
700 O O   . HOH D .  ? 0.2278 0.2510 0.3417 -0.0522 -0.0226 -0.1141 224 HOH A O   
701 O O   . HOH D .  ? 0.2465 0.6393 0.4195 0.0364  -0.0261 -0.0073 225 HOH A O   
702 O O   . HOH D .  ? 0.1468 0.2393 0.2877 -0.0595 -0.0099 -0.0652 226 HOH A O   
703 O O   . HOH D .  ? 0.3671 0.5813 0.4194 -0.0227 -0.2014 0.0678  227 HOH A O   
704 O O   . HOH D .  ? 0.3564 0.4283 0.4434 -0.0741 -0.0629 -0.0765 228 HOH A O   
705 O O   . HOH D .  ? 0.3160 0.2793 0.3298 -0.0310 -0.0783 -0.1161 229 HOH A O   
706 O O   . HOH D .  ? 0.2571 0.4648 0.3301 -0.1095 -0.0362 -0.0240 230 HOH A O   
707 O O   . HOH D .  ? 0.3422 0.4055 0.4667 0.1291  0.0532  0.1771  231 HOH A O   
708 O O   . HOH D .  ? 0.1977 0.2816 0.2396 -0.0668 0.0076  -0.0818 232 HOH A O   
709 O O   . HOH D .  ? 0.8557 0.5942 0.3789 -0.1717 -0.0731 0.1155  233 HOH A O   
710 O O   . HOH D .  ? 0.2529 0.3187 0.3788 -0.0633 -0.0540 -0.0578 234 HOH A O   
711 O O   . HOH D .  ? 0.5430 0.4572 0.4677 0.1098  -0.2012 -0.1656 235 HOH A O   
712 O O   . HOH D .  ? 0.1970 0.5749 0.3107 0.0204  -0.0251 0.0338  236 HOH A O   
713 O O   . HOH D .  ? 0.2655 0.1352 0.2023 0.0018  -0.0833 -0.0546 237 HOH A O   
714 O O   . HOH D .  ? 0.2500 0.5062 0.2538 0.0589  0.0110  0.1160  238 HOH A O   
715 O O   . HOH D .  ? 0.5121 0.4265 0.5110 -0.0514 0.0072  -0.2657 239 HOH A O   
716 O O   . HOH D .  ? 0.6787 0.4361 0.2755 0.0814  -0.0021 0.1000  240 HOH A O   
717 O O   . HOH D .  ? 0.3244 0.3154 0.3303 0.0004  -0.0206 -0.0443 241 HOH A O   
718 O O   . HOH D .  ? 0.1168 0.1030 0.1900 -0.0221 -0.0384 -0.0557 242 HOH A O   
719 O O   . HOH D .  ? 0.7744 0.4887 0.3420 0.1880  -0.0823 -0.1047 243 HOH A O   
720 O O   . HOH D .  ? 0.2001 0.2179 0.2486 -0.0177 0.0104  -0.0578 244 HOH A O   
721 O O   . HOH D .  ? 0.1241 0.0970 0.1728 -0.0273 -0.0428 -0.0287 245 HOH A O   
722 O O   . HOH D .  ? 0.3466 0.5534 0.2322 -0.2833 -0.0487 -0.0754 246 HOH A O   
723 O O   . HOH D .  ? 0.2918 0.4130 0.6979 -0.0307 0.1358  -0.2244 247 HOH A O   
724 O O   . HOH D .  ? 0.2319 0.3375 0.2991 -0.0286 -0.0181 -0.0096 248 HOH A O   
725 O O   . HOH D .  ? 0.2509 0.2282 0.1760 -0.0501 -0.0457 -0.0030 249 HOH A O   
726 O O   . HOH D .  ? 0.9332 0.2805 0.1893 -0.1948 -0.0175 -0.0328 250 HOH A O   
727 O O   . HOH D .  ? 0.3293 0.8692 0.4329 0.1691  0.0602  0.0689  251 HOH A O   
728 O O   . HOH D .  ? 0.2932 0.5020 0.3662 -0.0594 -0.1198 0.0497  252 HOH A O   
729 O O   . HOH D .  ? 0.1538 0.1807 0.2368 -0.0559 0.0242  -0.0551 253 HOH A O   
730 O O   . HOH D .  ? 0.7785 0.3353 0.2544 0.1177  -0.1287 -0.0449 254 HOH A O   
731 O O   . HOH D .  ? 0.1416 0.3574 0.2942 -0.0122 -0.0016 -0.0331 255 HOH A O   
732 O O   . HOH D .  ? 0.4242 0.1794 0.1935 0.0120  -0.0330 -0.0315 256 HOH A O   
733 O O   . HOH D .  ? 0.2032 0.1945 0.3125 -0.0322 -0.0230 0.0055  257 HOH A O   
734 O O   . HOH D .  ? 0.1446 0.2907 0.4272 -0.1351 -0.0747 0.0758  258 HOH A O   
735 O O   . HOH D .  ? 0.3390 0.2956 0.4382 -0.0338 0.0004  0.0326  259 HOH A O   
736 O O   . HOH D .  ? 0.2720 0.3602 0.2904 -0.0315 0.0042  -0.0331 260 HOH A O   
737 O O   . HOH D .  ? 0.2767 0.4438 0.3672 0.0736  0.0550  -0.0349 261 HOH A O   
738 O O   . HOH D .  ? 0.3364 0.3731 0.4975 0.0168  0.1506  0.0581  262 HOH A O   
739 O O   . HOH D .  ? 0.2523 0.2392 0.3182 0.0446  0.0343  0.0193  263 HOH A O   
740 O O   . HOH D .  ? 0.6848 0.5507 0.5639 0.2436  0.0520  -0.1226 264 HOH A O   
741 O O   . HOH D .  ? 0.4045 0.5541 0.5184 0.0326  0.0177  -0.0725 265 HOH A O   
742 O O   . HOH D .  ? 0.4017 0.4370 0.2742 -0.1189 -0.0227 -0.0299 266 HOH A O   
743 O O   . HOH D .  ? 0.6212 0.4537 0.3285 0.1734  -0.0736 -0.0835 267 HOH A O   
744 O O   . HOH D .  ? 0.5523 0.8960 0.2937 0.0389  -0.0413 0.1843  268 HOH A O   
745 O O   . HOH D .  ? 0.3260 0.7533 0.3795 -0.1106 -0.0460 0.1451  269 HOH A O   
746 O O   . HOH D .  ? 0.4682 0.8937 0.5439 0.0334  0.0744  0.2033  270 HOH A O   
747 O O   . HOH D .  ? 0.2182 0.3505 0.2021 -0.0391 -0.0103 -0.0599 271 HOH A O   
748 O O   . HOH D .  ? 0.2983 0.4994 0.4156 0.0335  -0.0518 -0.0075 272 HOH A O   
749 O O   . HOH D .  ? 0.6999 0.4974 0.4270 -0.0237 -0.1779 0.0348  273 HOH A O   
750 O O   . HOH D .  ? 0.7093 0.4961 0.5658 -0.2048 0.0110  0.1996  274 HOH A O   
751 O O   . HOH D .  ? 0.5164 0.5038 0.3118 0.1233  -0.0219 0.0152  275 HOH A O   
752 O O   . HOH D .  ? 0.4798 0.2178 0.5445 -0.1180 0.1638  0.0203  276 HOH A O   
# 
